data_3HYC
#
_entry.id   3HYC
#
_cell.length_a   122.219
_cell.length_b   122.219
_cell.length_c   202.173
_cell.angle_alpha   90.00
_cell.angle_beta   90.00
_cell.angle_gamma   90.00
#
_symmetry.space_group_name_H-M   'P 41 21 2'
#
loop_
_entity.id
_entity.type
_entity.pdbx_description
1 polymer '3-deoxy-D-manno-octulosonate 8-phosphate phosphatase'
2 non-polymer 'MAGNESIUM ION'
3 non-polymer 'CHLORIDE ION'
#
_entity_poly.entity_id   1
_entity_poly.type   'polypeptide(L)'
_entity_poly.pdbx_seq_one_letter_code
;MSKAGASLATCYGPVSADVMAKAENIRLLILDVDGVLSDGLIYMGNNGEELKAFNVRDGYGIRCALTSDIEVAIITGRKA
KLVEDRCATLGITHLYQGQSNKLIAFSDLLEKLAIAPENVAYVGDDLIDWPVMEKVGLSVAVADAHPLLIPRADYVTRIA
GGRGAVREVCDLLLLAQGKLDEAKGQSI
;
_entity_poly.pdbx_strand_id   A,B,C,D,E,F,G,H
#
loop_
_chem_comp.id
_chem_comp.type
_chem_comp.name
_chem_comp.formula
CL non-polymer 'CHLORIDE ION' 'Cl -1'
MG non-polymer 'MAGNESIUM ION' 'Mg 2'
#
# COMPACT_ATOMS: atom_id res chain seq x y z
N LEU A 8 -10.53 24.83 0.71
CA LEU A 8 -11.70 24.28 1.46
C LEU A 8 -11.64 22.77 1.66
N ALA A 9 -12.17 22.32 2.79
CA ALA A 9 -12.11 20.92 3.19
C ALA A 9 -13.38 20.17 2.83
N THR A 10 -13.20 18.99 2.23
CA THR A 10 -14.31 18.07 1.98
C THR A 10 -14.00 16.77 2.72
N CYS A 11 -14.97 15.85 2.75
CA CYS A 11 -14.79 14.61 3.50
C CYS A 11 -13.92 13.57 2.76
N TYR A 12 -13.42 13.95 1.59
CA TYR A 12 -12.49 13.12 0.81
C TYR A 12 -11.09 13.72 0.81
N GLY A 13 -10.97 14.92 1.39
CA GLY A 13 -9.74 15.69 1.37
C GLY A 13 -9.98 17.10 0.86
N PRO A 14 -8.97 17.99 0.98
CA PRO A 14 -9.10 19.38 0.56
C PRO A 14 -9.27 19.55 -0.95
N VAL A 15 -9.94 20.64 -1.35
CA VAL A 15 -10.09 21.01 -2.75
C VAL A 15 -9.75 22.48 -2.94
N SER A 16 -9.34 22.86 -4.15
CA SER A 16 -8.98 24.24 -4.46
C SER A 16 -10.21 25.16 -4.46
N ALA A 17 -9.96 26.45 -4.23
CA ALA A 17 -11.03 27.45 -4.27
C ALA A 17 -11.71 27.48 -5.63
N ASP A 18 -10.91 27.44 -6.71
CA ASP A 18 -11.41 27.41 -8.09
C ASP A 18 -12.44 26.30 -8.30
N VAL A 19 -12.07 25.08 -7.91
CA VAL A 19 -12.96 23.92 -8.01
C VAL A 19 -14.28 24.16 -7.25
N MET A 20 -14.17 24.62 -6.01
CA MET A 20 -15.34 24.86 -5.17
C MET A 20 -16.28 25.88 -5.81
N ALA A 21 -15.72 26.98 -6.30
CA ALA A 21 -16.47 28.04 -6.98
C ALA A 21 -17.15 27.52 -8.24
N LYS A 22 -16.43 26.69 -9.01
CA LYS A 22 -17.00 26.04 -10.19
C LYS A 22 -18.22 25.21 -9.80
N ALA A 23 -18.07 24.42 -8.75
CA ALA A 23 -19.14 23.58 -8.23
C ALA A 23 -20.36 24.37 -7.73
N GLU A 24 -20.14 25.58 -7.21
CA GLU A 24 -21.24 26.46 -6.76
C GLU A 24 -22.28 26.73 -7.84
N ASN A 25 -21.83 26.83 -9.09
CA ASN A 25 -22.69 27.24 -10.20
C ASN A 25 -23.24 26.08 -11.05
N ILE A 26 -23.00 24.85 -10.59
CA ILE A 26 -23.45 23.69 -11.36
C ILE A 26 -24.94 23.45 -11.20
N ARG A 27 -25.64 23.45 -12.33
CA ARG A 27 -27.08 23.22 -12.38
C ARG A 27 -27.41 21.91 -13.12
N LEU A 28 -26.38 21.32 -13.73
CA LEU A 28 -26.50 20.08 -14.49
C LEU A 28 -25.27 19.18 -14.35
N LEU A 29 -25.50 17.93 -13.96
CA LEU A 29 -24.43 16.94 -13.86
C LEU A 29 -24.61 15.83 -14.92
N ILE A 30 -23.70 15.81 -15.89
CA ILE A 30 -23.68 14.77 -16.93
C ILE A 30 -22.74 13.64 -16.50
N LEU A 31 -23.28 12.42 -16.47
CA LEU A 31 -22.55 11.25 -15.99
C LEU A 31 -22.31 10.20 -17.07
N ASP A 32 -21.07 9.76 -17.17
CA ASP A 32 -20.67 8.71 -18.10
C ASP A 32 -21.05 7.37 -17.48
N VAL A 33 -21.41 6.40 -18.32
CA VAL A 33 -21.80 5.08 -17.83
C VAL A 33 -20.57 4.22 -17.48
N ASP A 34 -19.79 3.86 -18.49
CA ASP A 34 -18.71 2.89 -18.33
C ASP A 34 -17.44 3.45 -17.68
N GLY A 35 -17.10 2.94 -16.51
CA GLY A 35 -15.89 3.35 -15.80
C GLY A 35 -16.08 4.56 -14.92
N VAL A 36 -17.33 5.02 -14.82
CA VAL A 36 -17.69 6.16 -13.99
C VAL A 36 -18.84 5.72 -13.09
N LEU A 37 -19.98 5.42 -13.71
CA LEU A 37 -21.13 4.86 -13.00
C LEU A 37 -20.90 3.37 -12.74
N SER A 38 -20.11 2.74 -13.61
CA SER A 38 -19.84 1.30 -13.54
C SER A 38 -18.39 1.01 -13.16
N ASP A 39 -18.14 -0.26 -12.81
CA ASP A 39 -16.78 -0.73 -12.50
C ASP A 39 -15.92 -0.84 -13.77
N GLY A 40 -16.41 -0.26 -14.85
CA GLY A 40 -15.69 -0.23 -16.13
C GLY A 40 -15.66 -1.55 -16.86
N LEU A 41 -16.46 -2.50 -16.39
CA LEU A 41 -16.49 -3.83 -16.98
C LEU A 41 -17.78 -4.11 -17.73
N ILE A 42 -17.77 -5.19 -18.51
CA ILE A 42 -18.97 -5.65 -19.19
C ILE A 42 -19.06 -7.17 -19.04
N TYR A 43 -20.11 -7.61 -18.35
CA TYR A 43 -20.31 -9.01 -18.04
C TYR A 43 -21.20 -9.64 -19.11
N MET A 44 -20.60 -10.52 -19.90
CA MET A 44 -21.31 -11.14 -21.03
C MET A 44 -21.53 -12.64 -20.81
N GLY A 45 -22.71 -13.13 -21.20
CA GLY A 45 -23.06 -14.54 -21.05
C GLY A 45 -23.27 -15.29 -22.36
N ASN A 46 -23.45 -16.60 -22.26
CA ASN A 46 -23.60 -17.45 -23.45
C ASN A 46 -24.96 -17.38 -24.13
N ASN A 47 -25.94 -16.81 -23.44
CA ASN A 47 -27.28 -16.65 -24.00
C ASN A 47 -27.59 -15.21 -24.41
N GLY A 48 -26.55 -14.39 -24.51
CA GLY A 48 -26.69 -13.00 -24.92
C GLY A 48 -26.97 -12.06 -23.76
N GLU A 49 -26.69 -12.52 -22.55
CA GLU A 49 -26.83 -11.69 -21.35
C GLU A 49 -25.71 -10.66 -21.32
N GLU A 50 -26.09 -9.41 -21.10
CA GLU A 50 -25.13 -8.33 -20.87
C GLU A 50 -25.51 -7.63 -19.57
N LEU A 51 -24.61 -7.69 -18.59
CA LEU A 51 -24.81 -7.00 -17.32
C LEU A 51 -23.71 -5.97 -17.06
N LYS A 52 -24.07 -4.93 -16.33
CA LYS A 52 -23.10 -3.94 -15.86
C LYS A 52 -23.39 -3.61 -14.41
N ALA A 53 -22.36 -3.22 -13.67
CA ALA A 53 -22.47 -2.98 -12.24
C ALA A 53 -22.54 -1.49 -11.88
N PHE A 54 -23.62 -1.11 -11.20
CA PHE A 54 -23.76 0.24 -10.66
C PHE A 54 -23.56 0.25 -9.15
N ASN A 55 -23.28 1.42 -8.59
CA ASN A 55 -23.02 1.55 -7.16
C ASN A 55 -24.19 2.17 -6.39
N VAL A 56 -24.54 1.53 -5.28
CA VAL A 56 -25.68 1.93 -4.47
C VAL A 56 -25.52 3.32 -3.84
N ARG A 57 -24.33 3.62 -3.36
CA ARG A 57 -24.03 4.91 -2.73
C ARG A 57 -23.97 6.03 -3.77
N ASP A 58 -23.64 5.68 -5.02
CA ASP A 58 -23.72 6.62 -6.14
C ASP A 58 -25.17 7.03 -6.39
N GLY A 59 -26.08 6.08 -6.25
CA GLY A 59 -27.51 6.35 -6.35
C GLY A 59 -27.99 7.40 -5.35
N TYR A 60 -27.52 7.26 -4.10
CA TYR A 60 -27.85 8.20 -3.03
C TYR A 60 -27.40 9.62 -3.39
N GLY A 61 -26.17 9.73 -3.89
CA GLY A 61 -25.67 11.01 -4.39
C GLY A 61 -26.53 11.58 -5.49
N ILE A 62 -26.98 10.71 -6.39
CA ILE A 62 -27.81 11.12 -7.52
C ILE A 62 -29.21 11.57 -7.11
N ARG A 63 -29.81 10.90 -6.13
CA ARG A 63 -31.08 11.40 -5.59
C ARG A 63 -30.92 12.67 -4.73
N CYS A 64 -29.75 12.85 -4.13
CA CYS A 64 -29.46 14.09 -3.40
C CYS A 64 -29.41 15.25 -4.38
N ALA A 65 -28.68 15.05 -5.48
CA ALA A 65 -28.53 16.06 -6.53
C ALA A 65 -29.86 16.44 -7.16
N LEU A 66 -30.67 15.44 -7.49
CA LEU A 66 -31.95 15.66 -8.17
C LEU A 66 -32.96 16.41 -7.31
N THR A 67 -32.97 16.15 -6.01
CA THR A 67 -33.89 16.82 -5.08
C THR A 67 -33.32 18.14 -4.55
N SER A 68 -32.02 18.35 -4.76
CA SER A 68 -31.37 19.61 -4.38
C SER A 68 -31.12 20.49 -5.60
N ASP A 69 -32.03 20.40 -6.56
CA ASP A 69 -32.12 21.34 -7.68
C ASP A 69 -30.95 21.27 -8.69
N ILE A 70 -30.29 20.12 -8.75
CA ILE A 70 -29.25 19.85 -9.74
C ILE A 70 -29.73 18.74 -10.68
N GLU A 71 -29.88 19.07 -11.96
CA GLU A 71 -30.32 18.09 -12.95
C GLU A 71 -29.22 17.10 -13.32
N VAL A 72 -29.63 15.88 -13.67
CA VAL A 72 -28.69 14.80 -14.01
C VAL A 72 -28.99 14.24 -15.41
N ALA A 73 -27.94 14.05 -16.20
CA ALA A 73 -28.06 13.54 -17.57
C ALA A 73 -27.01 12.49 -17.92
N ILE A 74 -27.35 11.60 -18.86
CA ILE A 74 -26.43 10.56 -19.32
C ILE A 74 -26.48 10.48 -20.85
N ILE A 75 -25.30 10.48 -21.48
CA ILE A 75 -25.20 10.38 -22.94
C ILE A 75 -24.49 9.07 -23.32
N THR A 76 -25.19 8.25 -24.11
CA THR A 76 -24.79 6.86 -24.31
C THR A 76 -24.64 6.46 -25.78
N GLY A 77 -23.63 5.62 -26.03
CA GLY A 77 -23.27 5.12 -27.36
C GLY A 77 -24.39 4.38 -28.06
N ARG A 78 -25.15 3.57 -27.30
CA ARG A 78 -26.52 3.25 -27.69
C ARG A 78 -27.45 2.50 -26.74
N LYS A 79 -28.71 2.36 -27.17
CA LYS A 79 -29.78 1.84 -26.34
C LYS A 79 -29.35 0.64 -25.50
N ALA A 80 -29.62 0.74 -24.21
CA ALA A 80 -29.38 -0.34 -23.27
C ALA A 80 -30.51 -0.33 -22.26
N LYS A 81 -31.23 -1.45 -22.15
CA LYS A 81 -32.34 -1.57 -21.22
C LYS A 81 -31.86 -1.36 -19.78
N LEU A 82 -30.64 -1.83 -19.50
CA LEU A 82 -30.04 -1.72 -18.16
C LEU A 82 -29.78 -0.27 -17.75
N VAL A 83 -29.46 0.59 -18.70
CA VAL A 83 -29.26 2.01 -18.41
C VAL A 83 -30.63 2.67 -18.18
N GLU A 84 -31.58 2.37 -19.07
CA GLU A 84 -32.97 2.81 -18.91
C GLU A 84 -33.49 2.44 -17.53
N ASP A 85 -33.29 1.17 -17.14
CA ASP A 85 -33.76 0.65 -15.87
C ASP A 85 -33.07 1.30 -14.68
N ARG A 86 -31.76 1.54 -14.79
CA ARG A 86 -31.01 2.28 -13.77
C ARG A 86 -31.53 3.72 -13.63
N CYS A 87 -31.86 4.35 -14.76
CA CYS A 87 -32.41 5.71 -14.75
C CYS A 87 -33.85 5.75 -14.20
N ALA A 88 -34.58 4.65 -14.31
CA ALA A 88 -35.93 4.55 -13.76
C ALA A 88 -35.92 4.56 -12.23
N THR A 89 -34.97 3.81 -11.65
CA THR A 89 -34.81 3.67 -10.22
C THR A 89 -34.41 4.99 -9.55
N LEU A 90 -33.48 5.70 -10.18
CA LEU A 90 -32.95 6.94 -9.63
C LEU A 90 -33.75 8.17 -10.02
N GLY A 91 -34.70 7.99 -10.94
CA GLY A 91 -35.54 9.09 -11.39
C GLY A 91 -34.82 10.04 -12.33
N ILE A 92 -33.73 9.56 -12.91
CA ILE A 92 -33.03 10.29 -13.98
C ILE A 92 -33.92 10.23 -15.21
N THR A 93 -34.32 11.40 -15.70
CA THR A 93 -35.19 11.47 -16.88
C THR A 93 -34.43 11.85 -18.16
N HIS A 94 -33.39 12.66 -18.03
CA HIS A 94 -32.64 13.14 -19.20
C HIS A 94 -31.59 12.14 -19.73
N LEU A 95 -32.04 11.27 -20.66
CA LEU A 95 -31.21 10.19 -21.20
C LEU A 95 -31.09 10.23 -22.72
N TYR A 96 -29.85 10.23 -23.22
CA TYR A 96 -29.56 10.25 -24.65
C TYR A 96 -28.81 8.99 -25.08
N GLN A 97 -29.49 8.11 -25.79
CA GLN A 97 -28.94 6.83 -26.21
C GLN A 97 -28.80 6.75 -27.72
N GLY A 98 -27.59 6.46 -28.19
CA GLY A 98 -27.34 6.34 -29.62
C GLY A 98 -26.64 7.55 -30.17
N GLN A 99 -25.85 8.21 -29.32
CA GLN A 99 -25.07 9.37 -29.71
C GLN A 99 -23.66 9.02 -30.14
N SER A 100 -23.43 9.05 -31.45
CA SER A 100 -22.08 9.03 -31.99
C SER A 100 -21.33 10.12 -31.23
N ASN A 101 -21.71 11.37 -31.52
CA ASN A 101 -21.22 12.56 -30.87
C ASN A 101 -21.56 12.54 -29.38
N LYS A 102 -21.26 13.64 -28.70
CA LYS A 102 -21.76 13.89 -27.35
C LYS A 102 -22.07 15.37 -27.24
N LEU A 103 -21.38 16.15 -28.08
CA LEU A 103 -21.59 17.59 -28.18
C LEU A 103 -23.02 17.94 -28.62
N ILE A 104 -23.57 17.15 -29.54
CA ILE A 104 -24.95 17.34 -30.03
C ILE A 104 -25.95 17.24 -28.89
N ALA A 105 -25.85 16.19 -28.08
CA ALA A 105 -26.74 16.01 -26.94
C ALA A 105 -26.53 17.12 -25.91
N PHE A 106 -25.26 17.42 -25.65
CA PHE A 106 -24.84 18.52 -24.77
C PHE A 106 -25.47 19.85 -25.21
N SER A 107 -25.37 20.15 -26.50
CA SER A 107 -26.00 21.35 -27.07
C SER A 107 -27.50 21.39 -26.78
N ASP A 108 -28.17 20.26 -26.95
CA ASP A 108 -29.61 20.17 -26.77
C ASP A 108 -30.04 20.43 -25.32
N LEU A 109 -29.26 19.91 -24.38
CA LEU A 109 -29.51 20.13 -22.94
C LEU A 109 -29.39 21.61 -22.58
N LEU A 110 -28.34 22.24 -23.08
CA LEU A 110 -28.06 23.66 -22.85
C LEU A 110 -29.23 24.56 -23.22
N GLU A 111 -29.77 24.33 -24.41
CA GLU A 111 -30.87 25.13 -24.94
C GLU A 111 -32.19 24.81 -24.24
N LYS A 112 -32.56 23.53 -24.20
CA LYS A 112 -33.83 23.12 -23.60
C LYS A 112 -33.76 22.97 -22.09
N LEU A 113 -32.95 23.81 -21.46
CA LEU A 113 -32.85 23.94 -20.00
C LEU A 113 -32.41 25.36 -19.62
N ALA A 114 -32.25 26.21 -20.63
CA ALA A 114 -31.80 27.60 -20.46
C ALA A 114 -30.56 27.72 -19.56
N ILE A 115 -29.59 26.83 -19.82
CA ILE A 115 -28.37 26.71 -19.04
C ILE A 115 -27.18 27.12 -19.92
N ALA A 116 -26.18 27.74 -19.31
CA ALA A 116 -24.93 28.06 -19.99
C ALA A 116 -23.92 26.92 -19.77
N PRO A 117 -22.83 26.87 -20.56
CA PRO A 117 -21.86 25.80 -20.37
C PRO A 117 -21.25 25.79 -18.98
N GLU A 118 -20.90 26.96 -18.45
CA GLU A 118 -20.25 27.05 -17.13
C GLU A 118 -21.11 26.51 -15.98
N ASN A 119 -22.39 26.29 -16.27
CA ASN A 119 -23.33 25.70 -15.30
C ASN A 119 -23.39 24.16 -15.34
N VAL A 120 -22.48 23.55 -16.10
CA VAL A 120 -22.51 22.09 -16.31
C VAL A 120 -21.26 21.40 -15.78
N ALA A 121 -21.45 20.26 -15.12
CA ALA A 121 -20.34 19.39 -14.72
C ALA A 121 -20.40 18.06 -15.46
N TYR A 122 -19.23 17.53 -15.83
CA TYR A 122 -19.12 16.26 -16.53
C TYR A 122 -18.08 15.37 -15.83
N VAL A 123 -18.48 14.15 -15.49
CA VAL A 123 -17.57 13.16 -14.91
C VAL A 123 -17.26 12.09 -15.95
N GLY A 124 -15.98 11.97 -16.32
CA GLY A 124 -15.54 11.02 -17.35
C GLY A 124 -14.40 10.11 -16.94
N ASP A 125 -14.08 9.12 -17.79
CA ASP A 125 -13.00 8.18 -17.51
C ASP A 125 -12.05 7.89 -18.68
N ASP A 126 -12.41 8.36 -19.87
CA ASP A 126 -11.62 8.05 -21.08
C ASP A 126 -11.62 9.24 -22.05
N LEU A 127 -10.71 9.19 -23.04
CA LEU A 127 -10.52 10.29 -23.99
C LEU A 127 -11.77 10.71 -24.77
N ILE A 128 -12.72 9.80 -24.95
CA ILE A 128 -13.97 10.14 -25.66
C ILE A 128 -14.92 11.02 -24.84
N ASP A 129 -14.57 11.24 -23.58
CA ASP A 129 -15.31 12.15 -22.72
C ASP A 129 -14.82 13.59 -22.83
N TRP A 130 -13.67 13.78 -23.47
CA TRP A 130 -13.02 15.08 -23.48
C TRP A 130 -13.71 16.19 -24.32
N PRO A 131 -14.23 15.87 -25.53
CA PRO A 131 -14.86 16.95 -26.30
C PRO A 131 -15.94 17.72 -25.52
N VAL A 132 -16.72 17.03 -24.70
CA VAL A 132 -17.70 17.69 -23.84
C VAL A 132 -17.05 18.27 -22.58
N MET A 133 -16.11 17.53 -22.00
CA MET A 133 -15.43 17.97 -20.77
C MET A 133 -14.68 19.28 -20.95
N GLU A 134 -14.15 19.52 -22.15
CA GLU A 134 -13.42 20.74 -22.45
C GLU A 134 -14.29 21.98 -22.29
N LYS A 135 -15.58 21.84 -22.61
CA LYS A 135 -16.49 22.97 -22.68
C LYS A 135 -17.30 23.23 -21.41
N VAL A 136 -17.34 22.25 -20.52
CA VAL A 136 -18.16 22.34 -19.30
C VAL A 136 -17.54 23.23 -18.22
N GLY A 137 -18.37 23.67 -17.28
CA GLY A 137 -17.93 24.48 -16.15
C GLY A 137 -17.00 23.76 -15.21
N LEU A 138 -17.31 22.50 -14.92
CA LEU A 138 -16.53 21.68 -14.00
C LEU A 138 -16.28 20.27 -14.55
N SER A 139 -15.04 20.02 -14.97
CA SER A 139 -14.71 18.72 -15.54
C SER A 139 -14.07 17.81 -14.50
N VAL A 140 -14.61 16.60 -14.39
CA VAL A 140 -14.12 15.61 -13.43
C VAL A 140 -13.61 14.37 -14.15
N ALA A 141 -12.36 13.99 -13.87
CA ALA A 141 -11.84 12.68 -14.25
C ALA A 141 -11.81 11.81 -13.00
N VAL A 142 -12.27 10.57 -13.13
CA VAL A 142 -12.28 9.65 -11.98
C VAL A 142 -10.87 9.19 -11.59
N ALA A 143 -10.70 8.79 -10.34
CA ALA A 143 -9.40 8.38 -9.80
C ALA A 143 -8.65 7.41 -10.71
N ASP A 144 -9.37 6.44 -11.28
CA ASP A 144 -8.76 5.43 -12.14
C ASP A 144 -9.12 5.59 -13.64
N ALA A 145 -9.38 6.83 -14.06
CA ALA A 145 -9.61 7.14 -15.46
C ALA A 145 -8.36 6.84 -16.28
N HIS A 146 -8.51 6.74 -17.60
CA HIS A 146 -7.35 6.57 -18.47
C HIS A 146 -6.30 7.66 -18.18
N PRO A 147 -5.03 7.26 -18.00
CA PRO A 147 -3.93 8.14 -17.59
C PRO A 147 -3.82 9.47 -18.37
N LEU A 148 -4.21 9.45 -19.65
CA LEU A 148 -4.13 10.66 -20.47
C LEU A 148 -5.24 11.68 -20.18
N LEU A 149 -6.36 11.22 -19.60
CA LEU A 149 -7.46 12.12 -19.26
C LEU A 149 -7.23 12.86 -17.95
N ILE A 150 -6.62 12.18 -16.97
CA ILE A 150 -6.44 12.72 -15.62
C ILE A 150 -5.86 14.15 -15.53
N PRO A 151 -4.76 14.45 -16.25
CA PRO A 151 -4.22 15.81 -16.12
C PRO A 151 -5.08 16.93 -16.74
N ARG A 152 -6.10 16.56 -17.51
CA ARG A 152 -6.92 17.54 -18.23
C ARG A 152 -8.12 18.08 -17.46
N ALA A 153 -8.62 17.32 -16.51
CA ALA A 153 -9.81 17.69 -15.75
C ALA A 153 -9.55 18.73 -14.67
N ASP A 154 -10.61 19.48 -14.34
CA ASP A 154 -10.60 20.44 -13.24
C ASP A 154 -10.41 19.75 -11.90
N TYR A 155 -11.13 18.65 -11.70
CA TYR A 155 -11.06 17.89 -10.45
C TYR A 155 -10.84 16.41 -10.74
N VAL A 156 -9.95 15.79 -9.98
CA VAL A 156 -9.72 14.36 -10.06
C VAL A 156 -10.24 13.74 -8.79
N THR A 157 -11.19 12.81 -8.90
CA THR A 157 -11.77 12.17 -7.72
C THR A 157 -10.76 11.29 -7.00
N ARG A 158 -11.00 11.07 -5.71
CA ARG A 158 -10.21 10.12 -4.93
C ARG A 158 -10.75 8.72 -5.11
N ILE A 159 -12.03 8.62 -5.44
CA ILE A 159 -12.69 7.31 -5.55
C ILE A 159 -12.79 6.85 -7.00
N ALA A 160 -12.54 5.57 -7.22
CA ALA A 160 -12.54 4.98 -8.56
C ALA A 160 -13.95 4.86 -9.12
N GLY A 161 -14.04 4.79 -10.45
CA GLY A 161 -15.31 4.56 -11.14
C GLY A 161 -16.05 3.35 -10.59
N GLY A 162 -17.39 3.49 -10.49
CA GLY A 162 -18.25 2.44 -9.96
C GLY A 162 -17.98 2.05 -8.51
N ARG A 163 -17.25 2.90 -7.79
CA ARG A 163 -16.90 2.63 -6.39
C ARG A 163 -17.31 3.76 -5.45
N GLY A 164 -17.71 4.89 -6.04
CA GLY A 164 -18.19 6.03 -5.27
C GLY A 164 -17.78 7.39 -5.82
N ALA A 165 -17.18 7.40 -7.00
CA ALA A 165 -16.71 8.62 -7.65
C ALA A 165 -17.86 9.59 -7.91
N VAL A 166 -18.97 9.06 -8.41
CA VAL A 166 -20.16 9.85 -8.69
C VAL A 166 -20.72 10.47 -7.41
N ARG A 167 -20.80 9.68 -6.34
CA ARG A 167 -21.17 10.19 -5.02
C ARG A 167 -20.23 11.32 -4.58
N GLU A 168 -18.93 11.13 -4.79
CA GLU A 168 -17.92 12.13 -4.47
C GLU A 168 -18.24 13.48 -5.12
N VAL A 169 -18.51 13.46 -6.43
CA VAL A 169 -18.83 14.67 -7.17
C VAL A 169 -20.18 15.25 -6.72
N CYS A 170 -21.14 14.36 -6.45
CA CYS A 170 -22.41 14.77 -5.87
C CYS A 170 -22.20 15.48 -4.53
N ASP A 171 -21.41 14.86 -3.65
CA ASP A 171 -21.05 15.46 -2.37
C ASP A 171 -20.40 16.82 -2.55
N LEU A 172 -19.53 16.93 -3.55
CA LEU A 172 -18.83 18.18 -3.86
C LEU A 172 -19.80 19.29 -4.25
N LEU A 173 -20.70 19.01 -5.20
CA LEU A 173 -21.70 19.97 -5.66
C LEU A 173 -22.57 20.47 -4.52
N LEU A 174 -23.01 19.54 -3.68
CA LEU A 174 -23.89 19.86 -2.56
C LEU A 174 -23.17 20.67 -1.49
N LEU A 175 -21.91 20.32 -1.20
CA LEU A 175 -21.10 21.11 -0.28
C LEU A 175 -20.93 22.52 -0.82
N ALA A 176 -20.43 22.64 -2.06
CA ALA A 176 -20.21 23.93 -2.70
C ALA A 176 -21.41 24.85 -2.60
N GLN A 177 -22.59 24.30 -2.89
CA GLN A 177 -23.83 25.06 -2.91
C GLN A 177 -24.51 25.15 -1.54
N GLY A 178 -23.86 24.56 -0.53
CA GLY A 178 -24.33 24.62 0.86
C GLY A 178 -25.53 23.75 1.16
N LYS A 179 -25.76 22.75 0.31
CA LYS A 179 -26.93 21.89 0.41
C LYS A 179 -26.61 20.49 0.93
N LEU A 180 -25.37 20.25 1.34
CA LEU A 180 -24.92 18.91 1.72
C LEU A 180 -25.60 18.37 2.98
N ASP A 181 -25.56 19.15 4.06
CA ASP A 181 -26.14 18.74 5.35
C ASP A 181 -27.60 18.28 5.23
N GLU A 182 -28.38 19.07 4.51
CA GLU A 182 -29.83 18.90 4.45
C GLU A 182 -30.33 17.98 3.32
N ALA A 183 -29.41 17.49 2.49
CA ALA A 183 -29.77 16.63 1.37
C ALA A 183 -30.16 15.23 1.82
N LYS A 184 -31.28 14.74 1.31
CA LYS A 184 -31.72 13.37 1.59
C LYS A 184 -31.90 12.57 0.30
N GLY A 185 -31.34 11.35 0.30
CA GLY A 185 -31.47 10.46 -0.85
C GLY A 185 -31.82 9.04 -0.44
N GLN A 186 -31.66 8.11 -1.37
CA GLN A 186 -31.85 6.69 -1.10
C GLN A 186 -30.63 5.93 -1.60
N SER A 187 -30.03 5.14 -0.72
CA SER A 187 -28.85 4.36 -1.07
C SER A 187 -29.27 3.12 -1.86
N ILE A 188 -29.73 3.36 -3.08
CA ILE A 188 -30.33 2.33 -3.93
C ILE A 188 -29.68 2.28 -5.31
N LEU B 8 -9.76 -7.30 26.00
CA LEU B 8 -10.04 -6.32 24.91
C LEU B 8 -9.44 -6.75 23.57
N ALA B 9 -8.87 -7.95 23.55
CA ALA B 9 -8.27 -8.50 22.34
C ALA B 9 -9.29 -9.22 21.47
N THR B 10 -9.28 -8.91 20.16
CA THR B 10 -10.05 -9.65 19.17
C THR B 10 -9.12 -10.06 18.03
N CYS B 11 -9.53 -11.05 17.25
CA CYS B 11 -8.72 -11.52 16.12
C CYS B 11 -8.67 -10.52 14.95
N TYR B 12 -9.41 -9.41 15.07
CA TYR B 12 -9.36 -8.33 14.10
C TYR B 12 -8.61 -7.10 14.64
N GLY B 13 -8.07 -7.22 15.84
CA GLY B 13 -7.40 -6.10 16.51
C GLY B 13 -8.18 -5.63 17.72
N PRO B 14 -7.54 -4.84 18.60
CA PRO B 14 -8.14 -4.45 19.88
C PRO B 14 -9.36 -3.56 19.73
N VAL B 15 -10.35 -3.78 20.62
CA VAL B 15 -11.53 -2.93 20.70
C VAL B 15 -11.59 -2.28 22.07
N SER B 16 -12.23 -1.11 22.15
CA SER B 16 -12.35 -0.39 23.41
C SER B 16 -13.18 -1.19 24.40
N ALA B 17 -12.99 -0.90 25.69
CA ALA B 17 -13.77 -1.56 26.75
C ALA B 17 -15.25 -1.24 26.60
N ASP B 18 -15.54 -0.01 26.18
CA ASP B 18 -16.91 0.46 26.03
C ASP B 18 -17.66 -0.29 24.91
N VAL B 19 -16.95 -0.58 23.82
CA VAL B 19 -17.54 -1.29 22.69
C VAL B 19 -17.89 -2.74 23.04
N MET B 20 -16.94 -3.45 23.64
CA MET B 20 -17.16 -4.83 24.09
C MET B 20 -18.32 -4.89 25.09
N ALA B 21 -18.40 -3.90 25.97
CA ALA B 21 -19.49 -3.78 26.93
C ALA B 21 -20.85 -3.67 26.22
N LYS B 22 -20.93 -2.78 25.24
CA LYS B 22 -22.12 -2.64 24.40
C LYS B 22 -22.47 -3.95 23.70
N ALA B 23 -21.44 -4.64 23.22
CA ALA B 23 -21.62 -5.86 22.44
C ALA B 23 -22.19 -7.01 23.26
N GLU B 24 -21.77 -7.11 24.52
CA GLU B 24 -22.19 -8.17 25.44
C GLU B 24 -23.72 -8.19 25.66
N ASN B 25 -24.38 -7.07 25.39
CA ASN B 25 -25.81 -6.91 25.64
C ASN B 25 -26.73 -7.09 24.43
N ILE B 26 -26.13 -7.35 23.26
CA ILE B 26 -26.88 -7.41 22.02
C ILE B 26 -27.76 -8.66 21.90
N ARG B 27 -29.07 -8.46 21.75
CA ARG B 27 -30.01 -9.56 21.53
C ARG B 27 -30.57 -9.57 20.11
N LEU B 28 -30.36 -8.47 19.38
CA LEU B 28 -30.79 -8.34 17.98
C LEU B 28 -29.79 -7.57 17.13
N LEU B 29 -29.41 -8.17 16.01
CA LEU B 29 -28.49 -7.56 15.06
C LEU B 29 -29.22 -7.20 13.77
N ILE B 30 -29.23 -5.91 13.44
CA ILE B 30 -29.85 -5.41 12.21
C ILE B 30 -28.80 -5.01 11.18
N LEU B 31 -28.94 -5.54 9.97
CA LEU B 31 -27.99 -5.27 8.89
C LEU B 31 -28.64 -4.56 7.70
N ASP B 32 -27.92 -3.58 7.15
CA ASP B 32 -28.23 -3.05 5.83
C ASP B 32 -27.73 -4.11 4.83
N VAL B 33 -28.21 -4.07 3.58
CA VAL B 33 -27.72 -5.02 2.58
C VAL B 33 -26.58 -4.41 1.76
N ASP B 34 -26.94 -3.45 0.91
CA ASP B 34 -26.01 -2.92 -0.08
C ASP B 34 -24.94 -2.04 0.54
N GLY B 35 -23.69 -2.45 0.35
CA GLY B 35 -22.54 -1.75 0.92
C GLY B 35 -22.09 -2.36 2.24
N VAL B 36 -22.90 -3.29 2.75
CA VAL B 36 -22.67 -3.94 4.04
C VAL B 36 -22.55 -5.46 3.84
N LEU B 37 -23.65 -6.07 3.41
CA LEU B 37 -23.69 -7.48 3.06
C LEU B 37 -23.16 -7.72 1.65
N SER B 38 -22.86 -6.62 0.96
CA SER B 38 -22.31 -6.62 -0.38
C SER B 38 -21.33 -5.45 -0.48
N ASP B 39 -20.60 -5.35 -1.58
CA ASP B 39 -19.69 -4.22 -1.77
C ASP B 39 -20.40 -3.00 -2.38
N GLY B 40 -21.73 -3.07 -2.42
CA GLY B 40 -22.55 -1.96 -2.91
C GLY B 40 -22.77 -1.94 -4.40
N LEU B 41 -22.35 -3.00 -5.09
CA LEU B 41 -22.61 -3.12 -6.52
C LEU B 41 -23.98 -3.73 -6.79
N ILE B 42 -24.64 -3.22 -7.82
CA ILE B 42 -25.92 -3.76 -8.29
C ILE B 42 -25.73 -4.18 -9.74
N TYR B 43 -25.87 -5.48 -10.01
CA TYR B 43 -25.68 -5.99 -11.35
C TYR B 43 -27.01 -5.96 -12.08
N MET B 44 -27.02 -5.29 -13.23
CA MET B 44 -28.24 -5.12 -14.00
C MET B 44 -28.03 -5.51 -15.46
N GLY B 45 -28.97 -6.27 -16.00
CA GLY B 45 -28.88 -6.78 -17.36
C GLY B 45 -29.87 -6.17 -18.32
N ASN B 46 -29.71 -6.52 -19.60
CA ASN B 46 -30.57 -5.99 -20.66
C ASN B 46 -31.91 -6.71 -20.81
N ASN B 47 -32.11 -7.77 -20.03
CA ASN B 47 -33.42 -8.45 -19.95
C ASN B 47 -34.02 -8.34 -18.56
N GLY B 48 -33.75 -7.23 -17.88
CA GLY B 48 -34.27 -7.00 -16.54
C GLY B 48 -33.67 -7.90 -15.48
N GLU B 49 -32.65 -8.66 -15.85
CA GLU B 49 -31.93 -9.49 -14.88
C GLU B 49 -31.30 -8.60 -13.82
N GLU B 50 -31.11 -9.18 -12.64
CA GLU B 50 -30.45 -8.51 -11.55
C GLU B 50 -29.67 -9.52 -10.73
N LEU B 51 -28.42 -9.19 -10.42
CA LEU B 51 -27.63 -9.98 -9.48
C LEU B 51 -27.14 -9.12 -8.32
N LYS B 52 -26.77 -9.80 -7.24
CA LYS B 52 -26.14 -9.18 -6.08
C LYS B 52 -25.26 -10.26 -5.44
N ALA B 53 -24.06 -9.87 -5.01
CA ALA B 53 -23.10 -10.84 -4.47
C ALA B 53 -23.02 -10.82 -2.95
N PHE B 54 -23.34 -11.96 -2.33
CA PHE B 54 -23.20 -12.12 -0.88
C PHE B 54 -21.93 -12.89 -0.53
N ASN B 55 -21.52 -12.79 0.74
CA ASN B 55 -20.27 -13.36 1.23
C ASN B 55 -20.55 -14.60 2.08
N VAL B 56 -19.90 -15.72 1.79
CA VAL B 56 -20.21 -16.99 2.47
C VAL B 56 -19.80 -17.01 3.95
N ARG B 57 -18.67 -16.40 4.29
CA ARG B 57 -18.23 -16.32 5.68
C ARG B 57 -19.13 -15.36 6.47
N ASP B 58 -19.79 -14.45 5.77
CA ASP B 58 -20.86 -13.64 6.35
C ASP B 58 -22.01 -14.56 6.75
N GLY B 59 -22.39 -15.45 5.83
CA GLY B 59 -23.46 -16.40 6.05
C GLY B 59 -23.23 -17.27 7.27
N TYR B 60 -22.02 -17.80 7.38
CA TYR B 60 -21.62 -18.63 8.51
C TYR B 60 -21.74 -17.87 9.83
N GLY B 61 -21.34 -16.60 9.82
CA GLY B 61 -21.44 -15.74 11.01
C GLY B 61 -22.88 -15.47 11.41
N ILE B 62 -23.72 -15.19 10.43
CA ILE B 62 -25.15 -14.98 10.64
C ILE B 62 -25.81 -16.25 11.18
N ARG B 63 -25.40 -17.40 10.67
CA ARG B 63 -25.85 -18.70 11.19
C ARG B 63 -25.47 -18.90 12.66
N CYS B 64 -24.30 -18.38 13.05
CA CYS B 64 -23.79 -18.53 14.40
C CYS B 64 -24.52 -17.64 15.40
N ALA B 65 -24.79 -16.40 15.01
CA ALA B 65 -25.60 -15.49 15.82
C ALA B 65 -26.99 -16.09 16.06
N LEU B 66 -27.64 -16.51 14.99
CA LEU B 66 -28.99 -17.06 15.06
C LEU B 66 -29.11 -18.31 15.93
N THR B 67 -28.04 -19.11 15.97
CA THR B 67 -28.00 -20.32 16.79
C THR B 67 -27.38 -20.06 18.17
N SER B 68 -27.16 -18.79 18.50
CA SER B 68 -26.62 -18.39 19.80
C SER B 68 -27.46 -17.28 20.43
N ASP B 69 -28.75 -17.31 20.15
CA ASP B 69 -29.74 -16.43 20.77
C ASP B 69 -29.55 -14.95 20.41
N ILE B 70 -29.13 -14.70 19.17
CA ILE B 70 -29.02 -13.34 18.65
C ILE B 70 -29.80 -13.22 17.34
N GLU B 71 -30.95 -12.55 17.39
CA GLU B 71 -31.79 -12.37 16.22
C GLU B 71 -31.13 -11.50 15.16
N VAL B 72 -31.33 -11.87 13.90
CA VAL B 72 -30.78 -11.11 12.78
C VAL B 72 -31.92 -10.58 11.92
N ALA B 73 -31.85 -9.29 11.60
CA ALA B 73 -32.90 -8.61 10.82
C ALA B 73 -32.27 -7.74 9.74
N ILE B 74 -33.01 -7.52 8.66
CA ILE B 74 -32.50 -6.72 7.55
C ILE B 74 -33.46 -5.59 7.18
N ILE B 75 -32.91 -4.38 7.02
CA ILE B 75 -33.68 -3.23 6.56
C ILE B 75 -32.96 -2.61 5.36
N THR B 76 -33.57 -2.71 4.19
CA THR B 76 -32.96 -2.24 2.94
C THR B 76 -33.89 -1.34 2.12
N GLY B 77 -33.29 -0.38 1.42
CA GLY B 77 -34.04 0.57 0.60
C GLY B 77 -34.45 0.01 -0.76
N ARG B 78 -33.68 -0.97 -1.22
CA ARG B 78 -33.98 -1.66 -2.47
C ARG B 78 -34.92 -2.84 -2.23
N LYS B 79 -35.54 -3.31 -3.31
CA LYS B 79 -36.47 -4.44 -3.25
C LYS B 79 -36.20 -5.44 -4.36
N ALA B 80 -35.85 -6.67 -3.97
CA ALA B 80 -35.55 -7.73 -4.91
C ALA B 80 -35.83 -9.10 -4.32
N LYS B 81 -36.48 -9.95 -5.12
CA LYS B 81 -36.75 -11.34 -4.78
C LYS B 81 -35.49 -12.08 -4.31
N LEU B 82 -34.34 -11.76 -4.92
CA LEU B 82 -33.08 -12.42 -4.59
C LEU B 82 -32.67 -12.26 -3.11
N VAL B 83 -33.07 -11.14 -2.52
CA VAL B 83 -32.81 -10.88 -1.10
C VAL B 83 -33.66 -11.77 -0.20
N GLU B 84 -34.87 -12.08 -0.66
CA GLU B 84 -35.78 -12.99 0.05
C GLU B 84 -35.20 -14.39 0.06
N ASP B 85 -34.68 -14.81 -1.08
CA ASP B 85 -34.02 -16.11 -1.22
C ASP B 85 -32.83 -16.20 -0.26
N ARG B 86 -32.00 -15.15 -0.23
CA ARG B 86 -30.83 -15.11 0.65
C ARG B 86 -31.20 -15.23 2.13
N CYS B 87 -32.24 -14.50 2.54
CA CYS B 87 -32.74 -14.58 3.91
C CYS B 87 -33.26 -15.97 4.27
N ALA B 88 -33.92 -16.63 3.30
CA ALA B 88 -34.45 -17.97 3.52
C ALA B 88 -33.35 -19.00 3.73
N THR B 89 -32.27 -18.88 2.95
CA THR B 89 -31.11 -19.75 3.08
C THR B 89 -30.46 -19.60 4.46
N LEU B 90 -30.19 -18.36 4.85
CA LEU B 90 -29.53 -18.06 6.12
C LEU B 90 -30.45 -18.21 7.33
N GLY B 91 -31.75 -18.32 7.09
CA GLY B 91 -32.73 -18.46 8.17
C GLY B 91 -33.17 -17.15 8.81
N ILE B 92 -32.87 -16.04 8.15
CA ILE B 92 -33.36 -14.73 8.57
C ILE B 92 -34.87 -14.64 8.30
N THR B 93 -35.64 -14.32 9.34
CA THR B 93 -37.10 -14.23 9.19
C THR B 93 -37.63 -12.79 9.31
N HIS B 94 -36.72 -11.83 9.44
CA HIS B 94 -37.09 -10.42 9.60
C HIS B 94 -36.53 -9.57 8.48
N LEU B 95 -37.40 -9.25 7.51
CA LEU B 95 -36.96 -8.63 6.27
C LEU B 95 -37.83 -7.44 5.88
N TYR B 96 -37.20 -6.27 5.75
CA TYR B 96 -37.86 -5.05 5.31
C TYR B 96 -37.17 -4.48 4.08
N GLN B 97 -37.78 -4.69 2.92
CA GLN B 97 -37.27 -4.20 1.64
C GLN B 97 -38.05 -2.97 1.19
N GLY B 98 -37.41 -2.16 0.34
CA GLY B 98 -38.05 -0.97 -0.25
C GLY B 98 -38.30 0.13 0.75
N GLN B 99 -37.46 0.16 1.79
CA GLN B 99 -37.67 1.02 2.95
C GLN B 99 -36.50 1.98 3.12
N SER B 100 -36.78 3.27 2.97
CA SER B 100 -35.72 4.27 3.12
C SER B 100 -35.88 5.16 4.35
N ASN B 101 -37.11 5.29 4.85
CA ASN B 101 -37.30 5.75 6.23
C ASN B 101 -37.18 4.54 7.14
N LYS B 102 -35.94 4.20 7.47
CA LYS B 102 -35.62 2.96 8.17
C LYS B 102 -36.10 2.92 9.63
N LEU B 103 -36.57 4.06 10.13
CA LEU B 103 -37.12 4.16 11.49
C LEU B 103 -38.45 3.42 11.64
N ILE B 104 -39.25 3.39 10.57
CA ILE B 104 -40.54 2.72 10.55
C ILE B 104 -40.36 1.21 10.73
N ALA B 105 -39.47 0.63 9.93
CA ALA B 105 -39.11 -0.78 10.03
C ALA B 105 -38.50 -1.10 11.39
N PHE B 106 -37.69 -0.17 11.89
CA PHE B 106 -37.01 -0.32 13.17
C PHE B 106 -37.99 -0.36 14.34
N SER B 107 -38.97 0.55 14.32
CA SER B 107 -39.97 0.63 15.38
C SER B 107 -40.90 -0.58 15.37
N ASP B 108 -41.23 -1.04 14.16
CA ASP B 108 -42.02 -2.25 13.98
C ASP B 108 -41.28 -3.45 14.55
N LEU B 109 -39.96 -3.48 14.33
CA LEU B 109 -39.10 -4.55 14.83
C LEU B 109 -39.00 -4.63 16.35
N LEU B 110 -38.87 -3.48 17.00
CA LEU B 110 -38.81 -3.44 18.47
C LEU B 110 -40.16 -3.82 19.09
N GLU B 111 -41.24 -3.60 18.32
CA GLU B 111 -42.58 -3.97 18.76
C GLU B 111 -42.78 -5.48 18.77
N LYS B 112 -42.47 -6.11 17.64
CA LYS B 112 -42.73 -7.54 17.44
C LYS B 112 -41.84 -8.41 18.32
N LEU B 113 -40.60 -7.97 18.52
CA LEU B 113 -39.62 -8.75 19.28
C LEU B 113 -39.46 -8.26 20.73
N ALA B 114 -40.30 -7.31 21.13
CA ALA B 114 -40.32 -6.74 22.49
C ALA B 114 -38.90 -6.58 23.06
N ILE B 115 -38.13 -5.71 22.42
CA ILE B 115 -36.69 -5.59 22.69
C ILE B 115 -36.25 -4.14 22.88
N ALA B 116 -35.43 -3.90 23.89
CA ALA B 116 -34.90 -2.58 24.20
C ALA B 116 -33.85 -2.14 23.18
N PRO B 117 -33.86 -0.83 22.79
CA PRO B 117 -32.90 -0.30 21.81
C PRO B 117 -31.42 -0.47 22.19
N GLU B 118 -31.12 -0.44 23.49
CA GLU B 118 -29.74 -0.62 23.96
C GLU B 118 -29.21 -2.04 23.75
N ASN B 119 -30.13 -2.97 23.47
CA ASN B 119 -29.77 -4.35 23.17
C ASN B 119 -29.70 -4.62 21.66
N VAL B 120 -29.73 -3.55 20.87
CA VAL B 120 -29.75 -3.66 19.41
C VAL B 120 -28.42 -3.19 18.80
N ALA B 121 -27.92 -3.97 17.85
CA ALA B 121 -26.76 -3.58 17.06
C ALA B 121 -27.19 -3.30 15.62
N TYR B 122 -26.55 -2.33 15.00
CA TYR B 122 -26.83 -2.00 13.60
C TYR B 122 -25.55 -1.79 12.79
N VAL B 123 -25.51 -2.44 11.63
CA VAL B 123 -24.38 -2.29 10.72
C VAL B 123 -24.84 -1.57 9.45
N GLY B 124 -24.31 -0.35 9.25
CA GLY B 124 -24.65 0.47 8.11
C GLY B 124 -23.42 0.91 7.35
N ASP B 125 -23.64 1.55 6.20
CA ASP B 125 -22.53 1.99 5.33
C ASP B 125 -22.73 3.38 4.72
N ASP B 126 -23.96 3.91 4.82
CA ASP B 126 -24.31 5.21 4.23
C ASP B 126 -25.20 6.01 5.17
N LEU B 127 -25.32 7.32 4.91
CA LEU B 127 -26.05 8.24 5.78
C LEU B 127 -27.49 7.83 6.11
N ILE B 128 -28.15 7.11 5.19
CA ILE B 128 -29.53 6.66 5.38
C ILE B 128 -29.67 5.66 6.56
N ASP B 129 -28.55 5.07 6.96
CA ASP B 129 -28.53 4.10 8.06
C ASP B 129 -28.45 4.77 9.43
N TRP B 130 -28.00 6.02 9.45
CA TRP B 130 -27.71 6.71 10.72
C TRP B 130 -28.91 6.92 11.67
N PRO B 131 -30.07 7.39 11.15
CA PRO B 131 -31.22 7.57 12.05
C PRO B 131 -31.45 6.37 12.97
N VAL B 132 -31.31 5.16 12.43
CA VAL B 132 -31.43 3.95 13.24
C VAL B 132 -30.18 3.74 14.12
N MET B 133 -29.00 3.83 13.51
CA MET B 133 -27.72 3.66 14.21
C MET B 133 -27.59 4.52 15.47
N GLU B 134 -28.12 5.74 15.38
CA GLU B 134 -28.10 6.71 16.47
C GLU B 134 -28.79 6.17 17.72
N LYS B 135 -29.88 5.42 17.52
CA LYS B 135 -30.76 5.00 18.60
C LYS B 135 -30.44 3.64 19.24
N VAL B 136 -29.55 2.88 18.62
CA VAL B 136 -29.26 1.51 19.07
C VAL B 136 -28.12 1.40 20.09
N GLY B 137 -28.00 0.24 20.72
CA GLY B 137 -26.94 -0.03 21.70
C GLY B 137 -25.54 0.01 21.11
N LEU B 138 -25.36 -0.67 19.98
CA LEU B 138 -24.08 -0.68 19.30
C LEU B 138 -24.24 -0.34 17.82
N SER B 139 -23.83 0.87 17.44
CA SER B 139 -23.83 1.27 16.05
C SER B 139 -22.49 0.91 15.41
N VAL B 140 -22.55 0.31 14.23
CA VAL B 140 -21.36 -0.15 13.52
C VAL B 140 -21.33 0.41 12.09
N ALA B 141 -20.19 0.97 11.71
CA ALA B 141 -19.96 1.34 10.31
C ALA B 141 -18.87 0.47 9.72
N VAL B 142 -19.14 -0.10 8.55
CA VAL B 142 -18.15 -0.90 7.82
C VAL B 142 -16.91 -0.07 7.48
N ALA B 143 -15.78 -0.73 7.29
CA ALA B 143 -14.49 -0.07 7.03
C ALA B 143 -14.53 0.95 5.90
N ASP B 144 -15.28 0.64 4.85
CA ASP B 144 -15.36 1.50 3.69
C ASP B 144 -16.71 2.20 3.55
N ALA B 145 -17.38 2.42 4.67
CA ALA B 145 -18.62 3.20 4.69
C ALA B 145 -18.35 4.61 4.17
N HIS B 146 -19.40 5.31 3.76
CA HIS B 146 -19.27 6.70 3.34
C HIS B 146 -18.53 7.50 4.42
N PRO B 147 -17.50 8.27 4.04
CA PRO B 147 -16.61 8.96 4.98
C PRO B 147 -17.32 9.74 6.08
N LEU B 148 -18.55 10.21 5.81
CA LEU B 148 -19.30 10.97 6.80
C LEU B 148 -20.03 10.10 7.83
N LEU B 149 -20.23 8.83 7.52
CA LEU B 149 -20.82 7.89 8.49
C LEU B 149 -19.79 7.35 9.48
N ILE B 150 -18.56 7.17 9.02
CA ILE B 150 -17.48 6.55 9.82
C ILE B 150 -17.24 7.15 11.22
N PRO B 151 -17.19 8.50 11.35
CA PRO B 151 -16.91 9.06 12.68
C PRO B 151 -18.04 8.88 13.70
N ARG B 152 -19.27 8.66 13.21
CA ARG B 152 -20.46 8.63 14.06
C ARG B 152 -20.70 7.29 14.76
N ALA B 153 -20.16 6.21 14.20
CA ALA B 153 -20.40 4.87 14.72
C ALA B 153 -19.59 4.60 15.99
N ASP B 154 -20.08 3.67 16.80
CA ASP B 154 -19.37 3.23 17.99
C ASP B 154 -18.16 2.39 17.62
N TYR B 155 -18.32 1.58 16.57
CA TYR B 155 -17.28 0.69 16.09
C TYR B 155 -17.14 0.78 14.59
N VAL B 156 -15.91 0.94 14.11
CA VAL B 156 -15.64 0.84 12.67
C VAL B 156 -14.97 -0.50 12.39
N THR B 157 -15.57 -1.29 11.51
CA THR B 157 -15.05 -2.61 11.18
C THR B 157 -13.69 -2.48 10.49
N ARG B 158 -12.90 -3.53 10.58
CA ARG B 158 -11.62 -3.58 9.87
C ARG B 158 -11.83 -4.10 8.46
N ILE B 159 -12.85 -4.94 8.29
CA ILE B 159 -13.12 -5.58 7.01
C ILE B 159 -14.19 -4.80 6.25
N ALA B 160 -14.04 -4.72 4.93
CA ALA B 160 -14.94 -3.93 4.09
C ALA B 160 -16.29 -4.60 3.84
N GLY B 161 -17.28 -3.79 3.44
CA GLY B 161 -18.62 -4.28 3.13
C GLY B 161 -18.60 -5.36 2.06
N GLY B 162 -19.24 -6.48 2.37
CA GLY B 162 -19.33 -7.61 1.44
C GLY B 162 -18.07 -8.44 1.33
N ARG B 163 -17.04 -8.08 2.09
CA ARG B 163 -15.79 -8.84 2.11
C ARG B 163 -15.59 -9.55 3.46
N GLY B 164 -16.61 -9.46 4.31
CA GLY B 164 -16.60 -10.17 5.60
C GLY B 164 -16.73 -9.27 6.82
N ALA B 165 -17.24 -8.04 6.61
CA ALA B 165 -17.50 -7.12 7.72
C ALA B 165 -18.58 -7.65 8.65
N VAL B 166 -19.62 -8.23 8.07
CA VAL B 166 -20.74 -8.77 8.86
C VAL B 166 -20.26 -9.92 9.75
N ARG B 167 -19.37 -10.75 9.22
CA ARG B 167 -18.76 -11.82 10.01
C ARG B 167 -17.98 -11.25 11.19
N GLU B 168 -17.23 -10.19 10.96
CA GLU B 168 -16.44 -9.51 11.99
C GLU B 168 -17.31 -9.07 13.18
N VAL B 169 -18.45 -8.48 12.87
CA VAL B 169 -19.41 -8.03 13.88
C VAL B 169 -20.04 -9.24 14.59
N CYS B 170 -20.41 -10.26 13.81
CA CYS B 170 -20.88 -11.52 14.38
C CYS B 170 -19.83 -12.14 15.31
N ASP B 171 -18.57 -12.12 14.87
CA ASP B 171 -17.44 -12.61 15.67
C ASP B 171 -17.27 -11.84 16.98
N LEU B 172 -17.42 -10.51 16.90
CA LEU B 172 -17.30 -9.65 18.07
C LEU B 172 -18.39 -9.92 19.10
N LEU B 173 -19.64 -9.97 18.64
CA LEU B 173 -20.79 -10.23 19.49
C LEU B 173 -20.67 -11.57 20.22
N LEU B 174 -20.34 -12.62 19.47
CA LEU B 174 -20.16 -13.95 20.05
C LEU B 174 -19.02 -13.98 21.07
N LEU B 175 -17.92 -13.32 20.76
CA LEU B 175 -16.78 -13.22 21.66
C LEU B 175 -17.15 -12.50 22.95
N ALA B 176 -17.86 -11.37 22.82
CA ALA B 176 -18.24 -10.54 23.96
C ALA B 176 -19.22 -11.25 24.89
N GLN B 177 -19.98 -12.18 24.33
CA GLN B 177 -20.96 -12.95 25.10
C GLN B 177 -20.44 -14.32 25.51
N GLY B 178 -19.15 -14.56 25.26
CA GLY B 178 -18.46 -15.80 25.65
C GLY B 178 -18.97 -17.03 24.93
N LYS B 179 -19.25 -16.89 23.64
CA LYS B 179 -19.88 -17.94 22.85
C LYS B 179 -19.14 -18.29 21.55
N LEU B 180 -17.92 -17.77 21.36
CA LEU B 180 -17.20 -17.99 20.11
C LEU B 180 -16.63 -19.41 19.97
N ASP B 181 -15.99 -19.91 21.03
CA ASP B 181 -15.42 -21.26 21.02
C ASP B 181 -16.50 -22.33 21.04
N LEU C 8 13.70 -23.80 1.04
CA LEU C 8 13.90 -23.49 -0.41
C LEU C 8 13.06 -22.31 -0.90
N ALA C 9 13.50 -21.73 -2.01
CA ALA C 9 12.85 -20.54 -2.59
C ALA C 9 11.81 -20.93 -3.63
N THR C 10 10.63 -20.35 -3.51
CA THR C 10 9.55 -20.56 -4.48
C THR C 10 9.29 -19.23 -5.21
N CYS C 11 8.40 -19.26 -6.21
CA CYS C 11 8.16 -18.06 -7.02
C CYS C 11 7.24 -17.04 -6.33
N TYR C 12 6.70 -17.44 -5.17
CA TYR C 12 5.92 -16.54 -4.32
C TYR C 12 6.71 -16.13 -3.08
N GLY C 13 7.98 -16.52 -3.02
CA GLY C 13 8.83 -16.23 -1.86
C GLY C 13 9.16 -17.49 -1.07
N PRO C 14 10.22 -17.44 -0.23
CA PRO C 14 10.77 -18.61 0.45
C PRO C 14 9.77 -19.38 1.33
N VAL C 15 9.94 -20.70 1.40
CA VAL C 15 9.19 -21.53 2.35
C VAL C 15 10.15 -22.30 3.27
N SER C 16 9.61 -22.81 4.37
CA SER C 16 10.40 -23.55 5.35
C SER C 16 10.65 -24.98 4.88
N ALA C 17 11.78 -25.52 5.30
CA ALA C 17 12.14 -26.91 5.00
C ALA C 17 11.03 -27.87 5.42
N ASP C 18 10.43 -27.60 6.58
CA ASP C 18 9.30 -28.39 7.09
C ASP C 18 8.12 -28.41 6.12
N VAL C 19 7.75 -27.23 5.62
CA VAL C 19 6.66 -27.11 4.65
C VAL C 19 6.98 -27.88 3.36
N MET C 20 8.23 -27.79 2.92
CA MET C 20 8.66 -28.44 1.68
C MET C 20 8.64 -29.96 1.84
N ALA C 21 9.07 -30.45 3.00
CA ALA C 21 9.04 -31.87 3.29
C ALA C 21 7.61 -32.40 3.27
N LYS C 22 6.70 -31.66 3.91
CA LYS C 22 5.27 -31.99 3.94
C LYS C 22 4.66 -31.97 2.55
N ALA C 23 5.19 -31.12 1.67
CA ALA C 23 4.71 -31.01 0.30
C ALA C 23 5.23 -32.15 -0.60
N GLU C 24 6.48 -32.58 -0.38
CA GLU C 24 7.04 -33.74 -1.09
C GLU C 24 6.16 -34.99 -0.93
N ASN C 25 5.29 -34.98 0.09
CA ASN C 25 4.56 -36.17 0.51
C ASN C 25 3.12 -36.27 0.06
N ILE C 26 2.62 -35.20 -0.54
CA ILE C 26 1.22 -35.15 -0.91
C ILE C 26 0.92 -36.05 -2.09
N ARG C 27 -0.09 -36.90 -1.91
CA ARG C 27 -0.60 -37.77 -2.97
C ARG C 27 -2.04 -37.35 -3.29
N LEU C 28 -2.68 -36.67 -2.34
CA LEU C 28 -4.04 -36.19 -2.50
C LEU C 28 -4.20 -34.74 -2.05
N LEU C 29 -4.73 -33.91 -2.94
CA LEU C 29 -5.03 -32.51 -2.62
C LEU C 29 -6.54 -32.28 -2.53
N ILE C 30 -6.98 -31.85 -1.34
CA ILE C 30 -8.39 -31.55 -1.09
C ILE C 30 -8.60 -30.05 -1.08
N LEU C 31 -9.61 -29.59 -1.83
CA LEU C 31 -9.85 -28.17 -2.01
C LEU C 31 -11.25 -27.77 -1.59
N ASP C 32 -11.33 -26.85 -0.65
CA ASP C 32 -12.60 -26.21 -0.29
C ASP C 32 -13.06 -25.39 -1.49
N VAL C 33 -14.37 -25.24 -1.64
CA VAL C 33 -14.93 -24.45 -2.74
C VAL C 33 -14.98 -22.97 -2.39
N ASP C 34 -15.87 -22.58 -1.49
CA ASP C 34 -16.09 -21.18 -1.19
C ASP C 34 -14.88 -20.56 -0.47
N GLY C 35 -14.34 -19.48 -1.05
CA GLY C 35 -13.26 -18.72 -0.41
C GLY C 35 -11.87 -19.29 -0.60
N VAL C 36 -11.79 -20.41 -1.32
CA VAL C 36 -10.53 -21.02 -1.68
C VAL C 36 -10.49 -21.16 -3.20
N LEU C 37 -11.43 -21.92 -3.76
CA LEU C 37 -11.57 -22.00 -5.21
C LEU C 37 -12.28 -20.76 -5.74
N SER C 38 -13.20 -20.22 -4.94
CA SER C 38 -14.00 -19.06 -5.33
C SER C 38 -13.54 -17.77 -4.66
N ASP C 39 -14.06 -16.64 -5.11
CA ASP C 39 -13.74 -15.34 -4.53
C ASP C 39 -14.45 -15.10 -3.18
N GLY C 40 -15.07 -16.16 -2.65
CA GLY C 40 -15.74 -16.12 -1.35
C GLY C 40 -17.15 -15.56 -1.41
N LEU C 41 -17.61 -15.30 -2.62
CA LEU C 41 -18.92 -14.69 -2.84
C LEU C 41 -19.90 -15.64 -3.52
N ILE C 42 -21.18 -15.32 -3.39
CA ILE C 42 -22.26 -16.01 -4.09
C ILE C 42 -23.16 -14.99 -4.81
N TYR C 43 -23.30 -15.16 -6.13
CA TYR C 43 -24.10 -14.25 -6.96
C TYR C 43 -25.49 -14.82 -7.18
N MET C 44 -26.50 -14.16 -6.62
CA MET C 44 -27.86 -14.64 -6.69
C MET C 44 -28.72 -13.74 -7.56
N GLY C 45 -29.73 -14.33 -8.19
CA GLY C 45 -30.60 -13.58 -9.10
C GLY C 45 -32.06 -13.71 -8.75
N ASN C 46 -32.88 -12.88 -9.37
CA ASN C 46 -34.32 -12.85 -9.10
C ASN C 46 -35.09 -14.09 -9.55
N ASN C 47 -34.58 -14.79 -10.56
CA ASN C 47 -35.13 -16.08 -10.96
C ASN C 47 -34.40 -17.25 -10.28
N GLY C 48 -33.76 -16.98 -9.14
CA GLY C 48 -33.06 -18.01 -8.39
C GLY C 48 -31.77 -18.51 -9.02
N GLU C 49 -31.20 -17.72 -9.94
CA GLU C 49 -29.86 -17.98 -10.47
C GLU C 49 -28.87 -17.97 -9.31
N GLU C 50 -27.94 -18.93 -9.32
CA GLU C 50 -26.85 -18.94 -8.36
C GLU C 50 -25.54 -19.11 -9.10
N LEU C 51 -24.65 -18.13 -8.97
CA LEU C 51 -23.37 -18.18 -9.65
C LEU C 51 -22.22 -18.08 -8.65
N LYS C 52 -21.12 -18.75 -8.99
CA LYS C 52 -19.88 -18.63 -8.25
C LYS C 52 -18.73 -18.50 -9.25
N ALA C 53 -17.62 -17.94 -8.79
CA ALA C 53 -16.53 -17.59 -9.69
C ALA C 53 -15.27 -18.39 -9.39
N PHE C 54 -14.79 -19.10 -10.40
CA PHE C 54 -13.55 -19.86 -10.28
C PHE C 54 -12.44 -19.14 -11.03
N ASN C 55 -11.20 -19.45 -10.69
CA ASN C 55 -10.05 -18.82 -11.32
C ASN C 55 -9.40 -19.72 -12.36
N VAL C 56 -9.04 -19.11 -13.48
CA VAL C 56 -8.53 -19.84 -14.63
C VAL C 56 -7.11 -20.40 -14.40
N ARG C 57 -6.28 -19.65 -13.69
CA ARG C 57 -4.94 -20.09 -13.36
C ARG C 57 -4.93 -21.13 -12.25
N ASP C 58 -6.02 -21.21 -11.49
CA ASP C 58 -6.25 -22.32 -10.59
C ASP C 58 -6.47 -23.58 -11.43
N GLY C 59 -7.30 -23.46 -12.46
CA GLY C 59 -7.54 -24.53 -13.43
C GLY C 59 -6.25 -25.12 -14.01
N TYR C 60 -5.30 -24.26 -14.36
CA TYR C 60 -4.00 -24.69 -14.87
C TYR C 60 -3.22 -25.46 -13.82
N GLY C 61 -3.21 -24.93 -12.59
CA GLY C 61 -2.55 -25.58 -11.47
C GLY C 61 -3.12 -26.94 -11.18
N ILE C 62 -4.45 -27.03 -11.24
CA ILE C 62 -5.14 -28.29 -10.97
C ILE C 62 -4.84 -29.36 -12.03
N ARG C 63 -4.74 -28.97 -13.30
CA ARG C 63 -4.40 -29.95 -14.35
C ARG C 63 -2.92 -30.32 -14.39
N CYS C 64 -2.05 -29.44 -13.90
CA CYS C 64 -0.66 -29.80 -13.68
C CYS C 64 -0.61 -30.90 -12.62
N ALA C 65 -1.32 -30.69 -11.51
CA ALA C 65 -1.40 -31.67 -10.44
C ALA C 65 -1.94 -33.03 -10.90
N LEU C 66 -3.13 -33.02 -11.50
CA LEU C 66 -3.81 -34.26 -11.91
C LEU C 66 -3.03 -35.08 -12.93
N THR C 67 -2.17 -34.42 -13.71
CA THR C 67 -1.35 -35.13 -14.70
C THR C 67 0.08 -35.36 -14.18
N SER C 68 0.25 -35.19 -12.87
CA SER C 68 1.53 -35.41 -12.19
C SER C 68 1.38 -36.29 -10.94
N ASP C 69 0.42 -37.22 -11.01
CA ASP C 69 0.18 -38.21 -9.95
C ASP C 69 -0.19 -37.58 -8.59
N ILE C 70 -0.83 -36.41 -8.64
CA ILE C 70 -1.41 -35.80 -7.46
C ILE C 70 -2.93 -35.76 -7.63
N GLU C 71 -3.62 -36.65 -6.93
CA GLU C 71 -5.09 -36.67 -6.97
C GLU C 71 -5.68 -35.37 -6.39
N VAL C 72 -6.87 -35.02 -6.88
CA VAL C 72 -7.55 -33.79 -6.46
C VAL C 72 -9.00 -34.09 -6.10
N ALA C 73 -9.42 -33.61 -4.93
CA ALA C 73 -10.76 -33.87 -4.43
C ALA C 73 -11.44 -32.62 -3.88
N ILE C 74 -12.77 -32.63 -3.90
CA ILE C 74 -13.59 -31.57 -3.33
C ILE C 74 -14.69 -32.19 -2.45
N ILE C 75 -14.79 -31.70 -1.21
CA ILE C 75 -15.85 -32.15 -0.29
C ILE C 75 -16.81 -30.99 -0.02
N THR C 76 -18.05 -31.16 -0.47
CA THR C 76 -19.04 -30.08 -0.56
C THR C 76 -20.30 -30.39 0.28
N GLY C 77 -20.95 -29.32 0.77
CA GLY C 77 -22.07 -29.46 1.70
C GLY C 77 -23.48 -29.54 1.13
N ARG C 78 -23.61 -29.41 -0.18
CA ARG C 78 -24.92 -29.40 -0.85
C ARG C 78 -24.72 -29.50 -2.37
N LYS C 79 -25.51 -30.37 -3.00
CA LYS C 79 -25.39 -30.66 -4.43
C LYS C 79 -25.61 -29.41 -5.29
N ALA C 80 -24.59 -29.07 -6.10
CA ALA C 80 -24.64 -27.89 -6.97
C ALA C 80 -24.06 -28.21 -8.35
N LYS C 81 -24.85 -27.97 -9.40
CA LYS C 81 -24.44 -28.26 -10.77
C LYS C 81 -23.20 -27.46 -11.17
N LEU C 82 -23.06 -26.25 -10.63
CA LEU C 82 -21.93 -25.39 -10.97
C LEU C 82 -20.60 -25.98 -10.54
N VAL C 83 -20.59 -26.71 -9.43
CA VAL C 83 -19.39 -27.40 -8.95
C VAL C 83 -19.18 -28.67 -9.79
N GLU C 84 -20.27 -29.37 -10.08
CA GLU C 84 -20.22 -30.54 -10.96
C GLU C 84 -19.61 -30.17 -12.31
N ASP C 85 -20.09 -29.09 -12.89
CA ASP C 85 -19.57 -28.57 -14.16
C ASP C 85 -18.09 -28.18 -14.08
N ARG C 86 -17.72 -27.44 -13.04
CA ARG C 86 -16.33 -27.02 -12.86
C ARG C 86 -15.40 -28.23 -12.74
N CYS C 87 -15.84 -29.25 -12.00
CA CYS C 87 -15.09 -30.50 -11.89
C CYS C 87 -14.98 -31.23 -13.23
N ALA C 88 -16.04 -31.14 -14.03
CA ALA C 88 -16.06 -31.75 -15.35
C ALA C 88 -14.98 -31.17 -16.26
N THR C 89 -14.85 -29.84 -16.24
CA THR C 89 -13.86 -29.11 -17.05
C THR C 89 -12.42 -29.50 -16.70
N LEU C 90 -12.10 -29.48 -15.41
CA LEU C 90 -10.74 -29.72 -14.93
C LEU C 90 -10.37 -31.20 -14.83
N GLY C 91 -11.36 -32.08 -15.05
CA GLY C 91 -11.15 -33.52 -14.97
C GLY C 91 -11.10 -34.06 -13.55
N ILE C 92 -11.64 -33.29 -12.62
CA ILE C 92 -11.76 -33.71 -11.22
C ILE C 92 -12.87 -34.76 -11.10
N THR C 93 -12.54 -35.92 -10.55
CA THR C 93 -13.49 -37.04 -10.47
C THR C 93 -13.87 -37.40 -9.03
N HIS C 94 -13.06 -36.96 -8.07
CA HIS C 94 -13.33 -37.16 -6.65
C HIS C 94 -14.14 -36.01 -6.05
N LEU C 95 -15.43 -35.96 -6.37
CA LEU C 95 -16.32 -34.93 -5.84
C LEU C 95 -17.35 -35.51 -4.88
N TYR C 96 -17.32 -35.03 -3.64
CA TYR C 96 -18.26 -35.45 -2.60
C TYR C 96 -19.25 -34.32 -2.31
N GLN C 97 -20.54 -34.61 -2.44
CA GLN C 97 -21.59 -33.58 -2.29
C GLN C 97 -22.67 -33.95 -1.28
N GLY C 98 -23.19 -32.94 -0.60
CA GLY C 98 -24.23 -33.13 0.43
C GLY C 98 -23.68 -33.68 1.73
N GLN C 99 -22.50 -33.19 2.11
CA GLN C 99 -21.77 -33.70 3.27
C GLN C 99 -21.89 -32.73 4.43
N SER C 100 -22.55 -33.15 5.50
CA SER C 100 -22.60 -32.36 6.72
C SER C 100 -21.20 -32.38 7.37
N ASN C 101 -20.77 -33.59 7.74
CA ASN C 101 -19.39 -33.83 8.17
C ASN C 101 -18.45 -33.53 6.99
N LYS C 102 -17.16 -33.75 7.20
CA LYS C 102 -16.20 -33.78 6.09
C LYS C 102 -15.28 -34.97 6.30
N LEU C 103 -15.22 -35.43 7.55
CA LEU C 103 -14.36 -36.52 7.96
C LEU C 103 -14.77 -37.85 7.32
N ILE C 104 -16.06 -37.98 6.99
CA ILE C 104 -16.57 -39.19 6.35
C ILE C 104 -15.98 -39.33 4.95
N ALA C 105 -16.15 -38.29 4.13
CA ALA C 105 -15.57 -38.26 2.79
C ALA C 105 -14.04 -38.37 2.84
N PHE C 106 -13.44 -37.72 3.83
CA PHE C 106 -12.00 -37.80 4.09
C PHE C 106 -11.54 -39.25 4.27
N SER C 107 -12.22 -39.97 5.16
CA SER C 107 -11.88 -41.36 5.46
C SER C 107 -12.12 -42.27 4.27
N ASP C 108 -13.18 -41.98 3.53
CA ASP C 108 -13.52 -42.72 2.31
C ASP C 108 -12.42 -42.57 1.26
N LEU C 109 -11.90 -41.35 1.12
CA LEU C 109 -10.80 -41.07 0.19
C LEU C 109 -9.54 -41.84 0.55
N LEU C 110 -9.29 -41.98 1.86
CA LEU C 110 -8.13 -42.70 2.36
C LEU C 110 -8.15 -44.19 1.95
N GLU C 111 -9.29 -44.85 2.11
CA GLU C 111 -9.44 -46.26 1.73
C GLU C 111 -9.31 -46.44 0.21
N LYS C 112 -10.11 -45.66 -0.53
CA LYS C 112 -10.11 -45.69 -1.99
C LYS C 112 -8.71 -45.56 -2.59
N LEU C 113 -7.95 -44.57 -2.12
CA LEU C 113 -6.62 -44.28 -2.66
C LEU C 113 -5.46 -45.01 -1.97
N ALA C 114 -5.77 -45.82 -0.95
CA ALA C 114 -4.76 -46.53 -0.15
C ALA C 114 -3.63 -45.61 0.35
N ILE C 115 -4.03 -44.55 1.04
CA ILE C 115 -3.18 -43.43 1.41
C ILE C 115 -3.38 -43.08 2.89
N ALA C 116 -2.31 -42.65 3.56
CA ALA C 116 -2.41 -42.22 4.96
C ALA C 116 -2.63 -40.70 5.07
N PRO C 117 -3.11 -40.23 6.25
CA PRO C 117 -3.40 -38.79 6.44
C PRO C 117 -2.23 -37.85 6.16
N GLU C 118 -1.01 -38.30 6.41
CA GLU C 118 0.19 -37.49 6.17
C GLU C 118 0.42 -37.19 4.67
N ASN C 119 -0.17 -38.02 3.82
CA ASN C 119 -0.09 -37.87 2.36
C ASN C 119 -1.20 -36.98 1.78
N VAL C 120 -2.03 -36.40 2.66
CA VAL C 120 -3.13 -35.55 2.21
C VAL C 120 -2.83 -34.08 2.52
N ALA C 121 -3.26 -33.20 1.62
CA ALA C 121 -3.21 -31.76 1.85
C ALA C 121 -4.61 -31.17 1.75
N TYR C 122 -4.87 -30.15 2.56
CA TYR C 122 -6.16 -29.46 2.55
C TYR C 122 -5.94 -27.95 2.50
N VAL C 123 -6.67 -27.29 1.60
CA VAL C 123 -6.67 -25.82 1.53
C VAL C 123 -8.04 -25.29 1.95
N GLY C 124 -8.10 -24.62 3.10
CA GLY C 124 -9.35 -24.06 3.63
C GLY C 124 -9.29 -22.57 3.90
N ASP C 125 -10.44 -21.96 4.24
CA ASP C 125 -10.52 -20.52 4.45
C ASP C 125 -11.32 -20.10 5.68
N ASP C 126 -11.98 -21.05 6.33
CA ASP C 126 -12.79 -20.78 7.53
C ASP C 126 -12.64 -21.91 8.55
N LEU C 127 -13.29 -21.77 9.70
CA LEU C 127 -13.12 -22.70 10.83
C LEU C 127 -13.71 -24.09 10.62
N ILE C 128 -14.81 -24.17 9.87
CA ILE C 128 -15.39 -25.47 9.49
C ILE C 128 -14.38 -26.36 8.78
N ASP C 129 -13.33 -25.75 8.24
CA ASP C 129 -12.28 -26.49 7.55
C ASP C 129 -11.30 -27.18 8.51
N TRP C 130 -11.23 -26.71 9.76
CA TRP C 130 -10.23 -27.18 10.72
C TRP C 130 -10.25 -28.69 11.07
N PRO C 131 -11.44 -29.30 11.30
CA PRO C 131 -11.45 -30.74 11.64
C PRO C 131 -10.63 -31.63 10.70
N VAL C 132 -10.71 -31.37 9.40
CA VAL C 132 -9.92 -32.13 8.43
C VAL C 132 -8.47 -31.67 8.42
N MET C 133 -8.26 -30.36 8.29
CA MET C 133 -6.92 -29.76 8.25
C MET C 133 -6.01 -30.22 9.39
N GLU C 134 -6.60 -30.41 10.57
CA GLU C 134 -5.85 -30.87 11.73
C GLU C 134 -5.25 -32.26 11.51
N LYS C 135 -5.98 -33.10 10.77
CA LYS C 135 -5.61 -34.50 10.59
C LYS C 135 -4.63 -34.77 9.44
N VAL C 136 -4.53 -33.82 8.52
CA VAL C 136 -3.74 -34.01 7.29
C VAL C 136 -2.28 -33.56 7.43
N GLY C 137 -1.44 -34.04 6.51
CA GLY C 137 -0.02 -33.70 6.50
C GLY C 137 0.27 -32.25 6.17
N LEU C 138 -0.48 -31.68 5.24
CA LEU C 138 -0.29 -30.28 4.84
C LEU C 138 -1.60 -29.46 4.82
N SER C 139 -1.90 -28.84 5.97
CA SER C 139 -3.02 -27.93 6.09
C SER C 139 -2.62 -26.53 5.64
N VAL C 140 -3.43 -25.94 4.76
CA VAL C 140 -3.12 -24.67 4.12
C VAL C 140 -4.26 -23.66 4.32
N ALA C 141 -3.90 -22.43 4.66
CA ALA C 141 -4.86 -21.34 4.82
C ALA C 141 -4.58 -20.27 3.77
N VAL C 142 -5.61 -19.89 3.03
CA VAL C 142 -5.44 -18.86 2.00
C VAL C 142 -5.11 -17.50 2.62
N ALA C 143 -4.46 -16.63 1.86
CA ALA C 143 -4.02 -15.32 2.37
C ALA C 143 -5.12 -14.55 3.10
N ASP C 144 -6.34 -14.65 2.59
CA ASP C 144 -7.46 -13.92 3.17
C ASP C 144 -8.46 -14.81 3.91
N ALA C 145 -7.98 -15.96 4.39
CA ALA C 145 -8.78 -16.85 5.22
C ALA C 145 -9.21 -16.14 6.51
N HIS C 146 -10.24 -16.68 7.17
CA HIS C 146 -10.68 -16.16 8.45
C HIS C 146 -9.50 -16.03 9.41
N PRO C 147 -9.38 -14.88 10.12
CA PRO C 147 -8.24 -14.60 10.99
C PRO C 147 -7.86 -15.73 11.94
N LEU C 148 -8.85 -16.46 12.45
CA LEU C 148 -8.59 -17.53 13.41
C LEU C 148 -7.99 -18.80 12.80
N LEU C 149 -8.17 -19.00 11.49
CA LEU C 149 -7.63 -20.19 10.83
C LEU C 149 -6.15 -20.05 10.49
N ILE C 150 -5.76 -18.84 10.04
CA ILE C 150 -4.41 -18.53 9.58
C ILE C 150 -3.27 -19.11 10.44
N PRO C 151 -3.28 -18.87 11.76
CA PRO C 151 -2.15 -19.36 12.57
C PRO C 151 -2.14 -20.88 12.80
N ARG C 152 -3.24 -21.55 12.51
CA ARG C 152 -3.35 -23.00 12.75
C ARG C 152 -2.66 -23.85 11.69
N ALA C 153 -2.50 -23.28 10.49
CA ALA C 153 -2.07 -24.04 9.31
C ALA C 153 -0.55 -24.21 9.19
N ASP C 154 -0.15 -25.24 8.44
CA ASP C 154 1.25 -25.45 8.08
C ASP C 154 1.75 -24.36 7.15
N TYR C 155 0.89 -23.96 6.21
CA TYR C 155 1.26 -22.96 5.21
C TYR C 155 0.15 -21.94 4.98
N VAL C 156 0.56 -20.69 4.82
CA VAL C 156 -0.36 -19.60 4.49
C VAL C 156 0.00 -19.02 3.11
N THR C 157 -0.90 -19.19 2.14
CA THR C 157 -0.65 -18.73 0.77
C THR C 157 -0.44 -17.22 0.70
N ARG C 158 0.35 -16.76 -0.27
CA ARG C 158 0.54 -15.34 -0.50
C ARG C 158 -0.63 -14.73 -1.26
N ILE C 159 -1.34 -15.58 -2.01
CA ILE C 159 -2.43 -15.15 -2.87
C ILE C 159 -3.79 -15.46 -2.23
N ALA C 160 -4.77 -14.61 -2.51
CA ALA C 160 -6.11 -14.70 -1.93
C ALA C 160 -6.97 -15.79 -2.56
N GLY C 161 -8.00 -16.21 -1.83
CA GLY C 161 -8.97 -17.20 -2.33
C GLY C 161 -9.69 -16.70 -3.56
N GLY C 162 -9.73 -17.54 -4.59
CA GLY C 162 -10.34 -17.18 -5.88
C GLY C 162 -9.43 -16.36 -6.78
N ARG C 163 -8.22 -16.08 -6.30
CA ARG C 163 -7.27 -15.22 -7.03
C ARG C 163 -5.97 -15.91 -7.44
N GLY C 164 -5.85 -17.20 -7.12
CA GLY C 164 -4.66 -17.97 -7.50
C GLY C 164 -3.97 -18.69 -6.34
N ALA C 165 -4.65 -18.75 -5.20
CA ALA C 165 -4.15 -19.44 -4.01
C ALA C 165 -4.03 -20.95 -4.24
N VAL C 166 -5.05 -21.53 -4.88
CA VAL C 166 -5.04 -22.96 -5.25
C VAL C 166 -3.87 -23.27 -6.18
N ARG C 167 -3.67 -22.41 -7.18
CA ARG C 167 -2.51 -22.50 -8.07
C ARG C 167 -1.19 -22.44 -7.31
N GLU C 168 -1.09 -21.54 -6.34
CA GLU C 168 0.11 -21.39 -5.51
C GLU C 168 0.45 -22.70 -4.77
N VAL C 169 -0.58 -23.39 -4.30
CA VAL C 169 -0.42 -24.67 -3.63
C VAL C 169 0.02 -25.76 -4.63
N CYS C 170 -0.62 -25.79 -5.80
CA CYS C 170 -0.23 -26.73 -6.85
C CYS C 170 1.24 -26.54 -7.24
N ASP C 171 1.64 -25.27 -7.39
CA ASP C 171 3.02 -24.92 -7.70
C ASP C 171 3.98 -25.37 -6.61
N LEU C 172 3.53 -25.27 -5.35
CA LEU C 172 4.32 -25.74 -4.21
C LEU C 172 4.50 -27.26 -4.25
N LEU C 173 3.42 -27.98 -4.48
CA LEU C 173 3.45 -29.44 -4.51
C LEU C 173 4.33 -29.98 -5.64
N LEU C 174 4.14 -29.43 -6.83
CA LEU C 174 4.94 -29.82 -8.00
C LEU C 174 6.41 -29.43 -7.86
N LEU C 175 6.68 -28.27 -7.27
CA LEU C 175 8.05 -27.86 -6.98
C LEU C 175 8.70 -28.86 -6.02
N ALA C 176 8.00 -29.20 -4.95
CA ALA C 176 8.51 -30.12 -3.93
C ALA C 176 8.77 -31.52 -4.49
N GLN C 177 7.95 -31.94 -5.44
CA GLN C 177 8.02 -33.29 -5.99
C GLN C 177 8.78 -33.39 -7.32
N GLY C 178 9.57 -32.35 -7.62
CA GLY C 178 10.46 -32.34 -8.79
C GLY C 178 9.75 -32.45 -10.14
N LYS C 179 8.61 -31.76 -10.26
CA LYS C 179 7.76 -31.89 -11.43
C LYS C 179 7.22 -30.55 -11.96
N LEU C 180 7.71 -29.44 -11.44
CA LEU C 180 7.18 -28.11 -11.79
C LEU C 180 7.61 -27.62 -13.17
N ASP C 181 8.87 -27.86 -13.54
CA ASP C 181 9.38 -27.42 -14.83
C ASP C 181 8.68 -28.12 -16.00
N GLU C 182 8.44 -29.42 -15.85
CA GLU C 182 7.88 -30.24 -16.94
C GLU C 182 6.34 -30.41 -16.90
N ALA C 183 5.71 -29.93 -15.83
CA ALA C 183 4.25 -29.98 -15.69
C ALA C 183 3.54 -29.29 -16.85
N LYS C 184 2.43 -29.87 -17.29
CA LYS C 184 1.64 -29.32 -18.40
C LYS C 184 0.18 -29.20 -17.97
N GLY C 185 -0.44 -28.06 -18.26
CA GLY C 185 -1.83 -27.85 -17.91
C GLY C 185 -2.58 -26.97 -18.89
N GLN C 186 -3.80 -26.61 -18.52
CA GLN C 186 -4.63 -25.70 -19.30
C GLN C 186 -5.16 -24.62 -18.36
N SER C 187 -4.97 -23.35 -18.75
CA SER C 187 -5.44 -22.23 -17.95
C SER C 187 -6.91 -21.99 -18.27
N ILE C 188 -7.77 -22.87 -17.75
CA ILE C 188 -9.19 -22.87 -18.08
C ILE C 188 -10.06 -22.99 -16.82
N LEU D 8 10.70 7.42 -25.19
CA LEU D 8 10.69 6.39 -24.10
C LEU D 8 9.63 6.66 -23.05
N ALA D 9 9.09 7.88 -23.07
CA ALA D 9 8.04 8.26 -22.14
C ALA D 9 6.66 7.80 -22.62
N THR D 10 5.96 7.06 -21.76
CA THR D 10 4.57 6.71 -22.01
C THR D 10 3.72 7.19 -20.82
N CYS D 11 2.41 7.25 -21.02
CA CYS D 11 1.49 7.70 -19.98
C CYS D 11 1.35 6.69 -18.83
N TYR D 12 2.03 5.55 -18.96
CA TYR D 12 2.13 4.57 -17.88
C TYR D 12 3.52 4.57 -17.25
N GLY D 13 4.39 5.43 -17.76
CA GLY D 13 5.78 5.50 -17.31
C GLY D 13 6.75 5.06 -18.38
N PRO D 14 8.07 5.15 -18.11
CA PRO D 14 9.10 4.86 -19.11
C PRO D 14 9.10 3.43 -19.64
N VAL D 15 9.47 3.26 -20.91
CA VAL D 15 9.76 1.96 -21.50
C VAL D 15 11.15 1.99 -22.14
N SER D 16 11.79 0.83 -22.26
CA SER D 16 13.13 0.76 -22.85
C SER D 16 13.11 1.09 -24.34
N ALA D 17 14.24 1.61 -24.83
CA ALA D 17 14.40 1.93 -26.25
C ALA D 17 14.09 0.72 -27.11
N ASP D 18 14.50 -0.46 -26.65
CA ASP D 18 14.28 -1.70 -27.37
C ASP D 18 12.79 -2.07 -27.43
N VAL D 19 12.08 -1.96 -26.30
CA VAL D 19 10.64 -2.24 -26.27
C VAL D 19 9.88 -1.33 -27.25
N MET D 20 10.29 -0.05 -27.33
CA MET D 20 9.67 0.90 -28.24
C MET D 20 9.90 0.53 -29.71
N ALA D 21 11.11 0.08 -30.02
CA ALA D 21 11.48 -0.33 -31.38
C ALA D 21 10.67 -1.55 -31.83
N LYS D 22 10.54 -2.53 -30.93
CA LYS D 22 9.73 -3.72 -31.18
C LYS D 22 8.28 -3.35 -31.50
N ALA D 23 7.72 -2.46 -30.67
CA ALA D 23 6.35 -2.02 -30.82
C ALA D 23 6.09 -1.32 -32.15
N GLU D 24 7.08 -0.57 -32.63
CA GLU D 24 7.00 0.14 -33.92
C GLU D 24 6.65 -0.79 -35.07
N ASN D 25 7.03 -2.06 -34.94
CA ASN D 25 6.91 -3.06 -36.01
C ASN D 25 5.63 -3.89 -36.03
N ILE D 26 4.83 -3.78 -34.97
CA ILE D 26 3.67 -4.66 -34.80
C ILE D 26 2.56 -4.40 -35.83
N ARG D 27 2.24 -5.44 -36.59
CA ARG D 27 1.12 -5.42 -37.52
C ARG D 27 0.01 -6.36 -37.05
N LEU D 28 0.33 -7.20 -36.06
CA LEU D 28 -0.65 -8.10 -35.46
C LEU D 28 -0.45 -8.26 -33.96
N LEU D 29 -1.48 -7.86 -33.20
CA LEU D 29 -1.49 -8.03 -31.76
C LEU D 29 -2.37 -9.24 -31.43
N ILE D 30 -1.77 -10.24 -30.80
CA ILE D 30 -2.52 -11.43 -30.38
C ILE D 30 -2.75 -11.39 -28.88
N LEU D 31 -3.97 -11.73 -28.46
CA LEU D 31 -4.39 -11.63 -27.07
C LEU D 31 -4.98 -12.93 -26.53
N ASP D 32 -4.56 -13.28 -25.32
CA ASP D 32 -5.26 -14.29 -24.52
C ASP D 32 -6.53 -13.64 -23.97
N VAL D 33 -7.53 -14.45 -23.64
CA VAL D 33 -8.74 -13.93 -23.01
C VAL D 33 -8.60 -13.90 -21.49
N ASP D 34 -8.65 -15.08 -20.87
CA ASP D 34 -8.73 -15.17 -19.41
C ASP D 34 -7.44 -14.81 -18.68
N GLY D 35 -7.52 -13.78 -17.85
CA GLY D 35 -6.37 -13.27 -17.10
C GLY D 35 -5.72 -12.07 -17.78
N VAL D 36 -6.23 -11.74 -18.97
CA VAL D 36 -5.67 -10.68 -19.81
C VAL D 36 -6.77 -9.68 -20.20
N LEU D 37 -7.80 -10.18 -20.89
CA LEU D 37 -8.98 -9.39 -21.24
C LEU D 37 -9.98 -9.41 -20.09
N SER D 38 -9.77 -10.37 -19.18
CA SER D 38 -10.54 -10.48 -17.95
C SER D 38 -9.57 -10.56 -16.77
N ASP D 39 -10.09 -10.64 -15.55
CA ASP D 39 -9.23 -10.82 -14.38
C ASP D 39 -9.05 -12.31 -13.99
N GLY D 40 -9.38 -13.19 -14.94
CA GLY D 40 -9.18 -14.63 -14.76
C GLY D 40 -10.33 -15.35 -14.09
N LEU D 41 -11.41 -14.63 -13.82
CA LEU D 41 -12.58 -15.23 -13.19
C LEU D 41 -13.55 -15.79 -14.23
N ILE D 42 -14.00 -17.01 -13.96
CA ILE D 42 -15.04 -17.68 -14.73
C ILE D 42 -16.26 -17.79 -13.82
N TYR D 43 -17.37 -17.22 -14.26
CA TYR D 43 -18.61 -17.24 -13.50
C TYR D 43 -19.48 -18.40 -13.98
N MET D 44 -19.97 -19.20 -13.04
CA MET D 44 -20.72 -20.41 -13.37
C MET D 44 -21.97 -20.58 -12.52
N GLY D 45 -23.08 -20.90 -13.19
CA GLY D 45 -24.38 -21.02 -12.53
C GLY D 45 -24.95 -22.43 -12.50
N ASN D 46 -25.88 -22.65 -11.58
CA ASN D 46 -26.52 -23.96 -11.40
C ASN D 46 -27.43 -24.43 -12.54
N ASN D 47 -27.72 -23.53 -13.47
CA ASN D 47 -28.41 -23.88 -14.72
C ASN D 47 -27.46 -23.87 -15.92
N GLY D 48 -26.17 -23.88 -15.65
CA GLY D 48 -25.15 -23.89 -16.70
C GLY D 48 -24.87 -22.54 -17.34
N GLU D 49 -25.26 -21.46 -16.65
CA GLU D 49 -24.96 -20.10 -17.10
C GLU D 49 -23.46 -19.87 -17.01
N GLU D 50 -22.92 -19.08 -17.92
CA GLU D 50 -21.53 -18.68 -17.87
C GLU D 50 -21.44 -17.17 -18.06
N LEU D 51 -20.66 -16.51 -17.21
CA LEU D 51 -20.40 -15.08 -17.38
C LEU D 51 -18.91 -14.82 -17.42
N LYS D 52 -18.52 -13.90 -18.29
CA LYS D 52 -17.16 -13.38 -18.29
C LYS D 52 -17.23 -11.87 -18.35
N ALA D 53 -16.26 -11.21 -17.71
CA ALA D 53 -16.23 -9.75 -17.69
C ALA D 53 -15.06 -9.21 -18.51
N PHE D 54 -15.38 -8.41 -19.53
CA PHE D 54 -14.36 -7.72 -20.31
C PHE D 54 -14.28 -6.26 -19.85
N ASN D 55 -13.20 -5.58 -20.24
CA ASN D 55 -12.98 -4.18 -19.90
C ASN D 55 -13.37 -3.31 -21.08
N VAL D 56 -14.20 -2.28 -20.86
CA VAL D 56 -14.65 -1.44 -21.99
C VAL D 56 -13.55 -0.55 -22.55
N ARG D 57 -12.65 -0.05 -21.69
CA ARG D 57 -11.51 0.74 -22.16
C ARG D 57 -10.53 -0.12 -22.96
N ASP D 58 -10.46 -1.42 -22.65
CA ASP D 58 -9.78 -2.38 -23.52
C ASP D 58 -10.42 -2.36 -24.90
N GLY D 59 -11.76 -2.32 -24.93
CA GLY D 59 -12.52 -2.30 -26.18
C GLY D 59 -12.19 -1.11 -27.05
N TYR D 60 -12.19 0.08 -26.46
CA TYR D 60 -11.80 1.29 -27.18
C TYR D 60 -10.38 1.14 -27.71
N GLY D 61 -9.50 0.57 -26.90
CA GLY D 61 -8.12 0.31 -27.29
C GLY D 61 -8.05 -0.53 -28.56
N ILE D 62 -8.76 -1.66 -28.53
CA ILE D 62 -8.80 -2.61 -29.65
C ILE D 62 -9.43 -2.00 -30.91
N ARG D 63 -10.44 -1.15 -30.73
CA ARG D 63 -11.06 -0.43 -31.85
C ARG D 63 -10.09 0.51 -32.54
N CYS D 64 -9.16 1.07 -31.76
CA CYS D 64 -8.12 1.95 -32.27
C CYS D 64 -7.07 1.19 -33.07
N ALA D 65 -6.60 0.06 -32.50
CA ALA D 65 -5.67 -0.83 -33.17
C ALA D 65 -6.17 -1.18 -34.57
N LEU D 66 -7.41 -1.66 -34.64
CA LEU D 66 -8.00 -2.10 -35.91
C LEU D 66 -8.14 -0.99 -36.94
N THR D 67 -8.53 0.21 -36.49
CA THR D 67 -8.67 1.36 -37.38
C THR D 67 -7.33 2.05 -37.68
N SER D 68 -6.26 1.57 -37.05
CA SER D 68 -4.93 2.13 -37.27
C SER D 68 -3.96 1.10 -37.84
N ASP D 69 -4.49 0.21 -38.67
CA ASP D 69 -3.71 -0.79 -39.44
C ASP D 69 -2.98 -1.83 -38.57
N ILE D 70 -3.52 -2.10 -37.39
CA ILE D 70 -3.01 -3.18 -36.55
C ILE D 70 -4.09 -4.25 -36.38
N GLU D 71 -3.82 -5.44 -36.90
CA GLU D 71 -4.74 -6.55 -36.71
C GLU D 71 -4.75 -7.07 -35.28
N VAL D 72 -5.91 -7.59 -34.86
CA VAL D 72 -6.09 -8.12 -33.52
C VAL D 72 -6.65 -9.53 -33.65
N ALA D 73 -6.08 -10.46 -32.88
CA ALA D 73 -6.52 -11.84 -32.90
C ALA D 73 -6.60 -12.42 -31.49
N ILE D 74 -7.43 -13.43 -31.31
CA ILE D 74 -7.59 -14.07 -30.02
C ILE D 74 -7.34 -15.58 -30.07
N ILE D 75 -6.49 -16.05 -29.16
CA ILE D 75 -6.27 -17.48 -28.97
C ILE D 75 -6.43 -17.78 -27.49
N THR D 76 -7.26 -18.77 -27.13
CA THR D 76 -7.52 -19.07 -25.72
C THR D 76 -7.91 -20.54 -25.55
N GLY D 77 -7.77 -21.06 -24.31
CA GLY D 77 -8.03 -22.48 -24.03
C GLY D 77 -9.48 -22.85 -23.84
N ARG D 78 -10.31 -21.89 -23.45
CA ARG D 78 -11.75 -22.11 -23.24
C ARG D 78 -12.56 -21.88 -24.52
N LYS D 79 -13.81 -22.35 -24.52
CA LYS D 79 -14.71 -22.13 -25.65
C LYS D 79 -16.09 -21.70 -25.14
N ALA D 80 -16.56 -20.55 -25.63
CA ALA D 80 -17.86 -20.01 -25.23
C ALA D 80 -18.44 -19.10 -26.31
N LYS D 81 -19.75 -19.23 -26.52
CA LYS D 81 -20.48 -18.36 -27.46
C LYS D 81 -20.33 -16.89 -27.08
N LEU D 82 -20.15 -16.63 -25.78
CA LEU D 82 -19.97 -15.28 -25.27
C LEU D 82 -18.74 -14.59 -25.87
N VAL D 83 -17.64 -15.33 -26.00
CA VAL D 83 -16.39 -14.79 -26.57
C VAL D 83 -16.55 -14.44 -28.05
N GLU D 84 -17.25 -15.30 -28.80
CA GLU D 84 -17.61 -15.02 -30.19
C GLU D 84 -18.38 -13.71 -30.27
N ASP D 85 -19.30 -13.51 -29.32
CA ASP D 85 -20.11 -12.31 -29.24
C ASP D 85 -19.26 -11.06 -29.02
N ARG D 86 -18.29 -11.16 -28.11
CA ARG D 86 -17.41 -10.04 -27.78
C ARG D 86 -16.61 -9.63 -29.01
N CYS D 87 -16.06 -10.61 -29.72
CA CYS D 87 -15.28 -10.36 -30.92
C CYS D 87 -16.09 -9.66 -32.01
N ALA D 88 -17.36 -10.04 -32.17
CA ALA D 88 -18.26 -9.40 -33.13
C ALA D 88 -18.47 -7.92 -32.82
N THR D 89 -18.57 -7.61 -31.52
CA THR D 89 -18.78 -6.24 -31.05
C THR D 89 -17.54 -5.37 -31.29
N LEU D 90 -16.36 -5.95 -31.10
CA LEU D 90 -15.10 -5.24 -31.30
C LEU D 90 -14.61 -5.28 -32.74
N GLY D 91 -15.20 -6.15 -33.55
CA GLY D 91 -14.79 -6.30 -34.94
C GLY D 91 -13.54 -7.14 -35.11
N ILE D 92 -13.30 -8.03 -34.16
CA ILE D 92 -12.23 -9.03 -34.25
C ILE D 92 -12.72 -10.19 -35.13
N THR D 93 -11.96 -10.49 -36.18
CA THR D 93 -12.37 -11.51 -37.15
C THR D 93 -11.52 -12.80 -37.11
N HIS D 94 -10.52 -12.81 -36.23
CA HIS D 94 -9.64 -13.97 -36.09
C HIS D 94 -9.69 -14.50 -34.66
N LEU D 95 -10.39 -15.61 -34.49
CA LEU D 95 -10.69 -16.14 -33.15
C LEU D 95 -10.53 -17.64 -33.08
N TYR D 96 -9.69 -18.09 -32.14
CA TYR D 96 -9.44 -19.50 -31.91
C TYR D 96 -9.76 -19.86 -30.47
N GLN D 97 -10.81 -20.64 -30.27
CA GLN D 97 -11.19 -21.12 -28.93
C GLN D 97 -10.89 -22.60 -28.77
N GLY D 98 -10.95 -23.10 -27.54
CA GLY D 98 -10.71 -24.50 -27.23
C GLY D 98 -9.30 -24.97 -27.57
N GLN D 99 -8.38 -24.01 -27.66
CA GLN D 99 -7.03 -24.26 -28.14
C GLN D 99 -6.02 -24.14 -27.00
N SER D 100 -5.46 -25.26 -26.57
CA SER D 100 -4.38 -25.20 -25.56
C SER D 100 -2.97 -25.42 -26.11
N ASN D 101 -2.85 -26.00 -27.30
CA ASN D 101 -1.61 -25.88 -28.05
C ASN D 101 -1.72 -24.66 -28.96
N LYS D 102 -1.29 -23.51 -28.44
CA LYS D 102 -1.49 -22.23 -29.11
C LYS D 102 -0.56 -22.00 -30.31
N LEU D 103 0.52 -22.79 -30.41
CA LEU D 103 1.42 -22.71 -31.55
C LEU D 103 0.71 -23.11 -32.85
N ILE D 104 -0.34 -23.91 -32.73
CA ILE D 104 -1.14 -24.36 -33.87
C ILE D 104 -1.94 -23.20 -34.50
N ALA D 105 -2.71 -22.49 -33.67
CA ALA D 105 -3.48 -21.33 -34.11
C ALA D 105 -2.55 -20.21 -34.56
N PHE D 106 -1.41 -20.11 -33.90
CA PHE D 106 -0.39 -19.12 -34.20
C PHE D 106 0.15 -19.30 -35.61
N SER D 107 0.48 -20.55 -35.96
CA SER D 107 0.92 -20.88 -37.31
C SER D 107 -0.13 -20.48 -38.32
N ASP D 108 -1.38 -20.89 -38.07
CA ASP D 108 -2.50 -20.59 -38.95
C ASP D 108 -2.59 -19.10 -39.27
N LEU D 109 -2.42 -18.27 -38.25
CA LEU D 109 -2.47 -16.81 -38.39
C LEU D 109 -1.39 -16.22 -39.29
N LEU D 110 -0.14 -16.67 -39.11
CA LEU D 110 0.97 -16.19 -39.94
C LEU D 110 0.77 -16.54 -41.41
N GLU D 111 0.27 -17.75 -41.68
CA GLU D 111 -0.07 -18.19 -43.02
C GLU D 111 -1.08 -17.22 -43.64
N LYS D 112 -2.17 -16.99 -42.90
CA LYS D 112 -3.34 -16.28 -43.42
C LYS D 112 -3.11 -14.79 -43.64
N LEU D 113 -2.42 -14.15 -42.71
CA LEU D 113 -2.19 -12.71 -42.81
C LEU D 113 -0.88 -12.37 -43.53
N ALA D 114 -0.12 -13.41 -43.87
CA ALA D 114 1.19 -13.29 -44.53
C ALA D 114 2.14 -12.38 -43.74
N ILE D 115 2.22 -12.64 -42.44
CA ILE D 115 2.96 -11.79 -41.51
C ILE D 115 4.09 -12.54 -40.82
N ALA D 116 5.23 -11.85 -40.65
CA ALA D 116 6.39 -12.41 -39.99
C ALA D 116 6.25 -12.36 -38.47
N PRO D 117 6.82 -13.35 -37.75
CA PRO D 117 6.75 -13.39 -36.29
C PRO D 117 7.25 -12.12 -35.60
N GLU D 118 8.27 -11.47 -36.17
CA GLU D 118 8.82 -10.26 -35.56
C GLU D 118 7.88 -9.04 -35.65
N ASN D 119 6.89 -9.12 -36.53
CA ASN D 119 5.87 -8.09 -36.69
C ASN D 119 4.63 -8.38 -35.84
N VAL D 120 4.77 -9.33 -34.91
CA VAL D 120 3.66 -9.77 -34.08
C VAL D 120 3.93 -9.52 -32.59
N ALA D 121 2.92 -9.02 -31.89
CA ALA D 121 2.95 -8.89 -30.43
C ALA D 121 1.95 -9.85 -29.80
N TYR D 122 2.21 -10.24 -28.55
CA TYR D 122 1.34 -11.18 -27.83
C TYR D 122 1.26 -10.84 -26.35
N VAL D 123 0.04 -10.79 -25.81
CA VAL D 123 -0.16 -10.51 -24.39
C VAL D 123 -0.72 -11.75 -23.68
N GLY D 124 0.00 -12.23 -22.67
CA GLY D 124 -0.41 -13.43 -21.91
C GLY D 124 -0.39 -13.24 -20.41
N ASP D 125 -0.80 -14.29 -19.68
CA ASP D 125 -0.85 -14.25 -18.22
C ASP D 125 -0.47 -15.57 -17.55
N ASP D 126 -0.40 -16.63 -18.33
CA ASP D 126 -0.01 -17.93 -17.80
C ASP D 126 0.98 -18.65 -18.71
N LEU D 127 1.64 -19.66 -18.16
CA LEU D 127 2.72 -20.37 -18.82
C LEU D 127 2.33 -21.01 -20.15
N ILE D 128 1.04 -21.26 -20.35
CA ILE D 128 0.51 -21.77 -21.61
C ILE D 128 0.70 -20.75 -22.74
N ASP D 129 0.79 -19.48 -22.38
CA ASP D 129 0.96 -18.38 -23.33
C ASP D 129 2.40 -18.28 -23.84
N TRP D 130 3.33 -18.89 -23.11
CA TRP D 130 4.76 -18.73 -23.40
C TRP D 130 5.25 -19.29 -24.74
N PRO D 131 4.89 -20.55 -25.09
CA PRO D 131 5.43 -21.10 -26.34
C PRO D 131 5.28 -20.18 -27.56
N VAL D 132 4.21 -19.38 -27.58
CA VAL D 132 3.94 -18.43 -28.66
C VAL D 132 4.64 -17.09 -28.42
N MET D 133 4.65 -16.64 -27.16
CA MET D 133 5.33 -15.40 -26.77
C MET D 133 6.82 -15.47 -27.03
N GLU D 134 7.37 -16.68 -26.90
CA GLU D 134 8.79 -16.95 -27.13
C GLU D 134 9.20 -16.62 -28.57
N LYS D 135 8.24 -16.67 -29.49
CA LYS D 135 8.53 -16.56 -30.91
C LYS D 135 8.23 -15.18 -31.52
N VAL D 136 7.33 -14.43 -30.91
CA VAL D 136 6.92 -13.13 -31.45
C VAL D 136 7.94 -12.02 -31.22
N GLY D 137 7.78 -10.91 -31.91
CA GLY D 137 8.68 -9.76 -31.80
C GLY D 137 8.54 -8.97 -30.50
N LEU D 138 7.34 -8.95 -29.95
CA LEU D 138 7.07 -8.30 -28.67
C LEU D 138 6.18 -9.17 -27.79
N SER D 139 6.78 -9.69 -26.72
CA SER D 139 6.08 -10.55 -25.77
C SER D 139 5.67 -9.72 -24.56
N VAL D 140 4.40 -9.80 -24.19
CA VAL D 140 3.87 -9.04 -23.07
C VAL D 140 3.26 -9.94 -22.01
N ALA D 141 3.62 -9.70 -20.75
CA ALA D 141 2.95 -10.32 -19.61
C ALA D 141 2.22 -9.23 -18.85
N VAL D 142 0.94 -9.46 -18.52
CA VAL D 142 0.17 -8.50 -17.74
C VAL D 142 0.78 -8.32 -16.34
N ALA D 143 0.48 -7.19 -15.69
CA ALA D 143 1.08 -6.85 -14.40
C ALA D 143 0.96 -7.96 -13.36
N ASP D 144 -0.18 -8.64 -13.34
CA ASP D 144 -0.41 -9.71 -12.38
C ASP D 144 -0.46 -11.11 -13.05
N ALA D 145 0.39 -11.28 -14.06
CA ALA D 145 0.58 -12.60 -14.68
C ALA D 145 1.22 -13.56 -13.69
N HIS D 146 1.21 -14.86 -14.02
CA HIS D 146 1.83 -15.85 -13.16
C HIS D 146 3.29 -15.46 -12.90
N PRO D 147 3.73 -15.54 -11.63
CA PRO D 147 5.08 -15.11 -11.24
C PRO D 147 6.19 -15.62 -12.17
N LEU D 148 5.99 -16.82 -12.74
CA LEU D 148 7.00 -17.44 -13.59
C LEU D 148 7.01 -16.97 -15.04
N LEU D 149 5.92 -16.36 -15.50
CA LEU D 149 5.87 -15.83 -16.87
C LEU D 149 6.45 -14.42 -16.95
N ILE D 150 6.37 -13.67 -15.86
CA ILE D 150 6.79 -12.27 -15.82
C ILE D 150 8.24 -12.01 -16.30
N PRO D 151 9.23 -12.78 -15.80
CA PRO D 151 10.60 -12.46 -16.17
C PRO D 151 10.94 -12.73 -17.64
N ARG D 152 10.10 -13.52 -18.31
CA ARG D 152 10.38 -13.96 -19.68
C ARG D 152 9.98 -12.92 -20.73
N ALA D 153 9.06 -12.04 -20.36
CA ALA D 153 8.45 -11.12 -21.32
C ALA D 153 9.26 -9.85 -21.57
N ASP D 154 9.25 -9.41 -22.83
CA ASP D 154 9.88 -8.16 -23.25
C ASP D 154 9.36 -6.99 -22.44
N TYR D 155 8.05 -6.96 -22.25
CA TYR D 155 7.38 -5.89 -21.52
C TYR D 155 6.35 -6.43 -20.55
N VAL D 156 6.35 -5.86 -19.34
CA VAL D 156 5.34 -6.19 -18.33
C VAL D 156 4.46 -4.96 -18.16
N THR D 157 3.16 -5.13 -18.32
CA THR D 157 2.23 -4.01 -18.16
C THR D 157 2.23 -3.49 -16.72
N ARG D 158 1.85 -2.23 -16.56
CA ARG D 158 1.64 -1.66 -15.24
C ARG D 158 0.26 -2.00 -14.74
N ILE D 159 -0.66 -2.22 -15.68
CA ILE D 159 -2.06 -2.45 -15.35
C ILE D 159 -2.38 -3.94 -15.36
N ALA D 160 -3.19 -4.38 -14.39
CA ALA D 160 -3.55 -5.79 -14.22
C ALA D 160 -4.46 -6.30 -15.34
N GLY D 161 -4.52 -7.63 -15.49
CA GLY D 161 -5.39 -8.26 -16.48
C GLY D 161 -6.84 -7.91 -16.21
N GLY D 162 -7.55 -7.52 -17.27
CA GLY D 162 -8.95 -7.14 -17.17
C GLY D 162 -9.18 -5.77 -16.55
N ARG D 163 -8.11 -5.04 -16.28
CA ARG D 163 -8.21 -3.69 -15.72
C ARG D 163 -7.78 -2.62 -16.71
N GLY D 164 -7.34 -3.05 -17.88
CA GLY D 164 -6.85 -2.13 -18.90
C GLY D 164 -5.41 -2.43 -19.29
N ALA D 165 -5.02 -3.70 -19.17
CA ALA D 165 -3.70 -4.14 -19.61
C ALA D 165 -3.62 -4.14 -21.13
N VAL D 166 -4.69 -4.61 -21.77
CA VAL D 166 -4.76 -4.62 -23.22
C VAL D 166 -4.80 -3.19 -23.77
N ARG D 167 -5.56 -2.31 -23.12
CA ARG D 167 -5.58 -0.89 -23.47
C ARG D 167 -4.19 -0.27 -23.37
N GLU D 168 -3.44 -0.64 -22.32
CA GLU D 168 -2.06 -0.19 -22.16
C GLU D 168 -1.21 -0.61 -23.36
N VAL D 169 -1.31 -1.89 -23.75
CA VAL D 169 -0.55 -2.40 -24.90
C VAL D 169 -0.97 -1.69 -26.19
N CYS D 170 -2.29 -1.55 -26.41
CA CYS D 170 -2.79 -0.80 -27.56
C CYS D 170 -2.21 0.61 -27.59
N ASP D 171 -2.23 1.28 -26.43
CA ASP D 171 -1.62 2.60 -26.28
C ASP D 171 -0.13 2.58 -26.62
N LEU D 172 0.58 1.56 -26.12
CA LEU D 172 2.01 1.40 -26.39
C LEU D 172 2.30 1.25 -27.89
N LEU D 173 1.54 0.39 -28.56
CA LEU D 173 1.71 0.17 -30.00
C LEU D 173 1.46 1.43 -30.81
N LEU D 174 0.36 2.12 -30.51
CA LEU D 174 -0.01 3.33 -31.25
C LEU D 174 0.98 4.48 -31.08
N LEU D 175 1.50 4.65 -29.87
CA LEU D 175 2.49 5.71 -29.59
C LEU D 175 3.78 5.46 -30.37
N ALA D 176 4.17 4.19 -30.46
CA ALA D 176 5.39 3.78 -31.14
C ALA D 176 5.31 3.99 -32.66
N GLN D 177 4.08 4.13 -33.17
CA GLN D 177 3.85 4.23 -34.60
C GLN D 177 3.34 5.62 -35.04
N GLY D 178 3.31 6.56 -34.10
CA GLY D 178 2.87 7.93 -34.35
C GLY D 178 1.38 8.07 -34.66
N LYS D 179 0.57 7.21 -34.06
CA LYS D 179 -0.86 7.16 -34.37
C LYS D 179 -1.76 7.45 -33.16
N LEU D 180 -1.15 7.62 -31.99
CA LEU D 180 -1.88 7.72 -30.71
C LEU D 180 -2.74 8.99 -30.56
N ASP D 181 -2.20 10.13 -30.95
CA ASP D 181 -2.92 11.41 -30.88
C ASP D 181 -4.19 11.39 -31.75
N GLU D 182 -4.10 10.72 -32.90
CA GLU D 182 -5.15 10.74 -33.91
C GLU D 182 -6.02 9.46 -33.96
N ALA D 183 -5.69 8.49 -33.11
CA ALA D 183 -6.33 7.15 -33.12
C ALA D 183 -7.86 7.20 -33.08
N LEU E 8 1.22 16.26 -22.06
CA LEU E 8 2.46 15.50 -22.40
C LEU E 8 2.94 14.56 -21.29
N ALA E 9 3.76 13.59 -21.66
CA ALA E 9 4.23 12.55 -20.74
C ALA E 9 5.54 12.90 -20.06
N THR E 10 5.67 12.48 -18.80
CA THR E 10 6.94 12.56 -18.07
C THR E 10 7.20 11.20 -17.40
N CYS E 11 8.43 11.00 -16.93
CA CYS E 11 8.81 9.72 -16.32
C CYS E 11 8.17 9.48 -14.94
N TYR E 12 7.50 10.51 -14.41
CA TYR E 12 6.73 10.39 -13.17
C TYR E 12 5.22 10.31 -13.45
N GLY E 13 4.86 10.31 -14.75
CA GLY E 13 3.46 10.29 -15.15
C GLY E 13 3.05 11.56 -15.89
N PRO E 14 1.86 11.55 -16.52
CA PRO E 14 1.46 12.67 -17.37
C PRO E 14 1.29 14.00 -16.62
N VAL E 15 1.48 15.10 -17.32
CA VAL E 15 1.23 16.44 -16.78
C VAL E 15 0.35 17.21 -17.75
N SER E 16 -0.34 18.23 -17.24
CA SER E 16 -1.23 19.05 -18.07
C SER E 16 -0.44 19.91 -19.05
N ALA E 17 -1.07 20.24 -20.17
CA ALA E 17 -0.49 21.15 -21.16
C ALA E 17 -0.14 22.48 -20.51
N ASP E 18 -1.01 22.93 -19.60
CA ASP E 18 -0.83 24.19 -18.90
C ASP E 18 0.44 24.20 -18.03
N VAL E 19 0.63 23.15 -17.24
CA VAL E 19 1.82 22.99 -16.41
C VAL E 19 3.10 22.90 -17.26
N MET E 20 3.01 22.17 -18.37
CA MET E 20 4.11 22.03 -19.32
C MET E 20 4.48 23.37 -19.96
N ALA E 21 3.47 24.19 -20.23
CA ALA E 21 3.68 25.52 -20.81
C ALA E 21 4.35 26.49 -19.82
N LYS E 22 3.98 26.38 -18.56
CA LYS E 22 4.58 27.18 -17.49
C LYS E 22 6.04 26.82 -17.29
N ALA E 23 6.32 25.51 -17.33
CA ALA E 23 7.68 24.99 -17.16
C ALA E 23 8.64 25.39 -18.28
N GLU E 24 8.09 25.66 -19.48
CA GLU E 24 8.89 26.10 -20.63
C GLU E 24 9.59 27.44 -20.41
N ASN E 25 9.01 28.28 -19.57
CA ASN E 25 9.44 29.66 -19.44
C ASN E 25 10.27 30.00 -18.22
N ILE E 26 10.47 29.03 -17.34
CA ILE E 26 11.14 29.26 -16.06
C ILE E 26 12.64 29.55 -16.22
N ARG E 27 13.04 30.75 -15.79
CA ARG E 27 14.45 31.15 -15.74
C ARG E 27 15.02 30.97 -14.34
N LEU E 28 14.13 30.95 -13.34
CA LEU E 28 14.54 30.92 -11.95
C LEU E 28 13.72 29.90 -11.13
N LEU E 29 14.43 29.01 -10.45
CA LEU E 29 13.80 28.04 -9.56
C LEU E 29 14.13 28.30 -8.10
N ILE E 30 13.13 28.71 -7.33
CA ILE E 30 13.30 28.96 -5.90
C ILE E 30 12.87 27.74 -5.11
N LEU E 31 13.71 27.35 -4.15
CA LEU E 31 13.47 26.15 -3.34
C LEU E 31 13.34 26.49 -1.86
N ASP E 32 12.37 25.87 -1.21
CA ASP E 32 12.25 25.88 0.24
C ASP E 32 13.19 24.81 0.78
N VAL E 33 13.76 25.01 1.96
CA VAL E 33 14.67 24.01 2.54
C VAL E 33 13.91 22.87 3.22
N ASP E 34 13.33 23.16 4.39
CA ASP E 34 12.73 22.15 5.24
C ASP E 34 11.41 21.63 4.69
N GLY E 35 11.37 20.32 4.44
CA GLY E 35 10.17 19.67 3.93
C GLY E 35 10.10 19.60 2.42
N VAL E 36 11.08 20.19 1.76
CA VAL E 36 11.17 20.23 0.30
C VAL E 36 12.51 19.64 -0.14
N LEU E 37 13.60 20.23 0.33
CA LEU E 37 14.95 19.72 0.07
C LEU E 37 15.33 18.65 1.10
N SER E 38 14.72 18.72 2.27
CA SER E 38 14.93 17.77 3.34
C SER E 38 13.67 16.95 3.62
N ASP E 39 13.83 15.86 4.36
CA ASP E 39 12.71 15.01 4.79
C ASP E 39 11.76 15.73 5.76
N GLY E 40 12.02 17.01 6.00
CA GLY E 40 11.19 17.83 6.90
C GLY E 40 11.65 17.83 8.34
N LEU E 41 12.76 17.15 8.62
CA LEU E 41 13.27 17.02 9.98
C LEU E 41 14.50 17.88 10.27
N ILE E 42 14.67 18.19 11.54
CA ILE E 42 15.85 18.88 12.06
C ILE E 42 16.44 18.00 13.17
N TYR E 43 17.67 17.53 12.98
CA TYR E 43 18.35 16.65 13.93
C TYR E 43 19.17 17.48 14.91
N MET E 44 18.89 17.33 16.20
CA MET E 44 19.48 18.19 17.24
C MET E 44 20.21 17.42 18.33
N GLY E 45 21.42 17.86 18.67
CA GLY E 45 22.28 17.18 19.63
C GLY E 45 22.36 17.84 21.00
N ASN E 46 23.01 17.17 21.94
CA ASN E 46 23.15 17.66 23.32
C ASN E 46 24.25 18.72 23.51
N ASN E 47 25.23 18.71 22.62
CA ASN E 47 26.28 19.74 22.58
C ASN E 47 25.97 20.83 21.56
N GLY E 48 24.69 20.95 21.20
CA GLY E 48 24.22 22.01 20.32
C GLY E 48 24.38 21.75 18.83
N GLU E 49 24.68 20.51 18.45
CA GLU E 49 24.78 20.15 17.04
C GLU E 49 23.43 20.25 16.37
N GLU E 50 23.44 20.65 15.10
CA GLU E 50 22.23 20.69 14.29
C GLU E 50 22.51 20.15 12.90
N LEU E 51 21.93 19.00 12.59
CA LEU E 51 22.12 18.35 11.29
C LEU E 51 20.84 18.32 10.48
N LYS E 52 20.99 18.37 9.16
CA LYS E 52 19.88 18.18 8.22
C LYS E 52 20.36 17.33 7.05
N ALA E 53 19.39 16.71 6.34
CA ALA E 53 19.71 15.81 5.24
C ALA E 53 19.17 16.31 3.90
N PHE E 54 20.01 16.23 2.86
CA PHE E 54 19.61 16.60 1.52
C PHE E 54 19.67 15.38 0.62
N ASN E 55 18.86 15.37 -0.43
CA ASN E 55 18.86 14.25 -1.37
C ASN E 55 19.88 14.46 -2.48
N VAL E 56 20.70 13.44 -2.67
CA VAL E 56 21.76 13.44 -3.68
C VAL E 56 21.17 13.59 -5.09
N ARG E 57 20.11 12.85 -5.39
CA ARG E 57 19.45 12.95 -6.67
C ARG E 57 18.80 14.32 -6.90
N ASP E 58 18.43 14.99 -5.81
CA ASP E 58 18.00 16.39 -5.90
C ASP E 58 19.16 17.25 -6.40
N GLY E 59 20.34 17.05 -5.80
CA GLY E 59 21.55 17.77 -6.19
C GLY E 59 21.84 17.70 -7.68
N TYR E 60 21.74 16.49 -8.24
CA TYR E 60 21.91 16.25 -9.68
C TYR E 60 20.96 17.09 -10.52
N GLY E 61 19.71 17.17 -10.09
CA GLY E 61 18.71 17.99 -10.75
C GLY E 61 19.07 19.47 -10.68
N ILE E 62 19.54 19.89 -9.51
CA ILE E 62 19.95 21.27 -9.28
C ILE E 62 21.17 21.64 -10.14
N ARG E 63 22.14 20.74 -10.21
CA ARG E 63 23.35 20.97 -11.03
C ARG E 63 23.06 20.89 -12.52
N CYS E 64 22.10 20.05 -12.91
CA CYS E 64 21.59 20.04 -14.28
C CYS E 64 20.99 21.39 -14.62
N ALA E 65 20.11 21.88 -13.74
CA ALA E 65 19.42 23.15 -13.95
C ALA E 65 20.39 24.33 -14.10
N LEU E 66 21.42 24.36 -13.26
CA LEU E 66 22.43 25.42 -13.29
C LEU E 66 23.27 25.42 -14.57
N THR E 67 23.55 24.23 -15.10
CA THR E 67 24.27 24.08 -16.37
C THR E 67 23.35 24.19 -17.59
N SER E 68 22.04 24.32 -17.33
CA SER E 68 21.04 24.41 -18.40
C SER E 68 20.34 25.78 -18.41
N ASP E 69 21.06 26.80 -17.91
CA ASP E 69 20.59 28.19 -17.91
C ASP E 69 19.32 28.41 -17.08
N ILE E 70 19.17 27.62 -16.02
CA ILE E 70 18.13 27.85 -15.02
C ILE E 70 18.81 28.17 -13.69
N GLU E 71 18.57 29.37 -13.17
CA GLU E 71 19.14 29.79 -11.89
C GLU E 71 18.33 29.24 -10.71
N VAL E 72 19.05 28.87 -9.66
CA VAL E 72 18.45 28.25 -8.48
C VAL E 72 18.67 29.13 -7.26
N ALA E 73 17.60 29.33 -6.47
CA ALA E 73 17.68 30.16 -5.27
C ALA E 73 16.96 29.55 -4.07
N ILE E 74 17.38 29.93 -2.87
CA ILE E 74 16.82 29.39 -1.64
C ILE E 74 16.48 30.52 -0.67
N ILE E 75 15.26 30.46 -0.10
CA ILE E 75 14.81 31.44 0.89
C ILE E 75 14.54 30.76 2.23
N THR E 76 15.16 31.28 3.28
CA THR E 76 15.18 30.60 4.58
C THR E 76 15.09 31.52 5.80
N GLY E 77 14.38 31.03 6.83
CA GLY E 77 14.12 31.77 8.06
C GLY E 77 15.33 32.14 8.90
N ARG E 78 16.31 31.24 9.00
CA ARG E 78 17.46 31.42 9.89
C ARG E 78 18.80 30.99 9.27
N LYS E 79 19.82 31.83 9.45
CA LYS E 79 21.16 31.66 8.86
C LYS E 79 21.91 30.42 9.39
N ALA E 80 21.47 29.23 8.96
CA ALA E 80 22.15 27.98 9.32
C ALA E 80 23.31 27.70 8.36
N LYS E 81 24.48 27.41 8.93
CA LYS E 81 25.72 27.24 8.16
C LYS E 81 25.68 26.06 7.18
N LEU E 82 24.97 24.99 7.54
CA LEU E 82 24.89 23.79 6.71
C LEU E 82 24.29 24.09 5.32
N VAL E 83 23.28 24.96 5.30
CA VAL E 83 22.61 25.36 4.05
C VAL E 83 23.60 26.07 3.13
N GLU E 84 24.43 26.95 3.71
CA GLU E 84 25.52 27.59 2.99
C GLU E 84 26.45 26.54 2.38
N ASP E 85 26.93 25.63 3.23
CA ASP E 85 27.80 24.54 2.82
C ASP E 85 27.18 23.73 1.68
N ARG E 86 25.89 23.43 1.81
CA ARG E 86 25.15 22.69 0.79
C ARG E 86 25.07 23.49 -0.51
N CYS E 87 24.79 24.79 -0.39
CA CYS E 87 24.73 25.68 -1.55
C CYS E 87 26.08 25.74 -2.26
N ALA E 88 27.17 25.78 -1.50
CA ALA E 88 28.52 25.76 -2.05
C ALA E 88 28.79 24.45 -2.82
N THR E 89 28.52 23.33 -2.15
CA THR E 89 28.63 22.01 -2.76
C THR E 89 27.97 21.96 -4.16
N LEU E 90 26.77 22.52 -4.26
CA LEU E 90 26.02 22.50 -5.52
C LEU E 90 26.23 23.74 -6.40
N GLY E 91 26.92 24.74 -5.86
CA GLY E 91 27.19 25.98 -6.59
C GLY E 91 26.00 26.91 -6.67
N ILE E 92 25.27 27.02 -5.57
CA ILE E 92 24.15 27.96 -5.46
C ILE E 92 24.65 29.26 -4.83
N THR E 93 24.58 30.34 -5.59
CA THR E 93 25.11 31.63 -5.17
C THR E 93 24.02 32.53 -4.57
N HIS E 94 22.77 32.17 -4.85
CA HIS E 94 21.63 32.94 -4.36
C HIS E 94 20.99 32.30 -3.13
N LEU E 95 21.43 32.75 -1.96
CA LEU E 95 20.95 32.25 -0.70
C LEU E 95 20.53 33.39 0.23
N TYR E 96 19.21 33.59 0.34
CA TYR E 96 18.66 34.56 1.27
C TYR E 96 18.34 33.84 2.59
N GLN E 97 19.01 34.26 3.65
CA GLN E 97 18.83 33.66 4.98
C GLN E 97 18.49 34.70 6.03
N GLY E 98 17.75 34.28 7.04
CA GLY E 98 17.26 35.18 8.08
C GLY E 98 16.07 35.98 7.56
N GLN E 99 15.06 35.24 7.09
CA GLN E 99 13.95 35.86 6.36
C GLN E 99 12.59 35.74 7.07
N SER E 100 12.10 36.88 7.56
CA SER E 100 10.76 37.00 8.12
C SER E 100 9.76 36.72 7.00
N ASN E 101 9.61 37.71 6.11
CA ASN E 101 8.92 37.51 4.84
C ASN E 101 9.74 36.59 3.96
N LYS E 102 9.05 35.91 3.05
CA LYS E 102 9.72 35.31 1.92
C LYS E 102 9.47 36.25 0.73
N LEU E 103 8.58 37.21 0.92
CA LEU E 103 8.22 38.20 -0.09
C LEU E 103 9.32 39.24 -0.31
N ILE E 104 9.88 39.75 0.78
CA ILE E 104 10.97 40.74 0.70
C ILE E 104 12.17 40.13 -0.04
N ALA E 105 12.54 38.91 0.33
CA ALA E 105 13.62 38.18 -0.34
C ALA E 105 13.28 37.91 -1.81
N PHE E 106 12.03 37.56 -2.07
CA PHE E 106 11.52 37.31 -3.42
C PHE E 106 11.62 38.55 -4.31
N SER E 107 11.27 39.71 -3.77
CA SER E 107 11.33 40.97 -4.50
C SER E 107 12.75 41.37 -4.87
N ASP E 108 13.69 41.16 -3.94
CA ASP E 108 15.11 41.50 -4.17
C ASP E 108 15.73 40.59 -5.22
N LEU E 109 15.30 39.33 -5.23
CA LEU E 109 15.76 38.36 -6.19
C LEU E 109 15.37 38.78 -7.61
N LEU E 110 14.15 39.28 -7.75
CA LEU E 110 13.63 39.75 -9.03
C LEU E 110 14.29 41.05 -9.49
N GLU E 111 14.65 41.91 -8.53
CA GLU E 111 15.39 43.14 -8.84
C GLU E 111 16.81 42.83 -9.27
N LYS E 112 17.47 41.92 -8.54
CA LYS E 112 18.87 41.57 -8.76
C LYS E 112 19.12 40.83 -10.08
N LEU E 113 18.06 40.23 -10.63
CA LEU E 113 18.19 39.41 -11.84
C LEU E 113 17.32 39.86 -13.02
N ALA E 114 16.52 40.90 -12.81
CA ALA E 114 15.58 41.41 -13.82
C ALA E 114 14.80 40.28 -14.52
N ILE E 115 14.06 39.52 -13.72
CA ILE E 115 13.27 38.39 -14.21
C ILE E 115 11.81 38.56 -13.79
N ALA E 116 10.91 38.45 -14.76
CA ALA E 116 9.47 38.57 -14.52
C ALA E 116 8.93 37.43 -13.65
N PRO E 117 7.84 37.69 -12.88
CA PRO E 117 7.30 36.68 -11.97
C PRO E 117 6.80 35.40 -12.65
N GLU E 118 6.33 35.51 -13.89
CA GLU E 118 5.84 34.34 -14.64
C GLU E 118 6.97 33.44 -15.15
N ASN E 119 8.20 33.96 -15.12
CA ASN E 119 9.38 33.17 -15.46
C ASN E 119 10.06 32.56 -14.22
N VAL E 120 9.31 32.46 -13.12
CA VAL E 120 9.85 31.94 -11.86
C VAL E 120 9.02 30.77 -11.34
N ALA E 121 9.71 29.70 -10.95
CA ALA E 121 9.08 28.56 -10.29
C ALA E 121 9.48 28.52 -8.81
N TYR E 122 8.55 28.06 -7.97
CA TYR E 122 8.80 27.91 -6.53
C TYR E 122 8.27 26.56 -6.04
N VAL E 123 9.06 25.89 -5.22
CA VAL E 123 8.65 24.61 -4.63
C VAL E 123 8.49 24.73 -3.11
N GLY E 124 7.29 24.44 -2.62
CA GLY E 124 6.97 24.58 -1.19
C GLY E 124 6.35 23.35 -0.55
N ASP E 125 6.17 23.41 0.77
CA ASP E 125 5.58 22.30 1.53
C ASP E 125 4.65 22.73 2.69
N ASP E 126 4.71 24.01 3.07
CA ASP E 126 3.89 24.51 4.19
C ASP E 126 3.24 25.85 3.85
N LEU E 127 2.32 26.31 4.71
CA LEU E 127 1.50 27.50 4.43
C LEU E 127 2.25 28.84 4.32
N ILE E 128 3.42 28.94 4.96
CA ILE E 128 4.28 30.13 4.83
C ILE E 128 4.89 30.27 3.42
N ASP E 129 4.91 29.19 2.67
CA ASP E 129 5.42 29.19 1.31
C ASP E 129 4.45 29.82 0.32
N TRP E 130 3.17 29.88 0.68
CA TRP E 130 2.14 30.28 -0.27
C TRP E 130 2.23 31.69 -0.88
N PRO E 131 2.37 32.75 -0.03
CA PRO E 131 2.32 34.12 -0.57
C PRO E 131 3.26 34.35 -1.78
N VAL E 132 4.39 33.65 -1.79
CA VAL E 132 5.34 33.71 -2.90
C VAL E 132 4.85 32.84 -4.06
N MET E 133 4.34 31.67 -3.74
CA MET E 133 3.82 30.73 -4.73
C MET E 133 2.63 31.29 -5.49
N GLU E 134 1.89 32.19 -4.84
CA GLU E 134 0.75 32.84 -5.45
C GLU E 134 1.16 33.70 -6.65
N LYS E 135 2.33 34.33 -6.54
CA LYS E 135 2.78 35.32 -7.52
C LYS E 135 3.67 34.77 -8.65
N VAL E 136 4.21 33.57 -8.48
CA VAL E 136 5.14 33.00 -9.46
C VAL E 136 4.45 32.39 -10.69
N GLY E 137 5.24 32.05 -11.70
CA GLY E 137 4.74 31.44 -12.92
C GLY E 137 4.29 30.00 -12.74
N LEU E 138 5.17 29.19 -12.15
CA LEU E 138 4.83 27.80 -11.83
C LEU E 138 4.97 27.56 -10.33
N SER E 139 3.85 27.31 -9.66
CA SER E 139 3.85 27.01 -8.24
C SER E 139 3.81 25.49 -8.02
N VAL E 140 4.75 25.00 -7.20
CA VAL E 140 4.88 23.57 -6.98
C VAL E 140 4.75 23.22 -5.50
N ALA E 141 3.99 22.16 -5.21
CA ALA E 141 3.91 21.59 -3.87
C ALA E 141 4.34 20.13 -3.89
N VAL E 142 5.20 19.75 -2.94
CA VAL E 142 5.71 18.38 -2.86
C VAL E 142 4.60 17.39 -2.48
N ALA E 143 4.77 16.12 -2.85
CA ALA E 143 3.77 15.08 -2.59
C ALA E 143 3.23 15.09 -1.15
N ASP E 144 4.15 15.15 -0.20
CA ASP E 144 3.79 15.09 1.22
C ASP E 144 3.79 16.47 1.90
N ALA E 145 3.41 17.49 1.13
CA ALA E 145 3.24 18.84 1.67
C ALA E 145 1.98 18.91 2.53
N HIS E 146 1.84 19.98 3.31
CA HIS E 146 0.65 20.18 4.13
C HIS E 146 -0.61 20.12 3.27
N PRO E 147 -1.63 19.37 3.74
CA PRO E 147 -2.92 19.15 3.07
C PRO E 147 -3.54 20.42 2.47
N LEU E 148 -3.35 21.55 3.12
CA LEU E 148 -3.96 22.82 2.66
C LEU E 148 -3.19 23.54 1.55
N LEU E 149 -1.91 23.21 1.37
CA LEU E 149 -1.10 23.82 0.32
C LEU E 149 -1.31 23.17 -1.05
N ILE E 150 -1.41 21.84 -1.04
CA ILE E 150 -1.53 21.01 -2.25
C ILE E 150 -2.54 21.49 -3.31
N PRO E 151 -3.80 21.78 -2.93
CA PRO E 151 -4.78 22.13 -3.97
C PRO E 151 -4.54 23.50 -4.62
N ARG E 152 -3.67 24.31 -4.00
CA ARG E 152 -3.40 25.67 -4.48
C ARG E 152 -2.31 25.72 -5.54
N ALA E 153 -1.40 24.74 -5.51
CA ALA E 153 -0.24 24.73 -6.40
C ALA E 153 -0.61 24.37 -7.83
N ASP E 154 0.13 24.95 -8.79
CA ASP E 154 0.00 24.59 -10.20
C ASP E 154 0.32 23.12 -10.43
N TYR E 155 1.39 22.64 -9.79
CA TYR E 155 1.84 21.26 -9.92
C TYR E 155 2.10 20.62 -8.56
N VAL E 156 1.73 19.34 -8.43
CA VAL E 156 2.01 18.56 -7.22
C VAL E 156 2.95 17.40 -7.57
N THR E 157 4.15 17.38 -7.00
CA THR E 157 5.12 16.32 -7.28
C THR E 157 4.63 14.95 -6.82
N ARG E 158 5.09 13.91 -7.50
CA ARG E 158 4.77 12.54 -7.08
C ARG E 158 5.70 12.10 -5.94
N ILE E 159 6.89 12.69 -5.89
CA ILE E 159 7.91 12.31 -4.92
C ILE E 159 7.87 13.24 -3.70
N ALA E 160 8.25 12.70 -2.54
CA ALA E 160 8.17 13.42 -1.28
C ALA E 160 9.33 14.37 -1.05
N GLY E 161 9.18 15.28 -0.07
CA GLY E 161 10.24 16.18 0.32
C GLY E 161 11.47 15.43 0.79
N GLY E 162 12.64 15.86 0.31
CA GLY E 162 13.92 15.23 0.65
C GLY E 162 14.04 13.80 0.14
N ARG E 163 13.16 13.43 -0.79
CA ARG E 163 13.17 12.09 -1.39
C ARG E 163 13.35 12.15 -2.91
N GLY E 164 13.39 13.36 -3.45
CA GLY E 164 13.60 13.56 -4.88
C GLY E 164 12.56 14.41 -5.57
N ALA E 165 11.78 15.15 -4.79
CA ALA E 165 10.76 16.06 -5.33
C ALA E 165 11.39 17.20 -6.12
N VAL E 166 12.52 17.71 -5.64
CA VAL E 166 13.25 18.78 -6.32
C VAL E 166 13.81 18.29 -7.66
N ARG E 167 14.26 17.04 -7.69
CA ARG E 167 14.71 16.40 -8.93
C ARG E 167 13.58 16.33 -9.95
N GLU E 168 12.38 15.97 -9.48
CA GLU E 168 11.19 15.89 -10.34
C GLU E 168 10.89 17.24 -11.01
N VAL E 169 10.98 18.32 -10.24
CA VAL E 169 10.75 19.68 -10.75
C VAL E 169 11.85 20.10 -11.72
N CYS E 170 13.11 19.84 -11.36
CA CYS E 170 14.23 20.06 -12.26
C CYS E 170 14.01 19.28 -13.56
N ASP E 171 13.73 17.98 -13.42
CA ASP E 171 13.42 17.11 -14.56
C ASP E 171 12.29 17.64 -15.42
N LEU E 172 11.29 18.26 -14.78
CA LEU E 172 10.16 18.84 -15.50
C LEU E 172 10.58 20.06 -16.31
N LEU E 173 11.34 20.96 -15.67
CA LEU E 173 11.81 22.17 -16.32
C LEU E 173 12.74 21.87 -17.50
N LEU E 174 13.57 20.84 -17.37
CA LEU E 174 14.45 20.42 -18.46
C LEU E 174 13.65 19.85 -19.63
N LEU E 175 12.75 18.93 -19.34
CA LEU E 175 11.91 18.29 -20.37
C LEU E 175 11.10 19.31 -21.17
N ALA E 176 10.36 20.16 -20.45
CA ALA E 176 9.54 21.21 -21.06
C ALA E 176 10.33 22.14 -21.96
N GLN E 177 11.58 22.41 -21.56
CA GLN E 177 12.47 23.26 -22.33
C GLN E 177 13.35 22.46 -23.30
N GLY E 178 13.13 21.14 -23.34
CA GLY E 178 13.84 20.25 -24.27
C GLY E 178 15.34 20.19 -24.07
N LYS E 179 15.77 20.23 -22.81
CA LYS E 179 17.19 20.19 -22.47
C LYS E 179 17.54 18.93 -21.69
N LEU E 180 16.54 18.10 -21.43
CA LEU E 180 16.67 16.94 -20.55
C LEU E 180 17.68 15.89 -21.02
N ASP E 181 17.54 15.42 -22.26
CA ASP E 181 18.42 14.37 -22.80
C ASP E 181 19.90 14.75 -22.74
N GLU E 182 20.20 16.02 -23.01
CA GLU E 182 21.58 16.51 -23.06
C GLU E 182 22.10 17.02 -21.71
N ALA E 183 21.20 17.31 -20.78
CA ALA E 183 21.54 17.86 -19.47
C ALA E 183 22.54 17.00 -18.69
N LYS E 184 23.63 17.63 -18.23
CA LYS E 184 24.65 16.95 -17.45
C LYS E 184 24.72 17.51 -16.03
N GLY E 185 24.62 16.62 -15.04
CA GLY E 185 24.73 16.99 -13.64
C GLY E 185 25.62 16.04 -12.86
N GLN E 186 25.71 16.26 -11.54
CA GLN E 186 26.46 15.37 -10.65
C GLN E 186 25.54 14.93 -9.51
N SER E 187 25.48 13.62 -9.26
CA SER E 187 24.61 13.08 -8.22
C SER E 187 25.29 13.20 -6.85
N ILE E 188 25.27 14.42 -6.32
CA ILE E 188 26.00 14.80 -5.11
C ILE E 188 25.18 15.78 -4.27
N LEU F 8 16.11 -20.62 -11.64
CA LEU F 8 15.51 -19.26 -11.83
C LEU F 8 14.92 -18.69 -10.55
N ALA F 9 14.80 -19.52 -9.51
CA ALA F 9 14.19 -19.08 -8.25
C ALA F 9 15.20 -18.46 -7.30
N THR F 10 14.89 -17.25 -6.83
CA THR F 10 15.67 -16.60 -5.78
C THR F 10 14.75 -16.23 -4.63
N CYS F 11 15.33 -15.98 -3.45
CA CYS F 11 14.56 -15.64 -2.25
C CYS F 11 13.91 -14.25 -2.36
N TYR F 12 14.24 -13.53 -3.42
CA TYR F 12 13.64 -12.21 -3.68
C TYR F 12 12.55 -12.29 -4.76
N GLY F 13 12.41 -13.45 -5.38
CA GLY F 13 11.47 -13.65 -6.48
C GLY F 13 12.15 -14.22 -7.70
N PRO F 14 11.37 -14.64 -8.72
CA PRO F 14 11.93 -15.25 -9.94
C PRO F 14 12.79 -14.27 -10.74
N VAL F 15 13.92 -14.76 -11.26
CA VAL F 15 14.76 -13.97 -12.18
C VAL F 15 14.94 -14.72 -13.50
N SER F 16 15.18 -13.98 -14.59
CA SER F 16 15.29 -14.57 -15.91
C SER F 16 16.56 -15.40 -16.10
N ALA F 17 16.50 -16.36 -17.01
CA ALA F 17 17.64 -17.19 -17.38
C ALA F 17 18.82 -16.35 -17.85
N ASP F 18 18.50 -15.23 -18.49
CA ASP F 18 19.47 -14.29 -19.00
C ASP F 18 20.24 -13.60 -17.87
N VAL F 19 19.53 -13.10 -16.87
CA VAL F 19 20.17 -12.44 -15.72
C VAL F 19 20.99 -13.43 -14.89
N MET F 20 20.47 -14.64 -14.71
CA MET F 20 21.19 -15.69 -13.97
C MET F 20 22.45 -16.14 -14.71
N ALA F 21 22.37 -16.23 -16.04
CA ALA F 21 23.53 -16.57 -16.86
C ALA F 21 24.59 -15.46 -16.79
N LYS F 22 24.12 -14.22 -16.71
CA LYS F 22 24.99 -13.05 -16.56
C LYS F 22 25.68 -13.02 -15.19
N ALA F 23 24.93 -13.35 -14.14
CA ALA F 23 25.43 -13.34 -12.77
C ALA F 23 26.40 -14.49 -12.50
N GLU F 24 26.23 -15.60 -13.23
CA GLU F 24 27.15 -16.74 -13.17
C GLU F 24 28.62 -16.33 -13.38
N ASN F 25 28.84 -15.24 -14.12
CA ASN F 25 30.18 -14.84 -14.57
C ASN F 25 30.84 -13.64 -13.89
N ILE F 26 30.33 -13.22 -12.74
CA ILE F 26 30.80 -11.98 -12.11
C ILE F 26 32.03 -12.19 -11.21
N ARG F 27 33.12 -11.50 -11.54
CA ARG F 27 34.33 -11.51 -10.73
C ARG F 27 34.53 -10.18 -10.00
N LEU F 28 33.68 -9.19 -10.33
CA LEU F 28 33.82 -7.84 -9.78
C LEU F 28 32.46 -7.14 -9.64
N LEU F 29 32.21 -6.62 -8.44
CA LEU F 29 30.99 -5.86 -8.18
C LEU F 29 31.31 -4.40 -7.84
N ILE F 30 30.99 -3.52 -8.77
CA ILE F 30 31.14 -2.08 -8.56
C ILE F 30 29.84 -1.51 -7.99
N LEU F 31 29.97 -0.59 -7.03
CA LEU F 31 28.83 0.01 -6.37
C LEU F 31 28.96 1.53 -6.27
N ASP F 32 27.89 2.24 -6.62
CA ASP F 32 27.74 3.65 -6.25
C ASP F 32 27.39 3.66 -4.76
N VAL F 33 27.53 4.80 -4.10
CA VAL F 33 27.24 4.86 -2.67
C VAL F 33 25.85 5.44 -2.37
N ASP F 34 25.64 6.69 -2.78
CA ASP F 34 24.44 7.43 -2.44
C ASP F 34 23.27 6.99 -3.33
N GLY F 35 22.26 6.40 -2.69
CA GLY F 35 21.10 5.86 -3.39
C GLY F 35 21.22 4.37 -3.69
N VAL F 36 22.36 3.78 -3.32
CA VAL F 36 22.61 2.35 -3.51
C VAL F 36 22.99 1.70 -2.18
N LEU F 37 24.10 2.14 -1.61
CA LEU F 37 24.54 1.72 -0.28
C LEU F 37 23.87 2.53 0.82
N SER F 38 23.18 3.59 0.42
CA SER F 38 22.41 4.45 1.31
C SER F 38 21.07 4.79 0.63
N ASP F 39 20.20 5.51 1.34
CA ASP F 39 18.92 5.92 0.75
C ASP F 39 19.04 7.29 0.06
N GLY F 40 20.26 7.66 -0.30
CA GLY F 40 20.54 8.87 -1.06
C GLY F 40 20.62 10.14 -0.23
N LEU F 41 20.65 9.99 1.09
CA LEU F 41 20.66 11.13 1.99
C LEU F 41 22.06 11.51 2.46
N ILE F 42 22.27 12.81 2.60
CA ILE F 42 23.51 13.39 3.12
C ILE F 42 23.18 14.25 4.33
N TYR F 43 23.61 13.81 5.52
CA TYR F 43 23.42 14.61 6.73
C TYR F 43 24.56 15.61 6.88
N MET F 44 24.21 16.90 7.01
CA MET F 44 25.20 17.98 7.09
C MET F 44 24.96 18.88 8.30
N GLY F 45 26.02 19.13 9.06
CA GLY F 45 25.92 19.88 10.32
C GLY F 45 26.32 21.34 10.24
N ASN F 46 26.25 22.01 11.38
CA ASN F 46 26.58 23.45 11.48
C ASN F 46 28.08 23.73 11.70
N ASN F 47 28.84 22.67 11.95
CA ASN F 47 30.30 22.76 12.08
C ASN F 47 31.00 21.91 11.02
N GLY F 48 30.30 21.70 9.90
CA GLY F 48 30.81 20.87 8.81
C GLY F 48 30.77 19.37 9.08
N GLU F 49 29.95 18.95 10.05
CA GLU F 49 29.81 17.52 10.35
C GLU F 49 29.06 16.85 9.20
N GLU F 50 29.61 15.76 8.71
CA GLU F 50 28.92 14.98 7.68
C GLU F 50 28.57 13.59 8.20
N LEU F 51 27.36 13.14 7.89
CA LEU F 51 26.95 11.78 8.20
C LEU F 51 26.33 11.10 6.98
N LYS F 52 26.65 9.82 6.83
CA LYS F 52 26.02 8.96 5.84
C LYS F 52 25.61 7.66 6.55
N ALA F 53 24.54 7.03 6.06
CA ALA F 53 24.04 5.81 6.67
C ALA F 53 24.31 4.60 5.79
N PHE F 54 24.88 3.56 6.39
CA PHE F 54 25.16 2.31 5.70
C PHE F 54 24.33 1.18 6.29
N ASN F 55 24.09 0.15 5.48
CA ASN F 55 23.23 -0.95 5.89
C ASN F 55 24.04 -2.17 6.29
N VAL F 56 23.79 -2.67 7.49
CA VAL F 56 24.58 -3.78 8.06
C VAL F 56 24.48 -5.08 7.25
N ARG F 57 23.30 -5.34 6.67
CA ARG F 57 23.09 -6.54 5.86
C ARG F 57 23.71 -6.41 4.47
N ASP F 58 23.84 -5.17 4.00
CA ASP F 58 24.62 -4.90 2.80
C ASP F 58 26.06 -5.29 3.07
N GLY F 59 26.54 -4.93 4.25
CA GLY F 59 27.88 -5.31 4.72
C GLY F 59 28.12 -6.80 4.71
N TYR F 60 27.19 -7.56 5.28
CA TYR F 60 27.27 -9.02 5.31
C TYR F 60 27.45 -9.60 3.91
N GLY F 61 26.61 -9.13 2.98
CA GLY F 61 26.66 -9.56 1.59
C GLY F 61 27.98 -9.23 0.90
N ILE F 62 28.54 -8.06 1.21
CA ILE F 62 29.83 -7.64 0.68
C ILE F 62 30.94 -8.55 1.24
N ARG F 63 30.84 -8.87 2.53
CA ARG F 63 31.76 -9.79 3.17
C ARG F 63 31.71 -11.18 2.53
N CYS F 64 30.49 -11.67 2.28
CA CYS F 64 30.29 -12.94 1.59
C CYS F 64 30.91 -12.91 0.18
N ALA F 65 30.66 -11.81 -0.54
CA ALA F 65 31.17 -11.64 -1.90
C ALA F 65 32.70 -11.69 -1.93
N LEU F 66 33.34 -11.03 -0.97
CA LEU F 66 34.79 -10.93 -0.93
C LEU F 66 35.48 -12.23 -0.51
N THR F 67 34.82 -13.00 0.34
CA THR F 67 35.38 -14.28 0.80
C THR F 67 35.05 -15.44 -0.16
N SER F 68 34.26 -15.13 -1.20
CA SER F 68 33.87 -16.13 -2.19
C SER F 68 34.35 -15.77 -3.60
N ASP F 69 35.59 -15.30 -3.69
CA ASP F 69 36.26 -14.92 -4.94
C ASP F 69 35.45 -14.00 -5.86
N ILE F 70 34.96 -12.90 -5.28
CA ILE F 70 34.33 -11.83 -6.03
C ILE F 70 34.79 -10.51 -5.44
N GLU F 71 35.52 -9.73 -6.23
CA GLU F 71 35.98 -8.42 -5.77
C GLU F 71 34.84 -7.41 -5.69
N VAL F 72 34.99 -6.44 -4.79
CA VAL F 72 34.05 -5.35 -4.65
C VAL F 72 34.79 -4.03 -4.83
N ALA F 73 34.23 -3.13 -5.63
CA ALA F 73 34.80 -1.81 -5.86
C ALA F 73 33.74 -0.73 -5.67
N ILE F 74 34.19 0.50 -5.41
CA ILE F 74 33.27 1.62 -5.22
C ILE F 74 33.68 2.83 -6.06
N ILE F 75 32.73 3.36 -6.83
CA ILE F 75 32.93 4.61 -7.56
C ILE F 75 31.82 5.60 -7.22
N THR F 76 32.20 6.73 -6.61
CA THR F 76 31.23 7.73 -6.15
C THR F 76 31.63 9.17 -6.49
N GLY F 77 30.62 10.01 -6.70
CA GLY F 77 30.82 11.41 -7.05
C GLY F 77 31.29 12.30 -5.92
N ARG F 78 30.84 11.99 -4.70
CA ARG F 78 31.24 12.74 -3.51
C ARG F 78 32.56 12.25 -2.95
N LYS F 79 33.13 13.01 -2.02
CA LYS F 79 34.35 12.60 -1.32
C LYS F 79 34.23 12.91 0.17
N ALA F 80 34.32 11.86 0.99
CA ALA F 80 34.24 11.98 2.44
C ALA F 80 35.09 10.92 3.12
N LYS F 81 35.72 11.29 4.24
CA LYS F 81 36.50 10.38 5.05
C LYS F 81 35.68 9.17 5.53
N LEU F 82 34.43 9.42 5.93
CA LEU F 82 33.54 8.37 6.42
C LEU F 82 33.42 7.17 5.45
N VAL F 83 33.52 7.46 4.15
CA VAL F 83 33.40 6.42 3.11
C VAL F 83 34.62 5.49 3.12
N GLU F 84 35.80 6.05 3.37
CA GLU F 84 37.03 5.27 3.54
C GLU F 84 36.90 4.36 4.76
N ASP F 85 36.37 4.92 5.85
CA ASP F 85 36.19 4.20 7.10
C ASP F 85 35.29 2.97 6.93
N ARG F 86 34.13 3.16 6.29
CA ARG F 86 33.21 2.08 5.96
C ARG F 86 33.88 1.04 5.06
N CYS F 87 34.66 1.51 4.08
CA CYS F 87 35.42 0.63 3.20
C CYS F 87 36.41 -0.24 3.96
N ALA F 88 37.11 0.34 4.94
CA ALA F 88 38.06 -0.38 5.78
C ALA F 88 37.37 -1.41 6.66
N THR F 89 36.23 -1.03 7.24
CA THR F 89 35.41 -1.92 8.06
C THR F 89 35.01 -3.19 7.29
N LEU F 90 34.72 -3.02 6.00
CA LEU F 90 34.23 -4.12 5.16
C LEU F 90 35.32 -4.82 4.34
N GLY F 91 36.55 -4.31 4.41
CA GLY F 91 37.66 -4.89 3.65
C GLY F 91 37.60 -4.63 2.15
N ILE F 92 37.13 -3.44 1.78
CA ILE F 92 37.10 -3.00 0.39
C ILE F 92 38.38 -2.23 0.08
N THR F 93 39.21 -2.79 -0.81
CA THR F 93 40.53 -2.22 -1.08
C THR F 93 40.59 -1.29 -2.29
N HIS F 94 39.49 -1.22 -3.06
CA HIS F 94 39.45 -0.38 -4.26
C HIS F 94 38.30 0.62 -4.22
N LEU F 95 38.65 1.89 -4.05
CA LEU F 95 37.68 2.97 -3.86
C LEU F 95 38.07 4.23 -4.66
N TYR F 96 37.09 4.85 -5.30
CA TYR F 96 37.31 6.09 -6.05
C TYR F 96 36.24 7.12 -5.68
N GLN F 97 36.70 8.27 -5.19
CA GLN F 97 35.81 9.35 -4.75
C GLN F 97 36.08 10.61 -5.56
N GLY F 98 35.14 11.57 -5.49
CA GLY F 98 35.28 12.85 -6.17
C GLY F 98 35.31 12.70 -7.68
N GLN F 99 34.48 11.79 -8.18
CA GLN F 99 34.52 11.38 -9.57
C GLN F 99 33.11 11.34 -10.14
N SER F 100 32.80 12.25 -11.06
CA SER F 100 31.52 12.21 -11.77
C SER F 100 31.63 11.66 -13.20
N ASN F 101 32.82 11.69 -13.77
CA ASN F 101 33.11 10.87 -14.94
C ASN F 101 33.62 9.51 -14.48
N LYS F 102 32.68 8.59 -14.27
CA LYS F 102 32.97 7.29 -13.67
C LYS F 102 33.66 6.31 -14.63
N LEU F 103 33.69 6.66 -15.91
CA LEU F 103 34.36 5.86 -16.95
C LEU F 103 35.87 5.73 -16.70
N ILE F 104 36.47 6.75 -16.10
CA ILE F 104 37.91 6.77 -15.82
C ILE F 104 38.28 5.73 -14.75
N ALA F 105 37.68 5.87 -13.57
CA ALA F 105 37.89 4.93 -12.47
C ALA F 105 37.63 3.49 -12.92
N PHE F 106 36.58 3.32 -13.73
CA PHE F 106 36.21 2.03 -14.32
C PHE F 106 37.32 1.44 -15.19
N SER F 107 37.92 2.28 -16.04
CA SER F 107 39.01 1.86 -16.92
C SER F 107 40.28 1.52 -16.16
N ASP F 108 40.49 2.22 -15.04
CA ASP F 108 41.61 1.97 -14.14
C ASP F 108 41.47 0.58 -13.51
N LEU F 109 40.24 0.24 -13.14
CA LEU F 109 39.90 -1.06 -12.56
C LEU F 109 40.08 -2.24 -13.52
N LEU F 110 39.70 -2.03 -14.77
CA LEU F 110 39.85 -3.06 -15.80
C LEU F 110 41.33 -3.37 -16.05
N GLU F 111 42.18 -2.35 -15.88
CA GLU F 111 43.63 -2.51 -16.00
C GLU F 111 44.22 -3.27 -14.82
N LYS F 112 43.96 -2.77 -13.61
CA LYS F 112 44.65 -3.21 -12.39
C LYS F 112 44.29 -4.63 -11.94
N LEU F 113 43.13 -5.12 -12.37
CA LEU F 113 42.66 -6.44 -11.97
C LEU F 113 42.56 -7.41 -13.15
N ALA F 114 43.04 -6.95 -14.31
CA ALA F 114 43.02 -7.73 -15.56
C ALA F 114 41.69 -8.47 -15.76
N ILE F 115 40.61 -7.70 -15.93
CA ILE F 115 39.27 -8.28 -15.99
C ILE F 115 38.41 -7.70 -17.13
N ALA F 116 37.88 -8.59 -17.97
CA ALA F 116 37.01 -8.22 -19.07
C ALA F 116 35.70 -7.61 -18.55
N PRO F 117 35.19 -6.56 -19.24
CA PRO F 117 34.01 -5.84 -18.75
C PRO F 117 32.74 -6.69 -18.60
N GLU F 118 32.65 -7.79 -19.35
CA GLU F 118 31.50 -8.69 -19.25
C GLU F 118 31.53 -9.61 -18.02
N ASN F 119 32.60 -9.51 -17.23
CA ASN F 119 32.69 -10.21 -15.95
C ASN F 119 32.47 -9.26 -14.76
N VAL F 120 31.86 -8.12 -15.04
CA VAL F 120 31.68 -7.04 -14.07
C VAL F 120 30.20 -6.70 -13.89
N ALA F 121 29.76 -6.65 -12.64
CA ALA F 121 28.43 -6.18 -12.29
C ALA F 121 28.52 -4.78 -11.69
N TYR F 122 27.54 -3.94 -12.01
CA TYR F 122 27.49 -2.55 -11.51
C TYR F 122 26.09 -2.20 -11.00
N VAL F 123 26.03 -1.68 -9.77
CA VAL F 123 24.76 -1.29 -9.15
C VAL F 123 24.72 0.23 -8.94
N GLY F 124 23.74 0.88 -9.58
CA GLY F 124 23.61 2.35 -9.55
C GLY F 124 22.16 2.82 -9.47
N ASP F 125 21.98 4.10 -9.14
CA ASP F 125 20.63 4.65 -8.94
C ASP F 125 20.33 5.89 -9.78
N ASP F 126 21.36 6.59 -10.24
CA ASP F 126 21.15 7.79 -11.04
C ASP F 126 21.76 7.65 -12.43
N LEU F 127 21.45 8.61 -13.31
CA LEU F 127 21.90 8.62 -14.70
C LEU F 127 23.42 8.74 -14.85
N ILE F 128 24.08 9.23 -13.81
CA ILE F 128 25.54 9.33 -13.80
C ILE F 128 26.21 7.94 -13.84
N ASP F 129 25.47 6.92 -13.39
CA ASP F 129 25.98 5.55 -13.32
C ASP F 129 25.95 4.82 -14.65
N TRP F 130 24.97 5.18 -15.49
CA TRP F 130 24.71 4.46 -16.76
C TRP F 130 25.89 4.34 -17.74
N PRO F 131 26.69 5.42 -17.92
CA PRO F 131 27.85 5.27 -18.82
C PRO F 131 28.63 3.96 -18.59
N VAL F 132 28.82 3.60 -17.32
CA VAL F 132 29.53 2.38 -16.95
C VAL F 132 28.64 1.15 -17.07
N MET F 133 27.38 1.27 -16.63
CA MET F 133 26.40 0.18 -16.67
C MET F 133 26.16 -0.38 -18.07
N GLU F 134 26.28 0.50 -19.07
CA GLU F 134 26.11 0.13 -20.48
C GLU F 134 27.20 -0.82 -20.98
N LYS F 135 28.36 -0.77 -20.36
CA LYS F 135 29.54 -1.52 -20.80
C LYS F 135 29.76 -2.83 -20.03
N VAL F 136 29.19 -2.92 -18.83
CA VAL F 136 29.42 -4.07 -17.95
C VAL F 136 28.56 -5.29 -18.32
N GLY F 137 28.92 -6.44 -17.77
CA GLY F 137 28.18 -7.69 -17.99
C GLY F 137 26.79 -7.65 -17.42
N LEU F 138 26.67 -7.36 -16.12
CA LEU F 138 25.38 -7.28 -15.45
C LEU F 138 25.14 -5.90 -14.82
N SER F 139 24.24 -5.13 -15.42
CA SER F 139 23.90 -3.81 -14.88
C SER F 139 22.63 -3.87 -14.02
N VAL F 140 22.72 -3.27 -12.84
CA VAL F 140 21.65 -3.35 -11.85
C VAL F 140 21.19 -1.94 -11.45
N ALA F 141 19.88 -1.73 -11.49
CA ALA F 141 19.29 -0.52 -10.93
C ALA F 141 18.47 -0.88 -9.69
N VAL F 142 18.58 -0.06 -8.65
CA VAL F 142 17.85 -0.31 -7.41
C VAL F 142 16.36 0.00 -7.58
N ALA F 143 15.51 -0.68 -6.80
CA ALA F 143 14.05 -0.55 -6.91
C ALA F 143 13.57 0.90 -7.02
N ASP F 144 14.23 1.80 -6.29
CA ASP F 144 13.90 3.22 -6.32
C ASP F 144 14.97 4.07 -7.02
N ALA F 145 15.64 3.49 -8.01
CA ALA F 145 16.55 4.26 -8.87
C ALA F 145 15.73 5.28 -9.64
N HIS F 146 16.38 6.37 -10.06
CA HIS F 146 15.73 7.38 -10.89
C HIS F 146 14.97 6.71 -12.05
N PRO F 147 13.71 7.13 -12.28
CA PRO F 147 12.82 6.45 -13.24
C PRO F 147 13.40 6.23 -14.63
N LEU F 148 14.33 7.08 -15.05
CA LEU F 148 14.95 6.95 -16.36
C LEU F 148 16.06 5.89 -16.43
N LEU F 149 16.62 5.54 -15.28
CA LEU F 149 17.62 4.47 -15.22
C LEU F 149 16.98 3.08 -15.34
N ILE F 150 15.88 2.88 -14.60
CA ILE F 150 15.20 1.58 -14.48
C ILE F 150 15.06 0.76 -15.78
N PRO F 151 14.52 1.36 -16.87
CA PRO F 151 14.31 0.54 -18.07
C PRO F 151 15.61 0.08 -18.74
N ARG F 152 16.73 0.71 -18.39
CA ARG F 152 18.02 0.44 -19.03
C ARG F 152 18.76 -0.74 -18.43
N ALA F 153 18.54 -0.97 -17.14
CA ALA F 153 19.27 -2.00 -16.39
C ALA F 153 18.92 -3.41 -16.82
N ASP F 154 19.86 -4.33 -16.60
CA ASP F 154 19.62 -5.74 -16.82
C ASP F 154 18.70 -6.31 -15.75
N TYR F 155 18.88 -5.82 -14.53
CA TYR F 155 18.11 -6.28 -13.39
C TYR F 155 17.73 -5.13 -12.46
N VAL F 156 16.45 -5.06 -12.11
CA VAL F 156 15.99 -4.11 -11.13
C VAL F 156 15.79 -4.83 -9.80
N THR F 157 16.49 -4.38 -8.75
CA THR F 157 16.32 -4.99 -7.43
C THR F 157 14.89 -4.81 -6.91
N ARG F 158 14.44 -5.76 -6.09
CA ARG F 158 13.18 -5.62 -5.38
C ARG F 158 13.34 -4.63 -4.25
N ILE F 159 14.56 -4.57 -3.69
CA ILE F 159 14.83 -3.80 -2.50
C ILE F 159 15.38 -2.42 -2.84
N ALA F 160 14.95 -1.42 -2.07
CA ALA F 160 15.38 -0.04 -2.24
C ALA F 160 16.82 0.17 -1.76
N GLY F 161 17.53 1.10 -2.40
CA GLY F 161 18.87 1.50 -1.99
C GLY F 161 18.92 1.83 -0.51
N GLY F 162 19.95 1.31 0.16
CA GLY F 162 20.15 1.53 1.59
C GLY F 162 19.38 0.58 2.47
N ARG F 163 18.55 -0.27 1.86
CA ARG F 163 17.68 -1.18 2.60
C ARG F 163 18.04 -2.64 2.39
N GLY F 164 18.99 -2.91 1.51
CA GLY F 164 19.44 -4.27 1.26
C GLY F 164 19.42 -4.66 -0.20
N ALA F 165 19.50 -3.66 -1.08
CA ALA F 165 19.59 -3.88 -2.52
C ALA F 165 20.94 -4.48 -2.89
N VAL F 166 21.99 -4.02 -2.21
CA VAL F 166 23.32 -4.56 -2.39
C VAL F 166 23.36 -6.01 -1.92
N ARG F 167 22.76 -6.28 -0.76
CA ARG F 167 22.67 -7.63 -0.23
C ARG F 167 21.96 -8.54 -1.23
N GLU F 168 20.85 -8.04 -1.78
CA GLU F 168 20.12 -8.72 -2.84
C GLU F 168 21.02 -9.08 -4.04
N VAL F 169 21.85 -8.13 -4.46
CA VAL F 169 22.74 -8.33 -5.60
C VAL F 169 23.86 -9.34 -5.28
N CYS F 170 24.41 -9.25 -4.07
CA CYS F 170 25.40 -10.23 -3.62
C CYS F 170 24.77 -11.61 -3.55
N ASP F 171 23.57 -11.68 -2.97
CA ASP F 171 22.81 -12.94 -2.89
C ASP F 171 22.64 -13.58 -4.26
N LEU F 172 22.37 -12.76 -5.27
CA LEU F 172 22.13 -13.23 -6.63
C LEU F 172 23.36 -13.85 -7.29
N LEU F 173 24.51 -13.16 -7.18
CA LEU F 173 25.77 -13.66 -7.75
C LEU F 173 26.15 -14.99 -7.13
N LEU F 174 26.13 -15.02 -5.79
CA LEU F 174 26.47 -16.21 -5.02
C LEU F 174 25.60 -17.42 -5.39
N LEU F 175 24.30 -17.20 -5.56
CA LEU F 175 23.38 -18.27 -5.98
C LEU F 175 23.70 -18.75 -7.38
N ALA F 176 23.99 -17.81 -8.28
CA ALA F 176 24.31 -18.14 -9.67
C ALA F 176 25.63 -18.92 -9.79
N GLN F 177 26.51 -18.75 -8.80
CA GLN F 177 27.80 -19.42 -8.79
C GLN F 177 27.84 -20.62 -7.83
N GLY F 178 26.67 -21.01 -7.32
CA GLY F 178 26.53 -22.14 -6.40
C GLY F 178 27.20 -21.95 -5.05
N LYS F 179 27.45 -20.68 -4.70
CA LYS F 179 28.23 -20.34 -3.51
C LYS F 179 27.38 -19.84 -2.35
N LEU F 180 26.09 -19.58 -2.60
CA LEU F 180 25.21 -18.98 -1.59
C LEU F 180 25.04 -19.83 -0.32
N ASP F 181 24.75 -21.12 -0.50
CA ASP F 181 24.55 -22.04 0.61
C ASP F 181 25.67 -22.02 1.65
N GLU F 182 26.91 -21.92 1.17
CA GLU F 182 28.10 -22.01 2.02
C GLU F 182 28.63 -20.65 2.51
N ALA F 183 28.36 -19.60 1.73
CA ALA F 183 28.90 -18.26 1.99
C ALA F 183 28.83 -17.83 3.45
N LYS F 184 29.94 -17.31 3.96
CA LYS F 184 30.01 -16.80 5.33
C LYS F 184 30.30 -15.31 5.33
N GLY F 185 29.54 -14.57 6.13
CA GLY F 185 29.73 -13.13 6.29
C GLY F 185 29.47 -12.65 7.71
N GLN F 186 29.65 -11.36 7.94
CA GLN F 186 29.38 -10.74 9.23
C GLN F 186 28.48 -9.52 9.01
N SER F 187 27.30 -9.53 9.63
CA SER F 187 26.30 -8.46 9.44
C SER F 187 26.75 -7.15 10.09
N ILE F 188 27.82 -6.57 9.55
CA ILE F 188 28.49 -5.41 10.16
C ILE F 188 28.51 -4.19 9.23
N LEU G 8 -4.51 -18.12 20.42
CA LEU G 8 -5.07 -16.92 21.12
C LEU G 8 -4.74 -15.60 20.41
N ALA G 9 -5.46 -14.55 20.78
CA ALA G 9 -5.35 -13.25 20.11
C ALA G 9 -4.45 -12.27 20.86
N THR G 10 -3.73 -11.45 20.09
CA THR G 10 -2.89 -10.39 20.63
C THR G 10 -3.19 -9.10 19.90
N CYS G 11 -2.63 -7.99 20.37
CA CYS G 11 -2.85 -6.67 19.76
C CYS G 11 -2.12 -6.49 18.42
N TYR G 12 -1.47 -7.55 17.94
CA TYR G 12 -0.79 -7.51 16.65
C TYR G 12 -1.43 -8.49 15.66
N GLY G 13 -2.44 -9.22 16.13
CA GLY G 13 -3.09 -10.26 15.34
C GLY G 13 -2.96 -11.61 16.01
N PRO G 14 -3.77 -12.60 15.58
CA PRO G 14 -3.77 -13.92 16.20
C PRO G 14 -2.40 -14.59 16.13
N VAL G 15 -2.08 -15.41 17.12
CA VAL G 15 -0.87 -16.23 17.10
C VAL G 15 -1.21 -17.70 17.39
N SER G 16 -0.35 -18.60 16.92
CA SER G 16 -0.59 -20.04 17.08
C SER G 16 -0.51 -20.45 18.54
N ALA G 17 -1.17 -21.56 18.88
CA ALA G 17 -1.13 -22.11 20.23
C ALA G 17 0.30 -22.49 20.63
N ASP G 18 1.06 -23.00 19.67
CA ASP G 18 2.46 -23.41 19.89
C ASP G 18 3.34 -22.24 20.32
N VAL G 19 3.30 -21.15 19.56
CA VAL G 19 4.09 -19.96 19.82
C VAL G 19 3.76 -19.38 21.20
N MET G 20 2.48 -19.40 21.56
CA MET G 20 2.03 -18.94 22.87
C MET G 20 2.58 -19.85 23.98
N ALA G 21 2.52 -21.17 23.75
CA ALA G 21 2.98 -22.17 24.71
C ALA G 21 4.49 -22.07 24.97
N LYS G 22 5.25 -21.77 23.92
CA LYS G 22 6.69 -21.59 24.01
C LYS G 22 7.04 -20.32 24.79
N ALA G 23 6.27 -19.26 24.55
CA ALA G 23 6.48 -17.96 25.20
C ALA G 23 6.24 -17.98 26.71
N GLU G 24 5.33 -18.84 27.17
CA GLU G 24 5.04 -19.02 28.60
C GLU G 24 6.29 -19.38 29.39
N ASN G 25 7.19 -20.14 28.77
CA ASN G 25 8.36 -20.70 29.44
C ASN G 25 9.62 -19.85 29.36
N ILE G 26 9.53 -18.72 28.67
CA ILE G 26 10.71 -17.88 28.45
C ILE G 26 11.13 -17.15 29.72
N ARG G 27 12.34 -17.46 30.17
CA ARG G 27 12.94 -16.82 31.34
C ARG G 27 14.02 -15.81 30.91
N LEU G 28 14.52 -15.98 29.68
CA LEU G 28 15.55 -15.10 29.12
C LEU G 28 15.28 -14.78 27.65
N LEU G 29 15.39 -13.50 27.31
CA LEU G 29 15.20 -13.01 25.94
C LEU G 29 16.50 -12.40 25.40
N ILE G 30 17.14 -13.11 24.46
CA ILE G 30 18.36 -12.60 23.83
C ILE G 30 17.99 -11.78 22.61
N LEU G 31 18.62 -10.61 22.48
CA LEU G 31 18.35 -9.72 21.36
C LEU G 31 19.59 -9.47 20.51
N ASP G 32 19.37 -9.34 19.20
CA ASP G 32 20.40 -8.83 18.30
C ASP G 32 20.27 -7.33 18.23
N VAL G 33 21.38 -6.63 18.05
CA VAL G 33 21.33 -5.16 17.96
C VAL G 33 20.90 -4.73 16.56
N ASP G 34 21.77 -4.94 15.58
CA ASP G 34 21.57 -4.44 14.23
C ASP G 34 20.41 -5.12 13.48
N GLY G 35 19.45 -4.31 13.06
CA GLY G 35 18.30 -4.79 12.31
C GLY G 35 17.17 -5.33 13.17
N VAL G 36 17.36 -5.29 14.48
CA VAL G 36 16.37 -5.74 15.44
C VAL G 36 16.05 -4.62 16.42
N LEU G 37 17.09 -4.15 17.12
CA LEU G 37 16.96 -2.99 17.99
C LEU G 37 17.15 -1.70 17.19
N SER G 38 17.73 -1.84 16.00
CA SER G 38 18.00 -0.71 15.11
C SER G 38 17.28 -0.85 13.76
N ASP G 39 17.19 0.28 13.05
CA ASP G 39 16.63 0.34 11.69
C ASP G 39 17.45 -0.45 10.67
N GLY G 40 18.49 -1.15 11.14
CA GLY G 40 19.41 -1.87 10.26
C GLY G 40 20.55 -0.99 9.78
N LEU G 41 20.48 0.29 10.10
CA LEU G 41 21.45 1.27 9.64
C LEU G 41 22.57 1.55 10.64
N ILE G 42 23.74 1.89 10.11
CA ILE G 42 24.88 2.38 10.88
C ILE G 42 25.32 3.73 10.32
N TYR G 43 25.12 4.79 11.11
CA TYR G 43 25.45 6.15 10.70
C TYR G 43 26.91 6.47 11.05
N MET G 44 27.69 6.82 10.03
CA MET G 44 29.11 7.10 10.20
C MET G 44 29.45 8.55 9.84
N GLY G 45 30.56 9.04 10.38
CA GLY G 45 30.96 10.43 10.18
C GLY G 45 32.42 10.63 9.78
N ASN G 46 32.75 11.86 9.40
CA ASN G 46 34.08 12.21 8.88
C ASN G 46 35.18 12.29 9.94
N ASN G 47 34.78 12.52 11.19
CA ASN G 47 35.71 12.49 12.32
C ASN G 47 35.59 11.18 13.09
N GLY G 48 35.31 10.10 12.36
CA GLY G 48 35.22 8.76 12.93
C GLY G 48 34.03 8.52 13.84
N GLU G 49 33.05 9.43 13.79
CA GLU G 49 31.84 9.29 14.60
C GLU G 49 31.05 8.07 14.14
N GLU G 50 30.33 7.48 15.08
CA GLU G 50 29.39 6.41 14.75
C GLU G 50 28.15 6.53 15.61
N LEU G 51 27.00 6.54 14.96
CA LEU G 51 25.72 6.61 15.66
C LEU G 51 24.80 5.48 15.22
N LYS G 52 24.05 4.95 16.18
CA LYS G 52 22.99 3.99 15.89
C LYS G 52 21.69 4.45 16.51
N ALA G 53 20.58 4.09 15.88
CA ALA G 53 19.26 4.49 16.34
C ALA G 53 18.51 3.34 17.05
N PHE G 54 18.04 3.62 18.26
CA PHE G 54 17.24 2.67 19.03
C PHE G 54 15.82 3.19 19.21
N ASN G 55 14.86 2.27 19.24
CA ASN G 55 13.45 2.66 19.38
C ASN G 55 13.02 2.77 20.83
N VAL G 56 12.29 3.84 21.14
CA VAL G 56 11.88 4.18 22.50
C VAL G 56 10.87 3.21 23.09
N ARG G 57 9.96 2.71 22.25
CA ARG G 57 8.95 1.74 22.70
C ARG G 57 9.53 0.35 22.92
N ASP G 58 10.67 0.06 22.28
CA ASP G 58 11.47 -1.11 22.60
C ASP G 58 11.99 -1.01 24.03
N GLY G 59 12.36 0.21 24.42
CA GLY G 59 12.81 0.50 25.77
C GLY G 59 11.76 0.11 26.80
N TYR G 60 10.54 0.61 26.59
CA TYR G 60 9.40 0.32 27.47
C TYR G 60 9.19 -1.19 27.65
N GLY G 61 9.33 -1.94 26.56
CA GLY G 61 9.16 -3.38 26.55
C GLY G 61 10.25 -4.09 27.34
N ILE G 62 11.50 -3.73 27.05
CA ILE G 62 12.66 -4.26 27.75
C ILE G 62 12.59 -4.02 29.27
N ARG G 63 12.15 -2.82 29.66
CA ARG G 63 11.95 -2.47 31.06
C ARG G 63 10.86 -3.32 31.73
N CYS G 64 9.73 -3.50 31.04
CA CYS G 64 8.67 -4.40 31.48
C CYS G 64 9.21 -5.81 31.74
N ALA G 65 9.82 -6.40 30.72
CA ALA G 65 10.38 -7.75 30.79
C ALA G 65 11.33 -7.93 31.97
N LEU G 66 12.19 -6.94 32.20
CA LEU G 66 13.19 -7.00 33.27
C LEU G 66 12.59 -6.93 34.68
N THR G 67 11.49 -6.19 34.83
CA THR G 67 10.80 -6.11 36.12
C THR G 67 9.77 -7.25 36.28
N SER G 68 9.66 -8.09 35.25
CA SER G 68 8.68 -9.18 35.22
C SER G 68 9.31 -10.58 35.22
N ASP G 69 10.54 -10.66 35.73
CA ASP G 69 11.27 -11.94 35.86
C ASP G 69 11.68 -12.56 34.50
N ILE G 70 11.91 -11.70 33.51
CA ILE G 70 12.47 -12.11 32.23
C ILE G 70 13.78 -11.37 31.98
N GLU G 71 14.89 -12.08 32.02
CA GLU G 71 16.20 -11.47 31.75
C GLU G 71 16.38 -11.15 30.27
N VAL G 72 17.07 -10.04 30.01
CA VAL G 72 17.38 -9.61 28.65
C VAL G 72 18.90 -9.62 28.47
N ALA G 73 19.34 -10.21 27.36
CA ALA G 73 20.76 -10.26 27.04
C ALA G 73 21.00 -9.89 25.58
N ILE G 74 22.22 -9.43 25.28
CA ILE G 74 22.57 -9.06 23.92
C ILE G 74 23.91 -9.69 23.51
N ILE G 75 23.90 -10.35 22.35
CA ILE G 75 25.13 -10.85 21.73
C ILE G 75 25.39 -10.02 20.47
N THR G 76 26.56 -9.38 20.43
CA THR G 76 26.94 -8.49 19.33
C THR G 76 28.41 -8.70 18.96
N GLY G 77 28.71 -8.58 17.67
CA GLY G 77 30.05 -8.87 17.15
C GLY G 77 31.15 -7.88 17.51
N ARG G 78 30.76 -6.68 17.95
CA ARG G 78 31.72 -5.62 18.25
C ARG G 78 31.68 -5.15 19.70
N LYS G 79 32.68 -4.34 20.06
CA LYS G 79 32.57 -3.46 21.21
C LYS G 79 32.16 -2.09 20.69
N ALA G 80 31.15 -1.49 21.30
CA ALA G 80 30.72 -0.13 20.98
C ALA G 80 30.14 0.53 22.23
N LYS G 81 30.72 1.66 22.62
CA LYS G 81 30.29 2.37 23.83
C LYS G 81 28.82 2.78 23.80
N LEU G 82 28.32 3.11 22.60
CA LEU G 82 26.92 3.49 22.41
C LEU G 82 25.97 2.37 22.82
N VAL G 83 26.35 1.13 22.51
CA VAL G 83 25.58 -0.05 22.91
C VAL G 83 25.64 -0.21 24.43
N GLU G 84 26.84 -0.10 24.98
CA GLU G 84 27.04 -0.12 26.44
C GLU G 84 26.13 0.90 27.11
N ASP G 85 26.15 2.14 26.61
CA ASP G 85 25.31 3.23 27.11
C ASP G 85 23.82 2.92 26.99
N ARG G 86 23.43 2.25 25.90
CA ARG G 86 22.04 1.86 25.67
C ARG G 86 21.59 0.82 26.69
N CYS G 87 22.41 -0.21 26.88
CA CYS G 87 22.18 -1.22 27.90
C CYS G 87 22.15 -0.58 29.29
N ALA G 88 23.05 0.37 29.52
CA ALA G 88 23.12 1.10 30.79
C ALA G 88 21.82 1.84 31.11
N THR G 89 21.18 2.40 30.07
CA THR G 89 19.93 3.14 30.21
C THR G 89 18.75 2.25 30.57
N LEU G 90 18.74 1.03 30.02
CA LEU G 90 17.61 0.12 30.19
C LEU G 90 17.89 -0.95 31.26
N GLY G 91 19.07 -0.88 31.88
CA GLY G 91 19.46 -1.82 32.93
C GLY G 91 19.79 -3.21 32.45
N ILE G 92 20.29 -3.32 31.22
CA ILE G 92 20.71 -4.61 30.65
C ILE G 92 22.15 -4.91 31.06
N THR G 93 22.31 -5.79 32.04
CA THR G 93 23.63 -6.14 32.57
C THR G 93 24.38 -7.12 31.68
N HIS G 94 23.65 -8.09 31.11
CA HIS G 94 24.27 -9.13 30.29
C HIS G 94 24.51 -8.69 28.86
N LEU G 95 25.72 -8.21 28.61
CA LEU G 95 26.11 -7.75 27.27
C LEU G 95 27.37 -8.48 26.82
N TYR G 96 27.29 -9.12 25.67
CA TYR G 96 28.43 -9.85 25.10
C TYR G 96 28.96 -9.13 23.87
N GLN G 97 30.22 -8.71 23.96
CA GLN G 97 30.82 -7.82 22.98
C GLN G 97 32.10 -8.35 22.34
N GLY G 98 32.08 -8.48 21.02
CA GLY G 98 33.24 -8.92 20.26
C GLY G 98 33.21 -10.41 19.94
N GLN G 99 32.02 -10.98 19.95
CA GLN G 99 31.86 -12.42 19.76
C GLN G 99 31.82 -12.79 18.28
N SER G 100 32.83 -13.56 17.85
CA SER G 100 32.90 -14.11 16.51
C SER G 100 31.70 -15.02 16.32
N ASN G 101 31.75 -16.18 16.97
CA ASN G 101 30.61 -17.04 17.18
C ASN G 101 29.59 -16.35 18.07
N LYS G 102 28.35 -16.79 17.98
CA LYS G 102 27.34 -16.40 18.96
C LYS G 102 27.08 -17.57 19.89
N LEU G 103 27.43 -18.77 19.42
CA LEU G 103 27.26 -20.02 20.17
C LEU G 103 28.10 -20.03 21.45
N ILE G 104 29.34 -19.54 21.35
CA ILE G 104 30.24 -19.45 22.51
C ILE G 104 29.66 -18.52 23.57
N ALA G 105 29.16 -17.36 23.13
CA ALA G 105 28.46 -16.43 24.02
C ALA G 105 27.16 -17.04 24.57
N PHE G 106 26.51 -17.85 23.73
CA PHE G 106 25.24 -18.50 24.09
C PHE G 106 25.42 -19.59 25.13
N SER G 107 26.52 -20.35 25.03
CA SER G 107 26.86 -21.38 26.01
C SER G 107 27.22 -20.74 27.34
N ASP G 108 28.04 -19.69 27.27
CA ASP G 108 28.53 -18.97 28.44
C ASP G 108 27.40 -18.24 29.16
N LEU G 109 26.37 -17.85 28.41
CA LEU G 109 25.18 -17.22 28.97
C LEU G 109 24.33 -18.25 29.69
N LEU G 110 24.22 -19.43 29.07
CA LEU G 110 23.44 -20.56 29.59
C LEU G 110 24.00 -21.09 30.91
N GLU G 111 25.33 -21.19 30.98
CA GLU G 111 26.01 -21.73 32.17
C GLU G 111 26.01 -20.74 33.34
N LYS G 112 26.15 -19.45 33.01
CA LYS G 112 26.26 -18.38 34.00
C LYS G 112 24.93 -18.11 34.72
N LEU G 113 23.81 -18.35 34.03
CA LEU G 113 22.50 -18.08 34.60
C LEU G 113 21.72 -19.33 35.02
N ALA G 114 22.31 -20.50 34.78
CA ALA G 114 21.66 -21.81 35.04
C ALA G 114 20.25 -21.90 34.43
N ILE G 115 20.15 -21.54 33.15
CA ILE G 115 18.90 -21.53 32.41
C ILE G 115 19.00 -22.48 31.20
N ALA G 116 17.98 -23.32 31.01
CA ALA G 116 17.95 -24.31 29.94
C ALA G 116 17.58 -23.69 28.58
N PRO G 117 17.93 -24.37 27.46
CA PRO G 117 17.74 -23.81 26.10
C PRO G 117 16.28 -23.48 25.75
N GLU G 118 15.34 -24.25 26.28
CA GLU G 118 13.92 -24.05 25.96
C GLU G 118 13.29 -22.85 26.67
N ASN G 119 13.97 -22.32 27.68
CA ASN G 119 13.51 -21.13 28.39
C ASN G 119 14.07 -19.84 27.79
N VAL G 120 14.74 -19.98 26.65
CA VAL G 120 15.41 -18.86 26.00
C VAL G 120 14.71 -18.47 24.71
N ALA G 121 14.61 -17.16 24.47
CA ALA G 121 14.12 -16.65 23.20
C ALA G 121 15.18 -15.76 22.57
N TYR G 122 15.30 -15.83 21.26
CA TYR G 122 16.25 -15.02 20.52
C TYR G 122 15.51 -14.27 19.43
N VAL G 123 15.81 -12.99 19.27
CA VAL G 123 15.24 -12.20 18.18
C VAL G 123 16.33 -11.74 17.22
N GLY G 124 16.31 -12.27 16.01
CA GLY G 124 17.31 -11.97 14.98
C GLY G 124 16.75 -11.43 13.68
N ASP G 125 17.64 -11.08 12.76
CA ASP G 125 17.25 -10.51 11.46
C ASP G 125 18.08 -11.00 10.26
N ASP G 126 19.21 -11.65 10.53
CA ASP G 126 20.09 -12.13 9.47
C ASP G 126 20.52 -13.58 9.70
N LEU G 127 21.14 -14.19 8.68
CA LEU G 127 21.52 -15.61 8.71
C LEU G 127 22.51 -16.01 9.83
N ILE G 128 23.25 -15.05 10.37
CA ILE G 128 24.18 -15.32 11.48
C ILE G 128 23.48 -15.48 12.84
N ASP G 129 22.22 -15.08 12.91
CA ASP G 129 21.42 -15.24 14.12
C ASP G 129 20.85 -16.66 14.24
N TRP G 130 20.85 -17.38 13.12
CA TRP G 130 20.19 -18.69 13.07
C TRP G 130 20.85 -19.81 13.89
N PRO G 131 22.19 -19.98 13.82
CA PRO G 131 22.85 -21.03 14.61
C PRO G 131 22.41 -21.06 16.08
N VAL G 132 22.16 -19.88 16.65
CA VAL G 132 21.63 -19.79 18.00
C VAL G 132 20.11 -19.97 18.00
N MET G 133 19.42 -19.27 17.10
CA MET G 133 17.95 -19.35 16.96
C MET G 133 17.43 -20.79 16.85
N GLU G 134 18.26 -21.67 16.31
CA GLU G 134 17.93 -23.08 16.16
C GLU G 134 17.79 -23.80 17.50
N LYS G 135 18.56 -23.36 18.49
CA LYS G 135 18.68 -24.08 19.77
C LYS G 135 17.77 -23.57 20.88
N VAL G 136 17.14 -22.42 20.67
CA VAL G 136 16.26 -21.81 21.67
C VAL G 136 14.83 -22.36 21.62
N GLY G 137 14.06 -22.09 22.68
CA GLY G 137 12.66 -22.51 22.75
C GLY G 137 11.78 -21.73 21.78
N LEU G 138 11.94 -20.42 21.77
CA LEU G 138 11.21 -19.53 20.88
C LEU G 138 12.17 -18.71 20.02
N SER G 139 12.22 -19.00 18.72
CA SER G 139 13.01 -18.20 17.78
C SER G 139 12.13 -17.16 17.09
N VAL G 140 12.69 -15.98 16.88
CA VAL G 140 11.94 -14.87 16.30
C VAL G 140 12.74 -14.17 15.20
N ALA G 141 12.13 -14.07 14.01
CA ALA G 141 12.65 -13.23 12.95
C ALA G 141 11.75 -12.02 12.83
N VAL G 142 12.34 -10.83 12.77
CA VAL G 142 11.58 -9.58 12.65
C VAL G 142 10.91 -9.48 11.27
N ALA G 143 9.84 -8.70 11.19
CA ALA G 143 9.06 -8.54 9.95
C ALA G 143 9.90 -8.41 8.67
N ASP G 144 10.92 -7.56 8.73
CA ASP G 144 11.79 -7.29 7.58
C ASP G 144 13.16 -7.97 7.69
N ALA G 145 13.21 -9.15 8.32
CA ALA G 145 14.42 -9.94 8.37
C ALA G 145 14.84 -10.33 6.96
N HIS G 146 16.07 -10.80 6.79
CA HIS G 146 16.49 -11.33 5.51
C HIS G 146 15.55 -12.46 5.10
N PRO G 147 15.04 -12.43 3.84
CA PRO G 147 14.02 -13.35 3.35
C PRO G 147 14.24 -14.84 3.69
N LEU G 148 15.50 -15.27 3.76
CA LEU G 148 15.84 -16.67 4.04
C LEU G 148 15.75 -17.06 5.52
N LEU G 149 15.69 -16.07 6.41
CA LEU G 149 15.56 -16.32 7.84
C LEU G 149 14.10 -16.45 8.29
N ILE G 150 13.22 -15.68 7.65
CA ILE G 150 11.80 -15.59 8.01
C ILE G 150 11.09 -16.95 8.18
N PRO G 151 11.22 -17.87 7.20
CA PRO G 151 10.51 -19.15 7.32
C PRO G 151 11.09 -20.10 8.37
N ARG G 152 12.25 -19.75 8.95
CA ARG G 152 12.92 -20.61 9.92
C ARG G 152 12.45 -20.38 11.36
N ALA G 153 11.93 -19.20 11.63
CA ALA G 153 11.55 -18.80 12.99
C ALA G 153 10.20 -19.38 13.42
N ASP G 154 10.05 -19.52 14.73
CA ASP G 154 8.78 -19.90 15.33
C ASP G 154 7.74 -18.81 15.11
N TYR G 155 8.13 -17.57 15.42
CA TYR G 155 7.27 -16.40 15.26
C TYR G 155 7.93 -15.37 14.35
N VAL G 156 7.13 -14.75 13.48
CA VAL G 156 7.59 -13.65 12.63
C VAL G 156 6.81 -12.39 13.03
N THR G 157 7.53 -11.40 13.59
CA THR G 157 6.88 -10.19 14.11
C THR G 157 6.16 -9.42 13.01
N ARG G 158 5.11 -8.70 13.39
CA ARG G 158 4.40 -7.82 12.46
C ARG G 158 5.16 -6.51 12.26
N ILE G 159 5.80 -6.05 13.33
CA ILE G 159 6.50 -4.77 13.32
C ILE G 159 7.96 -4.95 12.90
N ALA G 160 8.47 -4.00 12.13
CA ALA G 160 9.82 -4.06 11.56
C ALA G 160 10.93 -3.78 12.57
N GLY G 161 12.15 -4.20 12.23
CA GLY G 161 13.32 -3.97 13.07
C GLY G 161 13.58 -2.50 13.30
N GLY G 162 13.74 -2.13 14.58
CA GLY G 162 13.96 -0.74 14.97
C GLY G 162 12.70 0.09 15.02
N ARG G 163 11.55 -0.56 14.88
CA ARG G 163 10.26 0.14 14.87
C ARG G 163 9.31 -0.33 15.97
N GLY G 164 9.72 -1.31 16.75
CA GLY G 164 8.88 -1.85 17.83
C GLY G 164 8.72 -3.35 17.76
N ALA G 165 9.57 -3.99 16.95
CA ALA G 165 9.62 -5.44 16.85
C ALA G 165 9.94 -6.06 18.21
N VAL G 166 10.90 -5.46 18.92
CA VAL G 166 11.29 -5.94 20.24
C VAL G 166 10.15 -5.74 21.24
N ARG G 167 9.49 -4.60 21.17
CA ARG G 167 8.30 -4.33 21.98
C ARG G 167 7.24 -5.42 21.76
N GLU G 168 7.03 -5.79 20.50
CA GLU G 168 6.07 -6.84 20.12
C GLU G 168 6.40 -8.20 20.77
N VAL G 169 7.69 -8.51 20.83
CA VAL G 169 8.16 -9.77 21.41
C VAL G 169 8.06 -9.74 22.94
N CYS G 170 8.30 -8.57 23.53
CA CYS G 170 8.07 -8.37 24.96
C CYS G 170 6.58 -8.45 25.27
N ASP G 171 5.77 -7.73 24.50
CA ASP G 171 4.32 -7.76 24.63
C ASP G 171 3.74 -9.18 24.56
N LEU G 172 4.35 -10.02 23.74
CA LEU G 172 3.92 -11.41 23.59
C LEU G 172 4.30 -12.28 24.79
N LEU G 173 5.58 -12.25 25.15
CA LEU G 173 6.08 -12.99 26.32
C LEU G 173 5.20 -12.68 27.53
N LEU G 174 5.05 -11.39 27.82
CA LEU G 174 4.25 -10.91 28.95
C LEU G 174 2.81 -11.45 28.94
N LEU G 175 2.09 -11.21 27.84
CA LEU G 175 0.73 -11.72 27.67
C LEU G 175 0.67 -13.23 27.90
N ALA G 176 1.60 -13.95 27.29
CA ALA G 176 1.68 -15.41 27.41
C ALA G 176 1.84 -15.89 28.85
N GLN G 177 2.49 -15.06 29.67
CA GLN G 177 2.75 -15.36 31.08
C GLN G 177 1.78 -14.66 32.03
N GLY G 178 0.77 -13.99 31.46
CA GLY G 178 -0.25 -13.28 32.24
C GLY G 178 0.31 -12.13 33.06
N LYS G 179 1.08 -11.26 32.41
CA LYS G 179 1.78 -10.19 33.10
C LYS G 179 1.63 -8.84 32.39
N LEU G 180 1.10 -8.85 31.18
CA LEU G 180 0.98 -7.66 30.34
C LEU G 180 0.19 -6.54 31.01
N ASP G 181 -0.97 -6.88 31.57
CA ASP G 181 -1.83 -5.90 32.25
C ASP G 181 -1.13 -5.19 33.39
N GLU G 182 -0.34 -5.95 34.16
CA GLU G 182 0.30 -5.40 35.36
C GLU G 182 1.74 -4.92 35.16
N ALA G 183 2.27 -5.13 33.96
CA ALA G 183 3.65 -4.75 33.62
C ALA G 183 3.89 -3.23 33.74
N LYS G 184 5.09 -2.87 34.18
CA LYS G 184 5.50 -1.47 34.30
C LYS G 184 6.79 -1.20 33.54
N GLY G 185 6.78 -0.16 32.71
CA GLY G 185 7.96 0.22 31.94
C GLY G 185 8.10 1.72 31.74
N GLN G 186 9.21 2.13 31.12
CA GLN G 186 9.43 3.52 30.75
C GLN G 186 9.81 3.63 29.28
N SER G 187 9.07 4.47 28.56
CA SER G 187 9.30 4.69 27.14
C SER G 187 10.54 5.56 26.97
N ILE G 188 11.70 4.96 27.21
CA ILE G 188 12.98 5.65 27.17
C ILE G 188 13.93 4.98 26.17
N LEU H 8 -17.45 19.81 10.76
CA LEU H 8 -16.82 18.50 11.15
C LEU H 8 -15.72 18.07 10.18
N ALA H 9 -15.64 18.74 9.04
CA ALA H 9 -14.64 18.43 8.02
C ALA H 9 -13.31 19.13 8.34
N THR H 10 -12.23 18.35 8.33
CA THR H 10 -10.88 18.93 8.41
C THR H 10 -10.13 18.64 7.12
N CYS H 11 -8.86 19.02 7.06
CA CYS H 11 -8.04 18.82 5.89
C CYS H 11 -7.34 17.45 5.94
N TYR H 12 -7.41 16.81 7.10
CA TYR H 12 -6.94 15.45 7.30
C TYR H 12 -8.09 14.46 7.18
N GLY H 13 -9.31 14.98 7.13
CA GLY H 13 -10.51 14.15 7.08
C GLY H 13 -11.48 14.47 8.21
N PRO H 14 -12.70 13.92 8.15
CA PRO H 14 -13.76 14.23 9.11
C PRO H 14 -13.43 13.77 10.53
N VAL H 15 -13.73 14.63 11.51
CA VAL H 15 -13.66 14.26 12.93
C VAL H 15 -15.05 14.28 13.54
N SER H 16 -15.23 13.51 14.62
CA SER H 16 -16.53 13.39 15.29
C SER H 16 -16.94 14.69 15.96
N ALA H 17 -18.25 14.94 16.03
CA ALA H 17 -18.80 16.14 16.65
C ALA H 17 -18.30 16.31 18.09
N ASP H 18 -18.17 15.19 18.79
CA ASP H 18 -17.70 15.17 20.18
C ASP H 18 -16.25 15.65 20.27
N VAL H 19 -15.39 15.13 19.39
CA VAL H 19 -13.97 15.53 19.35
C VAL H 19 -13.82 17.03 19.07
N MET H 20 -14.68 17.57 18.19
CA MET H 20 -14.64 18.99 17.84
C MET H 20 -15.10 19.88 19.00
N ALA H 21 -16.10 19.42 19.75
CA ALA H 21 -16.59 20.12 20.94
C ALA H 21 -15.52 20.10 22.03
N LYS H 22 -14.85 18.96 22.17
CA LYS H 22 -13.71 18.81 23.08
C LYS H 22 -12.57 19.75 22.71
N ALA H 23 -12.25 19.81 21.42
CA ALA H 23 -11.14 20.63 20.91
C ALA H 23 -11.38 22.15 21.04
N GLU H 24 -12.64 22.54 21.06
CA GLU H 24 -13.03 23.96 21.17
C GLU H 24 -12.65 24.53 22.55
N ASN H 25 -12.71 23.70 23.58
CA ASN H 25 -12.45 24.14 24.95
C ASN H 25 -11.02 24.01 25.44
N ILE H 26 -10.12 23.56 24.56
CA ILE H 26 -8.71 23.36 24.92
C ILE H 26 -7.99 24.69 25.13
N ARG H 27 -7.41 24.86 26.32
CA ARG H 27 -6.61 26.03 26.66
C ARG H 27 -5.14 25.66 26.90
N LEU H 28 -4.88 24.36 27.06
CA LEU H 28 -3.53 23.84 27.21
C LEU H 28 -3.31 22.56 26.39
N LEU H 29 -2.18 22.50 25.68
CA LEU H 29 -1.76 21.30 24.96
C LEU H 29 -0.50 20.72 25.58
N ILE H 30 -0.59 19.48 26.04
CA ILE H 30 0.55 18.75 26.60
C ILE H 30 1.02 17.72 25.58
N LEU H 31 2.32 17.68 25.35
CA LEU H 31 2.90 16.75 24.39
C LEU H 31 3.95 15.85 25.02
N ASP H 32 3.96 14.61 24.57
CA ASP H 32 5.07 13.70 24.79
C ASP H 32 6.07 13.99 23.66
N VAL H 33 7.33 13.62 23.87
CA VAL H 33 8.37 13.88 22.87
C VAL H 33 8.63 12.64 22.01
N ASP H 34 9.16 11.60 22.66
CA ASP H 34 9.58 10.39 21.97
C ASP H 34 8.39 9.56 21.50
N GLY H 35 8.22 9.52 20.17
CA GLY H 35 7.12 8.77 19.56
C GLY H 35 5.95 9.66 19.16
N VAL H 36 6.03 10.93 19.53
CA VAL H 36 4.98 11.91 19.23
C VAL H 36 5.54 13.10 18.45
N LEU H 37 6.53 13.79 19.03
CA LEU H 37 7.23 14.87 18.34
C LEU H 37 8.36 14.32 17.47
N SER H 38 8.67 13.04 17.68
CA SER H 38 9.65 12.31 16.90
C SER H 38 9.01 10.99 16.46
N ASP H 39 9.73 10.21 15.64
CA ASP H 39 9.24 8.90 15.23
C ASP H 39 9.57 7.80 16.24
N GLY H 40 10.16 8.19 17.37
CA GLY H 40 10.47 7.26 18.45
C GLY H 40 11.90 6.79 18.51
N LEU H 41 12.73 7.22 17.55
CA LEU H 41 14.14 6.83 17.51
C LEU H 41 15.02 7.68 18.42
N ILE H 42 16.02 7.03 19.01
CA ILE H 42 17.07 7.72 19.77
C ILE H 42 18.42 7.41 19.13
N TYR H 43 19.07 8.45 18.62
CA TYR H 43 20.39 8.33 18.02
C TYR H 43 21.46 8.47 19.10
N MET H 44 22.24 7.41 19.29
CA MET H 44 23.30 7.38 20.30
C MET H 44 24.64 7.07 19.64
N GLY H 45 25.70 7.67 20.17
CA GLY H 45 27.05 7.52 19.59
C GLY H 45 28.13 7.09 20.57
N ASN H 46 29.31 6.80 20.03
CA ASN H 46 30.45 6.30 20.80
C ASN H 46 31.05 7.28 21.82
N ASN H 47 30.67 8.55 21.72
CA ASN H 47 31.22 9.60 22.59
C ASN H 47 30.18 10.26 23.49
N GLY H 48 28.98 9.70 23.52
CA GLY H 48 27.89 10.26 24.30
C GLY H 48 27.09 11.29 23.51
N GLU H 49 27.31 11.32 22.19
CA GLU H 49 26.47 12.13 21.31
C GLU H 49 25.08 11.53 21.31
N GLU H 50 24.09 12.38 21.45
CA GLU H 50 22.71 11.98 21.36
C GLU H 50 22.02 12.90 20.38
N LEU H 51 21.20 12.33 19.49
CA LEU H 51 20.41 13.14 18.58
C LEU H 51 18.95 12.76 18.64
N LYS H 52 18.10 13.72 18.30
CA LYS H 52 16.67 13.49 18.13
C LYS H 52 16.19 14.38 16.99
N ALA H 53 15.31 13.84 16.16
CA ALA H 53 14.75 14.57 15.04
C ALA H 53 13.36 15.10 15.38
N PHE H 54 13.17 16.39 15.21
CA PHE H 54 11.85 17.02 15.35
C PHE H 54 11.35 17.39 13.95
N ASN H 55 10.05 17.63 13.84
CA ASN H 55 9.42 17.95 12.55
C ASN H 55 9.15 19.46 12.45
N VAL H 56 9.66 20.10 11.41
CA VAL H 56 9.55 21.57 11.28
C VAL H 56 8.10 22.06 11.10
N ARG H 57 7.29 21.29 10.35
CA ARG H 57 5.87 21.62 10.20
C ARG H 57 5.12 21.45 11.52
N ASP H 58 5.65 20.60 12.41
CA ASP H 58 5.17 20.52 13.79
C ASP H 58 5.45 21.84 14.49
N GLY H 59 6.66 22.36 14.33
CA GLY H 59 7.06 23.65 14.90
C GLY H 59 6.07 24.75 14.58
N TYR H 60 5.72 24.87 13.31
CA TYR H 60 4.77 25.88 12.82
C TYR H 60 3.40 25.78 13.50
N GLY H 61 2.93 24.56 13.71
CA GLY H 61 1.67 24.34 14.42
C GLY H 61 1.76 24.82 15.86
N ILE H 62 2.85 24.44 16.53
CA ILE H 62 3.12 24.84 17.91
C ILE H 62 3.21 26.37 18.01
N ARG H 63 4.00 26.97 17.13
CA ARG H 63 4.09 28.43 17.04
C ARG H 63 2.72 29.07 16.85
N CYS H 64 1.87 28.44 16.03
CA CYS H 64 0.51 28.91 15.81
C CYS H 64 -0.33 28.78 17.08
N ALA H 65 -0.25 27.63 17.73
CA ALA H 65 -0.98 27.39 18.97
C ALA H 65 -0.59 28.40 20.05
N LEU H 66 0.71 28.62 20.19
CA LEU H 66 1.25 29.57 21.19
C LEU H 66 0.80 31.01 20.95
N THR H 67 0.72 31.42 19.68
CA THR H 67 0.29 32.77 19.33
C THR H 67 -1.24 32.92 19.29
N SER H 68 -1.95 31.82 19.50
CA SER H 68 -3.41 31.81 19.44
C SER H 68 -4.06 31.37 20.76
N ASP H 69 -3.55 31.91 21.86
CA ASP H 69 -4.05 31.65 23.21
C ASP H 69 -4.25 30.16 23.57
N ILE H 70 -3.35 29.32 23.08
CA ILE H 70 -3.32 27.92 23.49
C ILE H 70 -1.92 27.60 23.98
N GLU H 71 -1.78 27.49 25.30
CA GLU H 71 -0.48 27.17 25.91
C GLU H 71 0.00 25.77 25.51
N VAL H 72 1.33 25.62 25.45
CA VAL H 72 1.94 24.36 25.06
C VAL H 72 2.94 23.90 26.14
N ALA H 73 2.85 22.62 26.51
CA ALA H 73 3.69 22.05 27.57
C ALA H 73 4.23 20.67 27.18
N ILE H 74 5.35 20.28 27.79
CA ILE H 74 5.94 18.96 27.52
C ILE H 74 6.27 18.17 28.80
N ILE H 75 5.83 16.90 28.81
CA ILE H 75 6.24 15.92 29.82
C ILE H 75 6.86 14.72 29.10
N THR H 76 8.11 14.42 29.43
CA THR H 76 8.84 13.34 28.77
C THR H 76 9.61 12.45 29.76
N GLY H 77 9.75 11.18 29.39
CA GLY H 77 10.45 10.21 30.24
C GLY H 77 11.96 10.35 30.24
N ARG H 78 12.49 10.95 29.18
CA ARG H 78 13.94 11.09 29.00
C ARG H 78 14.43 12.48 29.39
N LYS H 79 15.75 12.64 29.48
CA LYS H 79 16.37 13.90 29.88
C LYS H 79 17.57 14.23 28.98
N ALA H 80 17.46 15.34 28.26
CA ALA H 80 18.49 15.76 27.31
C ALA H 80 18.46 17.27 27.12
N LYS H 81 19.66 17.87 27.13
CA LYS H 81 19.83 19.28 26.84
C LYS H 81 19.17 19.66 25.50
N LEU H 82 19.23 18.76 24.53
CA LEU H 82 18.69 18.99 23.19
C LEU H 82 17.21 19.36 23.18
N VAL H 83 16.44 18.78 24.10
CA VAL H 83 15.01 19.07 24.22
C VAL H 83 14.80 20.52 24.67
N GLU H 84 15.64 20.98 25.60
CA GLU H 84 15.62 22.37 26.06
C GLU H 84 15.89 23.34 24.92
N ASP H 85 16.84 22.99 24.05
CA ASP H 85 17.14 23.78 22.88
C ASP H 85 15.90 23.93 21.99
N ARG H 86 15.23 22.80 21.75
CA ARG H 86 14.03 22.76 20.92
C ARG H 86 12.91 23.66 21.48
N CYS H 87 12.57 23.45 22.75
CA CYS H 87 11.58 24.26 23.45
C CYS H 87 11.93 25.75 23.43
N ALA H 88 13.23 26.05 23.53
CA ALA H 88 13.71 27.43 23.49
C ALA H 88 13.50 28.07 22.12
N THR H 89 13.68 27.27 21.07
CA THR H 89 13.45 27.72 19.70
C THR H 89 11.96 27.98 19.45
N LEU H 90 11.12 27.02 19.83
CA LEU H 90 9.68 27.14 19.62
C LEU H 90 9.00 28.06 20.64
N GLY H 91 9.61 28.23 21.81
CA GLY H 91 9.07 29.11 22.84
C GLY H 91 8.22 28.41 23.89
N ILE H 92 8.39 27.10 24.01
CA ILE H 92 7.74 26.32 25.07
C ILE H 92 8.43 26.57 26.40
N THR H 93 7.72 27.20 27.33
CA THR H 93 8.30 27.53 28.63
C THR H 93 8.03 26.44 29.67
N HIS H 94 7.08 25.56 29.37
CA HIS H 94 6.68 24.52 30.32
C HIS H 94 7.19 23.14 29.92
N LEU H 95 8.17 22.65 30.67
CA LEU H 95 8.91 21.44 30.32
C LEU H 95 9.27 20.60 31.54
N TYR H 96 9.02 19.29 31.44
CA TYR H 96 9.40 18.32 32.47
C TYR H 96 10.11 17.13 31.84
N GLN H 97 11.36 16.92 32.24
CA GLN H 97 12.17 15.81 31.72
C GLN H 97 12.50 14.78 32.78
N GLY H 98 12.94 13.61 32.35
CA GLY H 98 13.27 12.49 33.25
C GLY H 98 12.13 12.16 34.19
N GLN H 99 10.91 12.21 33.66
CA GLN H 99 9.70 12.11 34.47
C GLN H 99 8.81 11.01 33.92
N SER H 100 8.87 9.82 34.52
CA SER H 100 8.12 8.67 34.02
C SER H 100 6.76 8.49 34.69
N ASN H 101 6.65 8.92 35.95
CA ASN H 101 5.34 9.13 36.57
C ASN H 101 4.85 10.51 36.14
N LYS H 102 4.12 10.52 35.02
CA LYS H 102 3.76 11.77 34.37
C LYS H 102 2.63 12.54 35.06
N LEU H 103 1.93 11.87 35.98
CA LEU H 103 0.87 12.50 36.76
C LEU H 103 1.37 13.63 37.67
N ILE H 104 2.59 13.47 38.19
CA ILE H 104 3.19 14.47 39.07
C ILE H 104 3.41 15.81 38.35
N ALA H 105 3.93 15.75 37.12
CA ALA H 105 4.10 16.95 36.30
C ALA H 105 2.75 17.52 35.89
N PHE H 106 1.80 16.64 35.59
CA PHE H 106 0.44 17.02 35.25
C PHE H 106 -0.23 17.79 36.40
N SER H 107 -0.05 17.30 37.62
CA SER H 107 -0.52 17.98 38.83
C SER H 107 0.09 19.37 38.98
N ASP H 108 1.39 19.47 38.73
CA ASP H 108 2.12 20.73 38.83
C ASP H 108 1.66 21.72 37.76
N LEU H 109 1.36 21.21 36.57
CA LEU H 109 0.90 22.06 35.46
C LEU H 109 -0.46 22.71 35.72
N LEU H 110 -1.45 21.90 36.08
CA LEU H 110 -2.79 22.42 36.40
C LEU H 110 -2.74 23.42 37.55
N GLU H 111 -1.95 23.08 38.58
CA GLU H 111 -1.75 23.95 39.73
C GLU H 111 -1.14 25.29 39.36
N LYS H 112 -0.18 25.27 38.44
CA LYS H 112 0.57 26.49 38.08
C LYS H 112 -0.18 27.43 37.13
N LEU H 113 -0.96 26.85 36.21
CA LEU H 113 -1.69 27.65 35.23
C LEU H 113 -3.15 27.93 35.62
N ALA H 114 -3.54 27.46 36.80
CA ALA H 114 -4.93 27.56 37.29
C ALA H 114 -5.94 27.14 36.23
N ILE H 115 -5.80 25.91 35.76
CA ILE H 115 -6.55 25.40 34.62
C ILE H 115 -7.08 23.98 34.84
N ALA H 116 -8.29 23.73 34.36
CA ALA H 116 -8.99 22.46 34.58
C ALA H 116 -8.54 21.38 33.60
N PRO H 117 -8.63 20.09 34.01
CA PRO H 117 -8.17 19.02 33.11
C PRO H 117 -9.01 18.91 31.84
N GLU H 118 -10.29 19.27 31.91
CA GLU H 118 -11.18 19.22 30.74
C GLU H 118 -10.86 20.27 29.67
N ASN H 119 -9.99 21.21 30.01
CA ASN H 119 -9.48 22.19 29.05
C ASN H 119 -8.10 21.81 28.53
N VAL H 120 -7.59 20.67 29.00
CA VAL H 120 -6.25 20.20 28.61
C VAL H 120 -6.34 19.08 27.58
N ALA H 121 -5.47 19.15 26.57
CA ALA H 121 -5.36 18.12 25.55
C ALA H 121 -4.00 17.44 25.64
N TYR H 122 -3.97 16.13 25.43
CA TYR H 122 -2.72 15.37 25.50
C TYR H 122 -2.54 14.48 24.28
N VAL H 123 -1.37 14.59 23.65
CA VAL H 123 -0.98 13.68 22.57
C VAL H 123 0.08 12.71 23.08
N GLY H 124 -0.22 11.41 22.99
CA GLY H 124 0.70 10.36 23.43
C GLY H 124 0.88 9.26 22.41
N ASP H 125 1.83 8.36 22.66
CA ASP H 125 2.09 7.23 21.77
C ASP H 125 2.25 5.88 22.48
N ASP H 126 2.48 5.91 23.80
CA ASP H 126 2.69 4.69 24.56
C ASP H 126 1.80 4.62 25.80
N LEU H 127 1.78 3.46 26.46
CA LEU H 127 0.94 3.22 27.63
C LEU H 127 1.25 4.12 28.82
N ILE H 128 2.53 4.50 28.98
CA ILE H 128 2.96 5.42 30.04
C ILE H 128 2.27 6.78 29.93
N ASP H 129 1.74 7.07 28.74
CA ASP H 129 1.05 8.32 28.47
C ASP H 129 -0.43 8.28 28.87
N TRP H 130 -0.93 7.10 29.17
CA TRP H 130 -2.36 6.94 29.45
C TRP H 130 -2.86 7.51 30.78
N PRO H 131 -2.14 7.26 31.90
CA PRO H 131 -2.72 7.73 33.17
C PRO H 131 -3.07 9.21 33.16
N VAL H 132 -2.34 9.99 32.37
CA VAL H 132 -2.61 11.42 32.21
C VAL H 132 -3.71 11.64 31.17
N MET H 133 -3.60 10.94 30.04
CA MET H 133 -4.58 11.01 28.95
C MET H 133 -6.01 10.72 29.40
N GLU H 134 -6.13 9.84 30.39
CA GLU H 134 -7.42 9.43 30.93
C GLU H 134 -8.14 10.58 31.63
N LYS H 135 -7.36 11.54 32.11
CA LYS H 135 -7.87 12.64 32.93
C LYS H 135 -8.18 13.92 32.15
N VAL H 136 -7.57 14.06 30.97
CA VAL H 136 -7.73 15.28 30.16
C VAL H 136 -9.04 15.33 29.37
N GLY H 137 -9.37 16.52 28.86
CA GLY H 137 -10.58 16.74 28.08
C GLY H 137 -10.52 16.20 26.65
N LEU H 138 -9.34 16.23 26.05
CA LEU H 138 -9.12 15.68 24.72
C LEU H 138 -7.85 14.84 24.65
N SER H 139 -8.02 13.52 24.68
CA SER H 139 -6.89 12.60 24.58
C SER H 139 -6.65 12.18 23.13
N VAL H 140 -5.38 12.21 22.74
CA VAL H 140 -4.99 11.99 21.35
C VAL H 140 -3.91 10.91 21.26
N ALA H 141 -4.19 9.86 20.49
CA ALA H 141 -3.19 8.86 20.14
C ALA H 141 -2.70 9.15 18.73
N VAL H 142 -1.39 8.99 18.51
CA VAL H 142 -0.83 9.18 17.17
C VAL H 142 -1.16 7.96 16.30
N ALA H 143 -1.25 8.18 14.98
CA ALA H 143 -1.59 7.12 14.02
C ALA H 143 -0.85 5.80 14.27
N ASP H 144 0.43 5.90 14.61
CA ASP H 144 1.26 4.73 14.86
C ASP H 144 1.62 4.54 16.34
N ALA H 145 0.72 4.95 17.24
CA ALA H 145 0.87 4.67 18.66
C ALA H 145 0.84 3.16 18.89
N HIS H 146 1.20 2.74 20.10
CA HIS H 146 1.13 1.33 20.47
C HIS H 146 -0.32 0.84 20.33
N PRO H 147 -0.51 -0.35 19.72
CA PRO H 147 -1.87 -0.85 19.47
C PRO H 147 -2.81 -0.76 20.67
N LEU H 148 -2.27 -0.91 21.89
CA LEU H 148 -3.09 -0.86 23.10
C LEU H 148 -3.51 0.55 23.53
N LEU H 149 -2.81 1.58 23.05
CA LEU H 149 -3.19 2.95 23.36
C LEU H 149 -4.28 3.48 22.42
N ILE H 150 -4.28 3.01 21.17
CA ILE H 150 -5.18 3.53 20.13
C ILE H 150 -6.69 3.57 20.48
N PRO H 151 -7.28 2.44 20.96
CA PRO H 151 -8.72 2.52 21.21
C PRO H 151 -9.10 3.30 22.48
N ARG H 152 -8.11 3.63 23.30
CA ARG H 152 -8.35 4.34 24.55
C ARG H 152 -8.60 5.82 24.33
N ALA H 153 -8.01 6.37 23.27
CA ALA H 153 -8.05 7.81 23.00
C ALA H 153 -9.34 8.29 22.35
N ASP H 154 -9.71 9.54 22.65
CA ASP H 154 -10.83 10.23 22.01
C ASP H 154 -10.61 10.33 20.50
N TYR H 155 -9.38 10.64 20.12
CA TYR H 155 -9.01 10.90 18.74
C TYR H 155 -7.70 10.21 18.38
N VAL H 156 -7.63 9.67 17.17
CA VAL H 156 -6.41 9.10 16.63
C VAL H 156 -6.00 9.89 15.38
N THR H 157 -4.79 10.46 15.39
CA THR H 157 -4.31 11.27 14.27
C THR H 157 -4.18 10.43 13.01
N ARG H 158 -4.25 11.07 11.85
CA ARG H 158 -4.01 10.40 10.57
C ARG H 158 -2.52 10.27 10.30
N ILE H 159 -1.74 11.21 10.83
CA ILE H 159 -0.30 11.27 10.60
C ILE H 159 0.47 10.56 11.71
N ALA H 160 1.56 9.88 11.34
CA ALA H 160 2.42 9.19 12.29
C ALA H 160 3.21 10.17 13.15
N GLY H 161 3.68 9.69 14.30
CA GLY H 161 4.50 10.51 15.20
C GLY H 161 5.79 10.96 14.53
N GLY H 162 6.04 12.27 14.60
CA GLY H 162 7.25 12.87 14.03
C GLY H 162 7.16 13.16 12.54
N ARG H 163 6.00 12.89 11.95
CA ARG H 163 5.76 13.19 10.54
C ARG H 163 4.73 14.31 10.38
N GLY H 164 4.18 14.76 11.50
CA GLY H 164 3.21 15.85 11.50
C GLY H 164 1.97 15.55 12.31
N ALA H 165 2.07 14.59 13.22
CA ALA H 165 0.96 14.22 14.10
C ALA H 165 0.60 15.40 15.00
N VAL H 166 1.62 16.09 15.50
CA VAL H 166 1.45 17.24 16.38
C VAL H 166 0.86 18.42 15.61
N ARG H 167 1.31 18.62 14.37
CA ARG H 167 0.78 19.66 13.51
C ARG H 167 -0.71 19.46 13.26
N GLU H 168 -1.09 18.20 13.00
CA GLU H 168 -2.49 17.82 12.80
C GLU H 168 -3.36 18.24 13.98
N VAL H 169 -2.88 17.95 15.19
CA VAL H 169 -3.59 18.28 16.43
C VAL H 169 -3.66 19.79 16.63
N CYS H 170 -2.57 20.49 16.30
CA CYS H 170 -2.55 21.95 16.34
C CYS H 170 -3.57 22.55 15.36
N ASP H 171 -3.63 21.98 14.15
CA ASP H 171 -4.62 22.38 13.14
C ASP H 171 -6.05 22.15 13.64
N LEU H 172 -6.22 21.08 14.41
CA LEU H 172 -7.52 20.67 14.91
C LEU H 172 -8.05 21.63 15.96
N LEU H 173 -7.20 21.97 16.93
CA LEU H 173 -7.57 22.92 17.98
C LEU H 173 -7.92 24.27 17.35
N LEU H 174 -7.00 24.78 16.52
CA LEU H 174 -7.18 26.06 15.85
C LEU H 174 -8.48 26.14 15.04
N LEU H 175 -8.81 25.06 14.34
CA LEU H 175 -10.05 24.99 13.55
C LEU H 175 -11.29 25.03 14.44
N ALA H 176 -11.29 24.23 15.50
CA ALA H 176 -12.40 24.17 16.45
C ALA H 176 -12.63 25.52 17.11
N GLN H 177 -11.56 26.31 17.25
CA GLN H 177 -11.62 27.59 17.91
C GLN H 177 -11.68 28.77 16.92
N GLY H 178 -11.87 28.46 15.65
CA GLY H 178 -12.01 29.47 14.59
C GLY H 178 -10.77 30.30 14.34
N LYS H 179 -9.63 29.82 14.83
CA LYS H 179 -8.37 30.56 14.79
C LYS H 179 -7.41 30.05 13.70
N LEU H 180 -7.84 29.05 12.93
CA LEU H 180 -6.95 28.42 11.95
C LEU H 180 -6.56 29.34 10.79
N ASP H 181 -7.55 30.04 10.21
CA ASP H 181 -7.32 30.87 9.03
C ASP H 181 -6.29 31.99 9.26
N GLU H 182 -6.36 32.62 10.42
CA GLU H 182 -5.52 33.78 10.73
C GLU H 182 -4.20 33.42 11.43
N ALA H 183 -4.12 32.18 11.93
CA ALA H 183 -2.97 31.71 12.72
C ALA H 183 -1.63 31.86 12.00
N LYS H 184 -0.74 32.65 12.59
CA LYS H 184 0.61 32.84 12.05
C LYS H 184 1.64 32.11 12.91
N GLY H 185 2.52 31.36 12.24
CA GLY H 185 3.64 30.69 12.88
C GLY H 185 4.83 30.67 11.96
N GLN H 186 5.86 29.89 12.31
CA GLN H 186 7.06 29.75 11.49
C GLN H 186 7.45 28.28 11.40
N SER H 187 7.66 27.77 10.19
CA SER H 187 8.05 26.37 9.99
C SER H 187 9.53 26.15 10.29
N ILE H 188 9.83 25.97 11.58
CA ILE H 188 11.20 25.91 12.08
C ILE H 188 11.42 24.74 13.05
MG MG I . -16.51 5.37 -20.32
MG MG J . -26.51 0.84 1.72
CL CL K . -30.22 1.28 2.08
MG MG L . -15.23 -22.21 2.82
MG MG M . -5.03 -17.32 -19.22
CL CL N . -5.52 -20.07 -22.26
MG MG O . 9.36 24.27 4.64
MG MG P . 23.95 8.21 -6.90
CL CL Q . 27.57 9.47 -8.06
MG MG R . 21.66 -8.22 12.62
CL CL S . 24.69 -9.91 14.74
MG MG T . 6.90 7.99 24.13
CL CL U . 7.73 9.07 28.35
#